data_6FXF
# 
_entry.id   6FXF 
# 
_audit_conform.dict_name       mmcif_pdbx.dic 
_audit_conform.dict_version    5.383 
_audit_conform.dict_location   http://mmcif.pdb.org/dictionaries/ascii/mmcif_pdbx.dic 
# 
loop_
_database_2.database_id 
_database_2.database_code 
_database_2.pdbx_database_accession 
_database_2.pdbx_DOI 
PDB   6FXF         pdb_00006fxf 10.2210/pdb6fxf/pdb 
WWPDB D_1200009087 ?            ?                   
# 
loop_
_pdbx_audit_revision_history.ordinal 
_pdbx_audit_revision_history.data_content_type 
_pdbx_audit_revision_history.major_revision 
_pdbx_audit_revision_history.minor_revision 
_pdbx_audit_revision_history.revision_date 
1 'Structure model' 1 0 2019-01-30 
2 'Structure model' 1 1 2024-01-17 
# 
_pdbx_audit_revision_details.ordinal             1 
_pdbx_audit_revision_details.revision_ordinal    1 
_pdbx_audit_revision_details.data_content_type   'Structure model' 
_pdbx_audit_revision_details.provider            repository 
_pdbx_audit_revision_details.type                'Initial release' 
_pdbx_audit_revision_details.description         ? 
_pdbx_audit_revision_details.details             ? 
# 
loop_
_pdbx_audit_revision_group.ordinal 
_pdbx_audit_revision_group.revision_ordinal 
_pdbx_audit_revision_group.data_content_type 
_pdbx_audit_revision_group.group 
1 2 'Structure model' Advisory                 
2 2 'Structure model' 'Data collection'        
3 2 'Structure model' 'Database references'    
4 2 'Structure model' 'Refinement description' 
# 
loop_
_pdbx_audit_revision_category.ordinal 
_pdbx_audit_revision_category.revision_ordinal 
_pdbx_audit_revision_category.data_content_type 
_pdbx_audit_revision_category.category 
1 2 'Structure model' chem_comp_atom                
2 2 'Structure model' chem_comp_bond                
3 2 'Structure model' database_2                    
4 2 'Structure model' pdbx_initial_refinement_model 
5 2 'Structure model' pdbx_unobs_or_zero_occ_atoms  
# 
loop_
_pdbx_audit_revision_item.ordinal 
_pdbx_audit_revision_item.revision_ordinal 
_pdbx_audit_revision_item.data_content_type 
_pdbx_audit_revision_item.item 
1 2 'Structure model' '_database_2.pdbx_DOI'                
2 2 'Structure model' '_database_2.pdbx_database_accession' 
# 
_pdbx_database_status.status_code                     REL 
_pdbx_database_status.status_code_sf                  REL 
_pdbx_database_status.status_code_mr                  ? 
_pdbx_database_status.entry_id                        6FXF 
_pdbx_database_status.recvd_initial_deposition_date   2018-03-09 
_pdbx_database_status.SG_entry                        N 
_pdbx_database_status.deposit_site                    PDBE 
_pdbx_database_status.process_site                    PDBE 
_pdbx_database_status.status_code_cs                  ? 
_pdbx_database_status.methods_development_category    ? 
_pdbx_database_status.pdb_format_compatible           Y 
_pdbx_database_status.status_code_nmr_data            ? 
# 
loop_
_audit_author.name 
_audit_author.pdbx_ordinal 
_audit_author.identifier_ORCID 
'Kukuk, L.K.'          1 ? 
'Granzin, J.'          2 ? 
'Batra-Safferling, R.' 3 ? 
'Koenig, B.W.'         4 ? 
# 
_citation.abstract                  ? 
_citation.abstract_id_CAS           ? 
_citation.book_id_ISBN              ? 
_citation.book_publisher            ? 
_citation.book_publisher_city       ? 
_citation.book_title                ? 
_citation.coordinate_linkage        ? 
_citation.country                   UK 
_citation.database_id_Medline       ? 
_citation.details                   ? 
_citation.id                        primary 
_citation.journal_abbrev            'Sci Rep' 
_citation.journal_id_ASTM           ? 
_citation.journal_id_CSD            ? 
_citation.journal_id_ISSN           2045-2322 
_citation.journal_full              ? 
_citation.journal_issue             ? 
_citation.journal_volume            9 
_citation.language                  ? 
_citation.page_first                54 
_citation.page_last                 54 
_citation.title                     'Structure of the SLy1 SAM homodimer reveals a new interface for SAM domain self-association.' 
_citation.year                      2019 
_citation.database_id_CSD           ? 
_citation.pdbx_database_id_DOI      10.1038/s41598-018-37185-3 
_citation.pdbx_database_id_PubMed   30631134 
_citation.unpublished_flag          ? 
# 
loop_
_citation_author.citation_id 
_citation_author.name 
_citation_author.ordinal 
_citation_author.identifier_ORCID 
primary 'Kukuk, L.'                  1  0000-0002-4929-4156 
primary 'Dingley, A.J.'              2  0000-0002-6838-5803 
primary 'Granzin, J.'                3  0000-0001-6604-950X 
primary 'Nagel-Steger, L.'           4  0000-0001-5232-2149 
primary 'Thiagarajan-Rosenkranz, P.' 5  ?                   
primary 'Ciupka, D.'                 6  ?                   
primary 'Hanel, K.'                  7  0000-0001-8314-9668 
primary 'Batra-Safferling, R.'       8  0000-0002-8597-4335 
primary 'Pacheco, V.'                9  ?                   
primary 'Stoldt, M.'                 10 0000-0002-5060-4844 
primary 'Pfeffer, K.'                11 0000-0002-5652-6330 
primary 'Beer-Hammer, S.'            12 0000-0001-6049-0257 
primary 'Willbold, D.'               13 0000-0002-0065-7366 
primary 'Koenig, B.W.'               14 0000-0002-5300-6276 
# 
loop_
_entity.id 
_entity.type 
_entity.src_method 
_entity.pdbx_description 
_entity.formula_weight 
_entity.pdbx_number_of_molecules 
_entity.pdbx_ec 
_entity.pdbx_mutation 
_entity.pdbx_fragment 
_entity.details 
1 polymer man 'SAM and SH3 domain-containing protein 3' 7564.539 1  ? K253G ? ? 
2 water   nat water                                     18.015   10 ? ?     ? ? 
# 
_entity_name_com.entity_id   1 
_entity_name_com.name        'SH3 protein expressed in lymphocytes' 
# 
_entity_poly.entity_id                      1 
_entity_poly.type                           'polypeptide(L)' 
_entity_poly.nstd_linkage                   no 
_entity_poly.nstd_monomer                   no 
_entity_poly.pdbx_seq_one_letter_code       GPKTLHELLERIGLEEHTSTLLLNGYQTLEDFKELRETHLNELNIMDPQHRAKLLTAAELLLDYD 
_entity_poly.pdbx_seq_one_letter_code_can   GPKTLHELLERIGLEEHTSTLLLNGYQTLEDFKELRETHLNELNIMDPQHRAKLLTAAELLLDYD 
_entity_poly.pdbx_strand_id                 A 
_entity_poly.pdbx_target_identifier         ? 
# 
_pdbx_entity_nonpoly.entity_id   2 
_pdbx_entity_nonpoly.name        water 
_pdbx_entity_nonpoly.comp_id     HOH 
# 
loop_
_entity_poly_seq.entity_id 
_entity_poly_seq.num 
_entity_poly_seq.mon_id 
_entity_poly_seq.hetero 
1 1  GLY n 
1 2  PRO n 
1 3  LYS n 
1 4  THR n 
1 5  LEU n 
1 6  HIS n 
1 7  GLU n 
1 8  LEU n 
1 9  LEU n 
1 10 GLU n 
1 11 ARG n 
1 12 ILE n 
1 13 GLY n 
1 14 LEU n 
1 15 GLU n 
1 16 GLU n 
1 17 HIS n 
1 18 THR n 
1 19 SER n 
1 20 THR n 
1 21 LEU n 
1 22 LEU n 
1 23 LEU n 
1 24 ASN n 
1 25 GLY n 
1 26 TYR n 
1 27 GLN n 
1 28 THR n 
1 29 LEU n 
1 30 GLU n 
1 31 ASP n 
1 32 PHE n 
1 33 LYS n 
1 34 GLU n 
1 35 LEU n 
1 36 ARG n 
1 37 GLU n 
1 38 THR n 
1 39 HIS n 
1 40 LEU n 
1 41 ASN n 
1 42 GLU n 
1 43 LEU n 
1 44 ASN n 
1 45 ILE n 
1 46 MET n 
1 47 ASP n 
1 48 PRO n 
1 49 GLN n 
1 50 HIS n 
1 51 ARG n 
1 52 ALA n 
1 53 LYS n 
1 54 LEU n 
1 55 LEU n 
1 56 THR n 
1 57 ALA n 
1 58 ALA n 
1 59 GLU n 
1 60 LEU n 
1 61 LEU n 
1 62 LEU n 
1 63 ASP n 
1 64 TYR n 
1 65 ASP n 
# 
_entity_src_gen.entity_id                          1 
_entity_src_gen.pdbx_src_id                        1 
_entity_src_gen.pdbx_alt_source_flag               sample 
_entity_src_gen.pdbx_seq_type                      'Biological sequence' 
_entity_src_gen.pdbx_beg_seq_num                   1 
_entity_src_gen.pdbx_end_seq_num                   65 
_entity_src_gen.gene_src_common_name               'House Mouse' 
_entity_src_gen.gene_src_genus                     ? 
_entity_src_gen.pdbx_gene_src_gene                 'Sash3, Sly' 
_entity_src_gen.gene_src_species                   ? 
_entity_src_gen.gene_src_strain                    ? 
_entity_src_gen.gene_src_tissue                    ? 
_entity_src_gen.gene_src_tissue_fraction           ? 
_entity_src_gen.gene_src_details                   ? 
_entity_src_gen.pdbx_gene_src_fragment             ? 
_entity_src_gen.pdbx_gene_src_scientific_name      'Mus musculus' 
_entity_src_gen.pdbx_gene_src_ncbi_taxonomy_id     10090 
_entity_src_gen.pdbx_gene_src_variant              ? 
_entity_src_gen.pdbx_gene_src_cell_line            ? 
_entity_src_gen.pdbx_gene_src_atcc                 ? 
_entity_src_gen.pdbx_gene_src_organ                ? 
_entity_src_gen.pdbx_gene_src_organelle            ? 
_entity_src_gen.pdbx_gene_src_cell                 ? 
_entity_src_gen.pdbx_gene_src_cellular_location    ? 
_entity_src_gen.host_org_common_name               ? 
_entity_src_gen.pdbx_host_org_scientific_name      'Escherichia coli BL21(DE3)' 
_entity_src_gen.pdbx_host_org_ncbi_taxonomy_id     469008 
_entity_src_gen.host_org_genus                     ? 
_entity_src_gen.pdbx_host_org_gene                 ? 
_entity_src_gen.pdbx_host_org_organ                ? 
_entity_src_gen.host_org_species                   ? 
_entity_src_gen.pdbx_host_org_tissue               ? 
_entity_src_gen.pdbx_host_org_tissue_fraction      ? 
_entity_src_gen.pdbx_host_org_strain               ? 
_entity_src_gen.pdbx_host_org_variant              ? 
_entity_src_gen.pdbx_host_org_cell_line            ? 
_entity_src_gen.pdbx_host_org_atcc                 ? 
_entity_src_gen.pdbx_host_org_culture_collection   ? 
_entity_src_gen.pdbx_host_org_cell                 ? 
_entity_src_gen.pdbx_host_org_organelle            ? 
_entity_src_gen.pdbx_host_org_cellular_location    ? 
_entity_src_gen.pdbx_host_org_vector_type          ? 
_entity_src_gen.pdbx_host_org_vector               ? 
_entity_src_gen.host_org_details                   ? 
_entity_src_gen.expression_system_id               ? 
_entity_src_gen.plasmid_name                       ? 
_entity_src_gen.plasmid_details                    ? 
_entity_src_gen.pdbx_description                   ? 
# 
loop_
_chem_comp.id 
_chem_comp.type 
_chem_comp.mon_nstd_flag 
_chem_comp.name 
_chem_comp.pdbx_synonyms 
_chem_comp.formula 
_chem_comp.formula_weight 
ALA 'L-peptide linking' y ALANINE         ? 'C3 H7 N O2'     89.093  
ARG 'L-peptide linking' y ARGININE        ? 'C6 H15 N4 O2 1' 175.209 
ASN 'L-peptide linking' y ASPARAGINE      ? 'C4 H8 N2 O3'    132.118 
ASP 'L-peptide linking' y 'ASPARTIC ACID' ? 'C4 H7 N O4'     133.103 
GLN 'L-peptide linking' y GLUTAMINE       ? 'C5 H10 N2 O3'   146.144 
GLU 'L-peptide linking' y 'GLUTAMIC ACID' ? 'C5 H9 N O4'     147.129 
GLY 'peptide linking'   y GLYCINE         ? 'C2 H5 N O2'     75.067  
HIS 'L-peptide linking' y HISTIDINE       ? 'C6 H10 N3 O2 1' 156.162 
HOH non-polymer         . WATER           ? 'H2 O'           18.015  
ILE 'L-peptide linking' y ISOLEUCINE      ? 'C6 H13 N O2'    131.173 
LEU 'L-peptide linking' y LEUCINE         ? 'C6 H13 N O2'    131.173 
LYS 'L-peptide linking' y LYSINE          ? 'C6 H15 N2 O2 1' 147.195 
MET 'L-peptide linking' y METHIONINE      ? 'C5 H11 N O2 S'  149.211 
PHE 'L-peptide linking' y PHENYLALANINE   ? 'C9 H11 N O2'    165.189 
PRO 'L-peptide linking' y PROLINE         ? 'C5 H9 N O2'     115.130 
SER 'L-peptide linking' y SERINE          ? 'C3 H7 N O3'     105.093 
THR 'L-peptide linking' y THREONINE       ? 'C4 H9 N O3'     119.119 
TYR 'L-peptide linking' y TYROSINE        ? 'C9 H11 N O3'    181.189 
# 
loop_
_pdbx_poly_seq_scheme.asym_id 
_pdbx_poly_seq_scheme.entity_id 
_pdbx_poly_seq_scheme.seq_id 
_pdbx_poly_seq_scheme.mon_id 
_pdbx_poly_seq_scheme.ndb_seq_num 
_pdbx_poly_seq_scheme.pdb_seq_num 
_pdbx_poly_seq_scheme.auth_seq_num 
_pdbx_poly_seq_scheme.pdb_mon_id 
_pdbx_poly_seq_scheme.auth_mon_id 
_pdbx_poly_seq_scheme.pdb_strand_id 
_pdbx_poly_seq_scheme.pdb_ins_code 
_pdbx_poly_seq_scheme.hetero 
A 1 1  GLY 1  253 253 GLY GLY A . n 
A 1 2  PRO 2  254 254 PRO PRO A . n 
A 1 3  LYS 3  255 255 LYS LYS A . n 
A 1 4  THR 4  256 256 THR THR A . n 
A 1 5  LEU 5  257 257 LEU LEU A . n 
A 1 6  HIS 6  258 258 HIS HIS A . n 
A 1 7  GLU 7  259 259 GLU GLU A . n 
A 1 8  LEU 8  260 260 LEU LEU A . n 
A 1 9  LEU 9  261 261 LEU LEU A . n 
A 1 10 GLU 10 262 262 GLU GLU A . n 
A 1 11 ARG 11 263 263 ARG ARG A . n 
A 1 12 ILE 12 264 264 ILE ILE A . n 
A 1 13 GLY 13 265 265 GLY GLY A . n 
A 1 14 LEU 14 266 266 LEU LEU A . n 
A 1 15 GLU 15 267 267 GLU GLU A . n 
A 1 16 GLU 16 268 268 GLU GLU A . n 
A 1 17 HIS 17 269 269 HIS HIS A . n 
A 1 18 THR 18 270 270 THR THR A . n 
A 1 19 SER 19 271 271 SER SER A . n 
A 1 20 THR 20 272 272 THR THR A . n 
A 1 21 LEU 21 273 273 LEU LEU A . n 
A 1 22 LEU 22 274 274 LEU LEU A . n 
A 1 23 LEU 23 275 275 LEU LEU A . n 
A 1 24 ASN 24 276 276 ASN ASN A . n 
A 1 25 GLY 25 277 277 GLY GLY A . n 
A 1 26 TYR 26 278 278 TYR TYR A . n 
A 1 27 GLN 27 279 279 GLN GLN A . n 
A 1 28 THR 28 280 280 THR THR A . n 
A 1 29 LEU 29 281 281 LEU LEU A . n 
A 1 30 GLU 30 282 282 GLU GLU A . n 
A 1 31 ASP 31 283 283 ASP ASP A . n 
A 1 32 PHE 32 284 284 PHE PHE A . n 
A 1 33 LYS 33 285 285 LYS LYS A . n 
A 1 34 GLU 34 286 286 GLU GLU A . n 
A 1 35 LEU 35 287 287 LEU LEU A . n 
A 1 36 ARG 36 288 288 ARG ARG A . n 
A 1 37 GLU 37 289 289 GLU GLU A . n 
A 1 38 THR 38 290 290 THR THR A . n 
A 1 39 HIS 39 291 291 HIS HIS A . n 
A 1 40 LEU 40 292 292 LEU LEU A . n 
A 1 41 ASN 41 293 293 ASN ASN A . n 
A 1 42 GLU 42 294 294 GLU GLU A . n 
A 1 43 LEU 43 295 295 LEU LEU A . n 
A 1 44 ASN 44 296 296 ASN ASN A . n 
A 1 45 ILE 45 297 297 ILE ILE A . n 
A 1 46 MET 46 298 298 MET MET A . n 
A 1 47 ASP 47 299 299 ASP ASP A . n 
A 1 48 PRO 48 300 300 PRO PRO A . n 
A 1 49 GLN 49 301 301 GLN GLN A . n 
A 1 50 HIS 50 302 302 HIS HIS A . n 
A 1 51 ARG 51 303 303 ARG ARG A . n 
A 1 52 ALA 52 304 304 ALA ALA A . n 
A 1 53 LYS 53 305 305 LYS LYS A . n 
A 1 54 LEU 54 306 306 LEU LEU A . n 
A 1 55 LEU 55 307 307 LEU LEU A . n 
A 1 56 THR 56 308 308 THR THR A . n 
A 1 57 ALA 57 309 309 ALA ALA A . n 
A 1 58 ALA 58 310 310 ALA ALA A . n 
A 1 59 GLU 59 311 311 GLU GLU A . n 
A 1 60 LEU 60 312 312 LEU LEU A . n 
A 1 61 LEU 61 313 313 LEU LEU A . n 
A 1 62 LEU 62 314 314 LEU LEU A . n 
A 1 63 ASP 63 315 315 ASP ASP A . n 
A 1 64 TYR 64 316 316 TYR TYR A . n 
A 1 65 ASP 65 317 317 ASP ASP A . n 
# 
loop_
_pdbx_nonpoly_scheme.asym_id 
_pdbx_nonpoly_scheme.entity_id 
_pdbx_nonpoly_scheme.mon_id 
_pdbx_nonpoly_scheme.ndb_seq_num 
_pdbx_nonpoly_scheme.pdb_seq_num 
_pdbx_nonpoly_scheme.auth_seq_num 
_pdbx_nonpoly_scheme.pdb_mon_id 
_pdbx_nonpoly_scheme.auth_mon_id 
_pdbx_nonpoly_scheme.pdb_strand_id 
_pdbx_nonpoly_scheme.pdb_ins_code 
B 2 HOH 1  401 505 HOH HOH A . 
B 2 HOH 2  402 503 HOH HOH A . 
B 2 HOH 3  403 501 HOH HOH A . 
B 2 HOH 4  404 504 HOH HOH A . 
B 2 HOH 5  405 506 HOH HOH A . 
B 2 HOH 6  406 508 HOH HOH A . 
B 2 HOH 7  407 507 HOH HOH A . 
B 2 HOH 8  408 509 HOH HOH A . 
B 2 HOH 9  409 502 HOH HOH A . 
B 2 HOH 10 410 500 HOH HOH A . 
# 
loop_
_pdbx_unobs_or_zero_occ_atoms.id 
_pdbx_unobs_or_zero_occ_atoms.PDB_model_num 
_pdbx_unobs_or_zero_occ_atoms.polymer_flag 
_pdbx_unobs_or_zero_occ_atoms.occupancy_flag 
_pdbx_unobs_or_zero_occ_atoms.auth_asym_id 
_pdbx_unobs_or_zero_occ_atoms.auth_comp_id 
_pdbx_unobs_or_zero_occ_atoms.auth_seq_id 
_pdbx_unobs_or_zero_occ_atoms.PDB_ins_code 
_pdbx_unobs_or_zero_occ_atoms.auth_atom_id 
_pdbx_unobs_or_zero_occ_atoms.label_alt_id 
_pdbx_unobs_or_zero_occ_atoms.label_asym_id 
_pdbx_unobs_or_zero_occ_atoms.label_comp_id 
_pdbx_unobs_or_zero_occ_atoms.label_seq_id 
_pdbx_unobs_or_zero_occ_atoms.label_atom_id 
1  1 Y 0 A LYS 255 ? CG  ? A LYS 3  CG  
2  1 Y 0 A LYS 255 ? CD  ? A LYS 3  CD  
3  1 Y 0 A LYS 255 ? CE  ? A LYS 3  CE  
4  1 Y 0 A LYS 255 ? NZ  ? A LYS 3  NZ  
5  1 Y 0 A GLU 286 ? CG  ? A GLU 34 CG  
6  1 Y 0 A GLU 286 ? CD  ? A GLU 34 CD  
7  1 Y 0 A GLU 286 ? OE1 ? A GLU 34 OE1 
8  1 Y 0 A GLU 286 ? OE2 ? A GLU 34 OE2 
9  1 Y 0 A TYR 316 ? CE1 ? A TYR 64 CE1 
10 1 Y 0 A TYR 316 ? CE2 ? A TYR 64 CE2 
11 1 Y 0 A TYR 316 ? CZ  ? A TYR 64 CZ  
12 1 Y 0 A TYR 316 ? OH  ? A TYR 64 OH  
# 
loop_
_software.citation_id 
_software.classification 
_software.compiler_name 
_software.compiler_version 
_software.contact_author 
_software.contact_author_email 
_software.date 
_software.description 
_software.dependencies 
_software.hardware 
_software.language 
_software.location 
_software.mods 
_software.name 
_software.os 
_software.os_version 
_software.type 
_software.version 
_software.pdbx_ordinal 
? refinement       ? ? ? ? ? ? ? ? ? ? ? PHENIX  ? ? ? '(1.13_2998: ???)' 1 
? 'data reduction' ? ? ? ? ? ? ? ? ? ? ? XDS     ? ? ? .                  2 
? 'data scaling'   ? ? ? ? ? ? ? ? ? ? ? Aimless ? ? ? .                  3 
? phasing          ? ? ? ? ? ? ? ? ? ? ? MOLREP  ? ? ? .                  4 
# 
_cell.angle_alpha                  90.00 
_cell.angle_alpha_esd              ? 
_cell.angle_beta                   90.00 
_cell.angle_beta_esd               ? 
_cell.angle_gamma                  90.00 
_cell.angle_gamma_esd              ? 
_cell.entry_id                     6FXF 
_cell.details                      ? 
_cell.formula_units_Z              ? 
_cell.length_a                     44.089 
_cell.length_a_esd                 ? 
_cell.length_b                     44.089 
_cell.length_b_esd                 ? 
_cell.length_c                     94.674 
_cell.length_c_esd                 ? 
_cell.volume                       ? 
_cell.volume_esd                   ? 
_cell.Z_PDB                        8 
_cell.reciprocal_angle_alpha       ? 
_cell.reciprocal_angle_beta        ? 
_cell.reciprocal_angle_gamma       ? 
_cell.reciprocal_angle_alpha_esd   ? 
_cell.reciprocal_angle_beta_esd    ? 
_cell.reciprocal_angle_gamma_esd   ? 
_cell.reciprocal_length_a          ? 
_cell.reciprocal_length_b          ? 
_cell.reciprocal_length_c          ? 
_cell.reciprocal_length_a_esd      ? 
_cell.reciprocal_length_b_esd      ? 
_cell.reciprocal_length_c_esd      ? 
_cell.pdbx_unique_axis             ? 
# 
_symmetry.entry_id                         6FXF 
_symmetry.cell_setting                     ? 
_symmetry.Int_Tables_number                92 
_symmetry.space_group_name_Hall            ? 
_symmetry.space_group_name_H-M             'P 41 21 2' 
_symmetry.pdbx_full_space_group_name_H-M   ? 
# 
_exptl.absorpt_coefficient_mu     ? 
_exptl.absorpt_correction_T_max   ? 
_exptl.absorpt_correction_T_min   ? 
_exptl.absorpt_correction_type    ? 
_exptl.absorpt_process_details    ? 
_exptl.entry_id                   6FXF 
_exptl.crystals_number            1 
_exptl.details                    ? 
_exptl.method                     'X-RAY DIFFRACTION' 
_exptl.method_details             ? 
# 
_exptl_crystal.colour                      ? 
_exptl_crystal.density_diffrn              ? 
_exptl_crystal.density_Matthews            2.91 
_exptl_crystal.density_method              ? 
_exptl_crystal.density_percent_sol         57.78 
_exptl_crystal.description                 ? 
_exptl_crystal.F_000                       ? 
_exptl_crystal.id                          1 
_exptl_crystal.preparation                 ? 
_exptl_crystal.size_max                    ? 
_exptl_crystal.size_mid                    ? 
_exptl_crystal.size_min                    ? 
_exptl_crystal.size_rad                    ? 
_exptl_crystal.colour_lustre               ? 
_exptl_crystal.colour_modifier             ? 
_exptl_crystal.colour_primary              ? 
_exptl_crystal.density_meas                ? 
_exptl_crystal.density_meas_esd            ? 
_exptl_crystal.density_meas_gt             ? 
_exptl_crystal.density_meas_lt             ? 
_exptl_crystal.density_meas_temp           ? 
_exptl_crystal.density_meas_temp_esd       ? 
_exptl_crystal.density_meas_temp_gt        ? 
_exptl_crystal.density_meas_temp_lt        ? 
_exptl_crystal.pdbx_crystal_image_url      ? 
_exptl_crystal.pdbx_crystal_image_format   ? 
_exptl_crystal.pdbx_mosaicity              ? 
_exptl_crystal.pdbx_mosaicity_esd          ? 
# 
_exptl_crystal_grow.apparatus       ? 
_exptl_crystal_grow.atmosphere      ? 
_exptl_crystal_grow.crystal_id      1 
_exptl_crystal_grow.details         ? 
_exptl_crystal_grow.method          'VAPOR DIFFUSION, SITTING DROP' 
_exptl_crystal_grow.method_ref      ? 
_exptl_crystal_grow.pH              8 
_exptl_crystal_grow.pressure        ? 
_exptl_crystal_grow.pressure_esd    ? 
_exptl_crystal_grow.seeding         ? 
_exptl_crystal_grow.seeding_ref     ? 
_exptl_crystal_grow.temp            292 
_exptl_crystal_grow.temp_details    ? 
_exptl_crystal_grow.temp_esd        ? 
_exptl_crystal_grow.time            ? 
_exptl_crystal_grow.pdbx_details    '0.1M K2HPO4, 2.2 M (NH4)2SO4, 0.1 M NaCl, 0.1 M imidazole' 
_exptl_crystal_grow.pdbx_pH_range   ? 
# 
_diffrn.ambient_environment    ? 
_diffrn.ambient_temp           100 
_diffrn.ambient_temp_details   ? 
_diffrn.ambient_temp_esd       ? 
_diffrn.crystal_id             1 
_diffrn.crystal_support        ? 
_diffrn.crystal_treatment      ? 
_diffrn.details                ? 
_diffrn.id                     1 
_diffrn.ambient_pressure       ? 
_diffrn.ambient_pressure_esd   ? 
_diffrn.ambient_pressure_gt    ? 
_diffrn.ambient_pressure_lt    ? 
_diffrn.ambient_temp_gt        ? 
_diffrn.ambient_temp_lt        ? 
# 
_diffrn_detector.details                      ? 
_diffrn_detector.detector                     PIXEL 
_diffrn_detector.diffrn_id                    1 
_diffrn_detector.type                         'DECTRIS EIGER X 4M' 
_diffrn_detector.area_resol_mean              ? 
_diffrn_detector.dtime                        ? 
_diffrn_detector.pdbx_frames_total            ? 
_diffrn_detector.pdbx_collection_time_total   ? 
_diffrn_detector.pdbx_collection_date         2016-02-05 
# 
_diffrn_radiation.collimation                      ? 
_diffrn_radiation.diffrn_id                        1 
_diffrn_radiation.filter_edge                      ? 
_diffrn_radiation.inhomogeneity                    ? 
_diffrn_radiation.monochromator                    'Si (111) monochromator' 
_diffrn_radiation.polarisn_norm                    ? 
_diffrn_radiation.polarisn_ratio                   ? 
_diffrn_radiation.probe                            ? 
_diffrn_radiation.type                             ? 
_diffrn_radiation.xray_symbol                      ? 
_diffrn_radiation.wavelength_id                    1 
_diffrn_radiation.pdbx_monochromatic_or_laue_m_l   M 
_diffrn_radiation.pdbx_wavelength_list             ? 
_diffrn_radiation.pdbx_wavelength                  ? 
_diffrn_radiation.pdbx_diffrn_protocol             'SINGLE WAVELENGTH' 
_diffrn_radiation.pdbx_analyzer                    ? 
_diffrn_radiation.pdbx_scattering_type             x-ray 
# 
_diffrn_radiation_wavelength.id           1 
_diffrn_radiation_wavelength.wavelength   0.9677 
_diffrn_radiation_wavelength.wt           1.0 
# 
_diffrn_source.current                     ? 
_diffrn_source.details                     ? 
_diffrn_source.diffrn_id                   1 
_diffrn_source.power                       ? 
_diffrn_source.size                        ? 
_diffrn_source.source                      SYNCHROTRON 
_diffrn_source.target                      ? 
_diffrn_source.type                        'ESRF BEAMLINE MASSIF-3' 
_diffrn_source.voltage                     ? 
_diffrn_source.take-off_angle              ? 
_diffrn_source.pdbx_wavelength_list        0.9677 
_diffrn_source.pdbx_wavelength             ? 
_diffrn_source.pdbx_synchrotron_beamline   MASSIF-3 
_diffrn_source.pdbx_synchrotron_site       ESRF 
# 
_reflns.B_iso_Wilson_estimate            55.8 
_reflns.entry_id                         6FXF 
_reflns.data_reduction_details           ? 
_reflns.data_reduction_method            ? 
_reflns.d_resolution_high                2.05 
_reflns.d_resolution_low                 47.34 
_reflns.details                          ? 
_reflns.limit_h_max                      ? 
_reflns.limit_h_min                      ? 
_reflns.limit_k_max                      ? 
_reflns.limit_k_min                      ? 
_reflns.limit_l_max                      ? 
_reflns.limit_l_min                      ? 
_reflns.number_all                       ? 
_reflns.number_obs                       6358 
_reflns.observed_criterion               ? 
_reflns.observed_criterion_F_max         ? 
_reflns.observed_criterion_F_min         ? 
_reflns.observed_criterion_I_max         ? 
_reflns.observed_criterion_I_min         ? 
_reflns.observed_criterion_sigma_F       ? 
_reflns.observed_criterion_sigma_I       ? 
_reflns.percent_possible_obs             99.9 
_reflns.R_free_details                   ? 
_reflns.Rmerge_F_all                     ? 
_reflns.Rmerge_F_obs                     ? 
_reflns.Friedel_coverage                 ? 
_reflns.number_gt                        ? 
_reflns.threshold_expression             ? 
_reflns.pdbx_redundancy                  12.6 
_reflns.pdbx_Rmerge_I_obs                0.092 
_reflns.pdbx_Rmerge_I_all                ? 
_reflns.pdbx_Rsym_value                  ? 
_reflns.pdbx_netI_over_av_sigmaI         ? 
_reflns.pdbx_netI_over_sigmaI            13.9 
_reflns.pdbx_res_netI_over_av_sigmaI_2   ? 
_reflns.pdbx_res_netI_over_sigmaI_2      ? 
_reflns.pdbx_chi_squared                 ? 
_reflns.pdbx_scaling_rejects             ? 
_reflns.pdbx_d_res_high_opt              ? 
_reflns.pdbx_d_res_low_opt               ? 
_reflns.pdbx_d_res_opt_method            ? 
_reflns.phase_calculation_details        ? 
_reflns.pdbx_Rrim_I_all                  0.096 
_reflns.pdbx_Rpim_I_all                  0.027 
_reflns.pdbx_d_opt                       ? 
_reflns.pdbx_number_measured_all         ? 
_reflns.pdbx_diffrn_id                   1 
_reflns.pdbx_ordinal                     1 
_reflns.pdbx_CC_half                     0.999 
_reflns.pdbx_R_split                     ? 
# 
_reflns_shell.d_res_high                  2.05 
_reflns_shell.d_res_low                   2.11 
_reflns_shell.meanI_over_sigI_all         ? 
_reflns_shell.meanI_over_sigI_obs         2.1 
_reflns_shell.number_measured_all         ? 
_reflns_shell.number_measured_obs         ? 
_reflns_shell.number_possible             ? 
_reflns_shell.number_unique_all           ? 
_reflns_shell.number_unique_obs           481 
_reflns_shell.percent_possible_all        100 
_reflns_shell.percent_possible_obs        ? 
_reflns_shell.Rmerge_F_all                ? 
_reflns_shell.Rmerge_F_obs                ? 
_reflns_shell.Rmerge_I_all                ? 
_reflns_shell.Rmerge_I_obs                ? 
_reflns_shell.meanI_over_sigI_gt          ? 
_reflns_shell.meanI_over_uI_all           ? 
_reflns_shell.meanI_over_uI_gt            ? 
_reflns_shell.number_measured_gt          ? 
_reflns_shell.number_unique_gt            ? 
_reflns_shell.percent_possible_gt         ? 
_reflns_shell.Rmerge_F_gt                 ? 
_reflns_shell.Rmerge_I_gt                 ? 
_reflns_shell.pdbx_redundancy             13.6 
_reflns_shell.pdbx_Rsym_value             ? 
_reflns_shell.pdbx_chi_squared            ? 
_reflns_shell.pdbx_netI_over_sigmaI_all   ? 
_reflns_shell.pdbx_netI_over_sigmaI_obs   ? 
_reflns_shell.pdbx_Rrim_I_all             ? 
_reflns_shell.pdbx_Rpim_I_all             0.355 
_reflns_shell.pdbx_rejects                ? 
_reflns_shell.pdbx_ordinal                1 
_reflns_shell.pdbx_diffrn_id              1 
_reflns_shell.pdbx_CC_half                0.381 
_reflns_shell.pdbx_R_split                ? 
# 
_refine.aniso_B[1][1]                            ? 
_refine.aniso_B[1][2]                            ? 
_refine.aniso_B[1][3]                            ? 
_refine.aniso_B[2][2]                            ? 
_refine.aniso_B[2][3]                            ? 
_refine.aniso_B[3][3]                            ? 
_refine.B_iso_max                                ? 
_refine.B_iso_mean                               65.05 
_refine.B_iso_min                                ? 
_refine.correlation_coeff_Fo_to_Fc               ? 
_refine.correlation_coeff_Fo_to_Fc_free          ? 
_refine.details                                  ? 
_refine.diff_density_max                         ? 
_refine.diff_density_max_esd                     ? 
_refine.diff_density_min                         ? 
_refine.diff_density_min_esd                     ? 
_refine.diff_density_rms                         ? 
_refine.diff_density_rms_esd                     ? 
_refine.entry_id                                 6FXF 
_refine.pdbx_refine_id                           'X-RAY DIFFRACTION' 
_refine.ls_abs_structure_details                 ? 
_refine.ls_abs_structure_Flack                   ? 
_refine.ls_abs_structure_Flack_esd               ? 
_refine.ls_abs_structure_Rogers                  ? 
_refine.ls_abs_structure_Rogers_esd              ? 
_refine.ls_d_res_high                            2.050 
_refine.ls_d_res_low                             39.968 
_refine.ls_extinction_coef                       ? 
_refine.ls_extinction_coef_esd                   ? 
_refine.ls_extinction_expression                 ? 
_refine.ls_extinction_method                     ? 
_refine.ls_goodness_of_fit_all                   ? 
_refine.ls_goodness_of_fit_all_esd               ? 
_refine.ls_goodness_of_fit_obs                   ? 
_refine.ls_goodness_of_fit_obs_esd               ? 
_refine.ls_hydrogen_treatment                    ? 
_refine.ls_matrix_type                           ? 
_refine.ls_number_constraints                    ? 
_refine.ls_number_parameters                     ? 
_refine.ls_number_reflns_all                     ? 
_refine.ls_number_reflns_obs                     6319 
_refine.ls_number_reflns_R_free                  319 
_refine.ls_number_reflns_R_work                  ? 
_refine.ls_number_restraints                     ? 
_refine.ls_percent_reflns_obs                    99.89 
_refine.ls_percent_reflns_R_free                 5.05 
_refine.ls_R_factor_all                          ? 
_refine.ls_R_factor_obs                          0.2195 
_refine.ls_R_factor_R_free                       0.2421 
_refine.ls_R_factor_R_free_error                 ? 
_refine.ls_R_factor_R_free_error_details         ? 
_refine.ls_R_factor_R_work                       0.2183 
_refine.ls_R_Fsqd_factor_obs                     ? 
_refine.ls_R_I_factor_obs                        ? 
_refine.ls_redundancy_reflns_all                 ? 
_refine.ls_redundancy_reflns_obs                 ? 
_refine.ls_restrained_S_all                      ? 
_refine.ls_restrained_S_obs                      ? 
_refine.ls_shift_over_esd_max                    ? 
_refine.ls_shift_over_esd_mean                   ? 
_refine.ls_structure_factor_coef                 ? 
_refine.ls_weighting_details                     ? 
_refine.ls_weighting_scheme                      ? 
_refine.ls_wR_factor_all                         ? 
_refine.ls_wR_factor_obs                         ? 
_refine.ls_wR_factor_R_free                      ? 
_refine.ls_wR_factor_R_work                      ? 
_refine.occupancy_max                            ? 
_refine.occupancy_min                            ? 
_refine.solvent_model_details                    ? 
_refine.solvent_model_param_bsol                 ? 
_refine.solvent_model_param_ksol                 ? 
_refine.ls_R_factor_gt                           ? 
_refine.ls_goodness_of_fit_gt                    ? 
_refine.ls_goodness_of_fit_ref                   ? 
_refine.ls_shift_over_su_max                     ? 
_refine.ls_shift_over_su_max_lt                  ? 
_refine.ls_shift_over_su_mean                    ? 
_refine.ls_shift_over_su_mean_lt                 ? 
_refine.pdbx_ls_sigma_I                          ? 
_refine.pdbx_ls_sigma_F                          1.36 
_refine.pdbx_ls_sigma_Fsqd                       ? 
_refine.pdbx_data_cutoff_high_absF               ? 
_refine.pdbx_data_cutoff_high_rms_absF           ? 
_refine.pdbx_data_cutoff_low_absF                ? 
_refine.pdbx_isotropic_thermal_model             ? 
_refine.pdbx_ls_cross_valid_method               'FREE R-VALUE' 
_refine.pdbx_method_to_determine_struct          'MOLECULAR REPLACEMENT' 
_refine.pdbx_starting_model                      1v38 
_refine.pdbx_stereochemistry_target_values       ? 
_refine.pdbx_R_Free_selection_details            ? 
_refine.pdbx_stereochem_target_val_spec_case     ? 
_refine.pdbx_overall_ESU_R                       ? 
_refine.pdbx_overall_ESU_R_Free                  ? 
_refine.pdbx_solvent_vdw_probe_radii             1.20 
_refine.pdbx_solvent_ion_probe_radii             ? 
_refine.pdbx_solvent_shrinkage_radii             1.00 
_refine.pdbx_real_space_R                        ? 
_refine.pdbx_density_correlation                 ? 
_refine.pdbx_pd_number_of_powder_patterns        ? 
_refine.pdbx_pd_number_of_points                 ? 
_refine.pdbx_pd_meas_number_of_points            ? 
_refine.pdbx_pd_proc_ls_prof_R_factor            ? 
_refine.pdbx_pd_proc_ls_prof_wR_factor           ? 
_refine.pdbx_pd_Marquardt_correlation_coeff      ? 
_refine.pdbx_pd_Fsqrd_R_factor                   ? 
_refine.pdbx_pd_ls_matrix_band_width             ? 
_refine.pdbx_overall_phase_error                 27.57 
_refine.pdbx_overall_SU_R_free_Cruickshank_DPI   ? 
_refine.pdbx_overall_SU_R_free_Blow_DPI          ? 
_refine.pdbx_overall_SU_R_Blow_DPI               ? 
_refine.pdbx_TLS_residual_ADP_flag               ? 
_refine.pdbx_diffrn_id                           1 
_refine.overall_SU_B                             ? 
_refine.overall_SU_ML                            0.27 
_refine.overall_SU_R_Cruickshank_DPI             ? 
_refine.overall_SU_R_free                        ? 
_refine.overall_FOM_free_R_set                   ? 
_refine.overall_FOM_work_R_set                   ? 
_refine.pdbx_average_fsc_overall                 ? 
_refine.pdbx_average_fsc_work                    ? 
_refine.pdbx_average_fsc_free                    ? 
# 
_refine_hist.pdbx_refine_id                   'X-RAY DIFFRACTION' 
_refine_hist.cycle_id                         LAST 
_refine_hist.pdbx_number_atoms_protein        531 
_refine_hist.pdbx_number_atoms_nucleic_acid   0 
_refine_hist.pdbx_number_atoms_ligand         0 
_refine_hist.number_atoms_solvent             10 
_refine_hist.number_atoms_total               541 
_refine_hist.d_res_high                       2.050 
_refine_hist.d_res_low                        39.968 
# 
loop_
_refine_ls_restr.pdbx_refine_id 
_refine_ls_restr.criterion 
_refine_ls_restr.dev_ideal 
_refine_ls_restr.dev_ideal_target 
_refine_ls_restr.number 
_refine_ls_restr.rejects 
_refine_ls_restr.type 
_refine_ls_restr.weight 
_refine_ls_restr.pdbx_restraint_function 
'X-RAY DIFFRACTION' ? 0.007  ? 546 ? f_bond_d           ? ? 
'X-RAY DIFFRACTION' ? 0.960  ? 740 ? f_angle_d          ? ? 
'X-RAY DIFFRACTION' ? 13.263 ? 337 ? f_dihedral_angle_d ? ? 
'X-RAY DIFFRACTION' ? 0.040  ? 87  ? f_chiral_restr     ? ? 
'X-RAY DIFFRACTION' ? 0.004  ? 96  ? f_plane_restr      ? ? 
# 
loop_
_refine_ls_shell.pdbx_refine_id 
_refine_ls_shell.d_res_high 
_refine_ls_shell.d_res_low 
_refine_ls_shell.number_reflns_all 
_refine_ls_shell.number_reflns_obs 
_refine_ls_shell.number_reflns_R_free 
_refine_ls_shell.number_reflns_R_work 
_refine_ls_shell.percent_reflns_obs 
_refine_ls_shell.percent_reflns_R_free 
_refine_ls_shell.R_factor_all 
_refine_ls_shell.R_factor_obs 
_refine_ls_shell.R_factor_R_free 
_refine_ls_shell.R_factor_R_free_error 
_refine_ls_shell.R_factor_R_work 
_refine_ls_shell.redundancy_reflns_all 
_refine_ls_shell.redundancy_reflns_obs 
_refine_ls_shell.wR_factor_all 
_refine_ls_shell.wR_factor_obs 
_refine_ls_shell.wR_factor_R_free 
_refine_ls_shell.wR_factor_R_work 
_refine_ls_shell.pdbx_total_number_of_bins_used 
_refine_ls_shell.pdbx_phase_error 
_refine_ls_shell.pdbx_fsc_work 
_refine_ls_shell.pdbx_fsc_free 
'X-RAY DIFFRACTION' 2.0503 2.5831  . . 173 2900 100.00 . . . 0.3386 . 0.2991 . . . . . . . . . . 
'X-RAY DIFFRACTION' 2.5831 39.9752 . . 146 3100 100.00 . . . 0.2176 . 0.2004 . . . . . . . . . . 
# 
_struct.entry_id                     6FXF 
_struct.title                        'Crystal structure of the SAM domain of murine SLy1' 
_struct.pdbx_model_details           ? 
_struct.pdbx_formula_weight          ? 
_struct.pdbx_formula_weight_method   ? 
_struct.pdbx_model_type_details      ? 
_struct.pdbx_CASP_flag               N 
# 
_struct_keywords.entry_id        6FXF 
_struct_keywords.text            'SLy1, SAM, adapter protein, scaffold protein, SIGNALING PROTEIN' 
_struct_keywords.pdbx_keywords   'SIGNALING PROTEIN' 
# 
loop_
_struct_asym.id 
_struct_asym.pdbx_blank_PDB_chainid_flag 
_struct_asym.pdbx_modified 
_struct_asym.entity_id 
_struct_asym.details 
A N N 1 ? 
B N N 2 ? 
# 
_struct_ref.id                         1 
_struct_ref.db_name                    UNP 
_struct_ref.db_code                    SASH3_MOUSE 
_struct_ref.pdbx_db_accession          Q8K352 
_struct_ref.pdbx_db_isoform            ? 
_struct_ref.entity_id                  1 
_struct_ref.pdbx_seq_one_letter_code   PKTLHELLERIGLEEHTSTLLLNGYQTLEDFKELRETHLNELNIMDPQHRAKLLTAAELLLDYD 
_struct_ref.pdbx_align_begin           254 
# 
_struct_ref_seq.align_id                      1 
_struct_ref_seq.ref_id                        1 
_struct_ref_seq.pdbx_PDB_id_code              6FXF 
_struct_ref_seq.pdbx_strand_id                A 
_struct_ref_seq.seq_align_beg                 2 
_struct_ref_seq.pdbx_seq_align_beg_ins_code   ? 
_struct_ref_seq.seq_align_end                 65 
_struct_ref_seq.pdbx_seq_align_end_ins_code   ? 
_struct_ref_seq.pdbx_db_accession             Q8K352 
_struct_ref_seq.db_align_beg                  254 
_struct_ref_seq.pdbx_db_align_beg_ins_code    ? 
_struct_ref_seq.db_align_end                  317 
_struct_ref_seq.pdbx_db_align_end_ins_code    ? 
_struct_ref_seq.pdbx_auth_seq_align_beg       254 
_struct_ref_seq.pdbx_auth_seq_align_end       317 
# 
_struct_ref_seq_dif.align_id                     1 
_struct_ref_seq_dif.pdbx_pdb_id_code             6FXF 
_struct_ref_seq_dif.mon_id                       GLY 
_struct_ref_seq_dif.pdbx_pdb_strand_id           A 
_struct_ref_seq_dif.seq_num                      1 
_struct_ref_seq_dif.pdbx_pdb_ins_code            ? 
_struct_ref_seq_dif.pdbx_seq_db_name             UNP 
_struct_ref_seq_dif.pdbx_seq_db_accession_code   Q8K352 
_struct_ref_seq_dif.db_mon_id                    ? 
_struct_ref_seq_dif.pdbx_seq_db_seq_num          ? 
_struct_ref_seq_dif.details                      'expression tag' 
_struct_ref_seq_dif.pdbx_auth_seq_num            253 
_struct_ref_seq_dif.pdbx_ordinal                 1 
# 
_pdbx_struct_assembly.id                   1 
_pdbx_struct_assembly.details              author_and_software_defined_assembly 
_pdbx_struct_assembly.method_details       PISA 
_pdbx_struct_assembly.oligomeric_details   dimeric 
_pdbx_struct_assembly.oligomeric_count     2 
# 
loop_
_pdbx_struct_assembly_prop.biol_id 
_pdbx_struct_assembly_prop.type 
_pdbx_struct_assembly_prop.value 
_pdbx_struct_assembly_prop.details 
1 'ABSA (A^2)' 1730 ? 
1 MORE         -9   ? 
1 'SSA (A^2)'  6950 ? 
# 
_pdbx_struct_assembly_gen.assembly_id       1 
_pdbx_struct_assembly_gen.oper_expression   1,2 
_pdbx_struct_assembly_gen.asym_id_list      A,B 
# 
loop_
_pdbx_struct_assembly_auth_evidence.id 
_pdbx_struct_assembly_auth_evidence.assembly_id 
_pdbx_struct_assembly_auth_evidence.experimental_support 
_pdbx_struct_assembly_auth_evidence.details 
1 1 'equilibrium centrifugation' ? 
2 1 'gel filtration'             ? 
# 
loop_
_pdbx_struct_oper_list.id 
_pdbx_struct_oper_list.type 
_pdbx_struct_oper_list.name 
_pdbx_struct_oper_list.symmetry_operation 
_pdbx_struct_oper_list.matrix[1][1] 
_pdbx_struct_oper_list.matrix[1][2] 
_pdbx_struct_oper_list.matrix[1][3] 
_pdbx_struct_oper_list.vector[1] 
_pdbx_struct_oper_list.matrix[2][1] 
_pdbx_struct_oper_list.matrix[2][2] 
_pdbx_struct_oper_list.matrix[2][3] 
_pdbx_struct_oper_list.vector[2] 
_pdbx_struct_oper_list.matrix[3][1] 
_pdbx_struct_oper_list.matrix[3][2] 
_pdbx_struct_oper_list.matrix[3][3] 
_pdbx_struct_oper_list.vector[3] 
1 'identity operation'         1_555 x,y,z        1.0000000000  0.0000000000  0.0000000000 0.0000000000 0.0000000000  1.0000000000  0.0000000000  0.0000000000  0.0000000000 0.0000000000  1.0000000000 0.0000000000 
2 'crystal symmetry operation' 8_554 -y,-x,-z-1/2 -0.9369115564 -0.1113584879 0.3313548289 1.8720069407 -0.1113584879 -0.8034392336 -0.5848800604 19.0088088924 0.3313548289 -0.5848800604 0.7403507901 6.0318728922 
# 
loop_
_struct_conf.conf_type_id 
_struct_conf.id 
_struct_conf.pdbx_PDB_helix_id 
_struct_conf.beg_label_comp_id 
_struct_conf.beg_label_asym_id 
_struct_conf.beg_label_seq_id 
_struct_conf.pdbx_beg_PDB_ins_code 
_struct_conf.end_label_comp_id 
_struct_conf.end_label_asym_id 
_struct_conf.end_label_seq_id 
_struct_conf.pdbx_end_PDB_ins_code 
_struct_conf.beg_auth_comp_id 
_struct_conf.beg_auth_asym_id 
_struct_conf.beg_auth_seq_id 
_struct_conf.end_auth_comp_id 
_struct_conf.end_auth_asym_id 
_struct_conf.end_auth_seq_id 
_struct_conf.pdbx_PDB_helix_class 
_struct_conf.details 
_struct_conf.pdbx_PDB_helix_length 
HELX_P HELX_P1 AA1 THR A 4  ? ILE A 12 ? THR A 256 ILE A 264 1 ? 9  
HELX_P HELX_P2 AA2 LEU A 14 ? GLU A 16 ? LEU A 266 GLU A 268 5 ? 3  
HELX_P HELX_P3 AA3 HIS A 17 ? ASN A 24 ? HIS A 269 ASN A 276 1 ? 8  
HELX_P HELX_P4 AA4 THR A 28 ? LYS A 33 ? THR A 280 LYS A 285 1 ? 6  
HELX_P HELX_P5 AA5 ARG A 36 ? LEU A 43 ? ARG A 288 LEU A 295 1 ? 8  
HELX_P HELX_P6 AA6 ASP A 47 ? ASP A 65 ? ASP A 299 ASP A 317 1 ? 19 
# 
_struct_conf_type.id          HELX_P 
_struct_conf_type.criteria    ? 
_struct_conf_type.reference   ? 
# 
loop_
_pdbx_refine_tls.pdbx_refine_id 
_pdbx_refine_tls.id 
_pdbx_refine_tls.details 
_pdbx_refine_tls.method 
_pdbx_refine_tls.origin_x 
_pdbx_refine_tls.origin_y 
_pdbx_refine_tls.origin_z 
_pdbx_refine_tls.T[1][1] 
_pdbx_refine_tls.T[2][2] 
_pdbx_refine_tls.T[3][3] 
_pdbx_refine_tls.T[1][2] 
_pdbx_refine_tls.T[1][3] 
_pdbx_refine_tls.T[2][3] 
_pdbx_refine_tls.L[1][1] 
_pdbx_refine_tls.L[2][2] 
_pdbx_refine_tls.L[3][3] 
_pdbx_refine_tls.L[1][2] 
_pdbx_refine_tls.L[1][3] 
_pdbx_refine_tls.L[2][3] 
_pdbx_refine_tls.S[1][1] 
_pdbx_refine_tls.S[1][2] 
_pdbx_refine_tls.S[1][3] 
_pdbx_refine_tls.S[2][1] 
_pdbx_refine_tls.S[2][2] 
_pdbx_refine_tls.S[2][3] 
_pdbx_refine_tls.S[3][1] 
_pdbx_refine_tls.S[3][2] 
_pdbx_refine_tls.S[3][3] 
'X-RAY DIFFRACTION' 1 ? refined -5.8602 -1.7831 1.6255  0.6951 0.4514 0.5314 -0.1362 0.2026  -0.0605 2.0809 3.3241 3.2557  -0.0652 1.4365  -2.8101 -0.1215 -0.2507 -0.2320 0.8761  0.3164  0.9916  0.7529 -0.6329 -0.0506 
'X-RAY DIFFRACTION' 2 ? refined 3.7866  -5.4724 3.8098  0.7162 0.4402 0.6850 -0.0772 -0.0403 -0.0483 3.7360 7.0671 6.3702  2.5448  0.8676  -1.5983 0.4589  -0.0368 -1.7865 1.9354  -0.5929 -1.8860 1.2850 1.3357  0.2111  
'X-RAY DIFFRACTION' 3 ? refined 6.9524  -0.3052 -7.6911 0.7368 0.6878 0.6796 -0.0110 0.2343  0.0933  1.7724 7.9969 10.7027 -3.4638 -1.1304 -1.2444 -0.2309 0.8529  -0.0318 -0.6963 -0.2622 -2.0124 0.9762 1.3230  0.1442  
'X-RAY DIFFRACTION' 4 ? refined 2.2546  5.0377  -1.0083 0.6490 0.3087 0.4979 -0.1335 -0.0036 -0.0434 7.2458 7.4607 5.7467  0.9971  1.9785  1.7102  -0.3458 0.1213  0.4982  0.1421  -0.1944 -1.1190 0.4083 0.5133  0.8087 
# 
loop_
_pdbx_refine_tls_group.pdbx_refine_id 
_pdbx_refine_tls_group.id 
_pdbx_refine_tls_group.refine_tls_id 
_pdbx_refine_tls_group.beg_auth_asym_id 
_pdbx_refine_tls_group.beg_auth_seq_id 
_pdbx_refine_tls_group.beg_label_asym_id 
_pdbx_refine_tls_group.beg_label_seq_id 
_pdbx_refine_tls_group.end_auth_asym_id 
_pdbx_refine_tls_group.end_auth_seq_id 
_pdbx_refine_tls_group.end_label_asym_id 
_pdbx_refine_tls_group.end_label_seq_id 
_pdbx_refine_tls_group.selection 
_pdbx_refine_tls_group.selection_details 
'X-RAY DIFFRACTION' 1 1 ? ? ? ? ? ? ? ? ? 'chain A and (resid 253 through 276 )' 
'X-RAY DIFFRACTION' 2 2 ? ? ? ? ? ? ? ? ? 'chain A and (resid 277 through 286 )' 
'X-RAY DIFFRACTION' 3 3 ? ? ? ? ? ? ? ? ? 'chain A and (resid 287 through 294 )' 
'X-RAY DIFFRACTION' 4 4 ? ? ? ? ? ? ? ? ? 'chain A and (resid 295 through 317 )' 
# 
loop_
_chem_comp_atom.comp_id 
_chem_comp_atom.atom_id 
_chem_comp_atom.type_symbol 
_chem_comp_atom.pdbx_aromatic_flag 
_chem_comp_atom.pdbx_stereo_config 
_chem_comp_atom.pdbx_ordinal 
ALA N    N N N 1   
ALA CA   C N S 2   
ALA C    C N N 3   
ALA O    O N N 4   
ALA CB   C N N 5   
ALA OXT  O N N 6   
ALA H    H N N 7   
ALA H2   H N N 8   
ALA HA   H N N 9   
ALA HB1  H N N 10  
ALA HB2  H N N 11  
ALA HB3  H N N 12  
ALA HXT  H N N 13  
ARG N    N N N 14  
ARG CA   C N S 15  
ARG C    C N N 16  
ARG O    O N N 17  
ARG CB   C N N 18  
ARG CG   C N N 19  
ARG CD   C N N 20  
ARG NE   N N N 21  
ARG CZ   C N N 22  
ARG NH1  N N N 23  
ARG NH2  N N N 24  
ARG OXT  O N N 25  
ARG H    H N N 26  
ARG H2   H N N 27  
ARG HA   H N N 28  
ARG HB2  H N N 29  
ARG HB3  H N N 30  
ARG HG2  H N N 31  
ARG HG3  H N N 32  
ARG HD2  H N N 33  
ARG HD3  H N N 34  
ARG HE   H N N 35  
ARG HH11 H N N 36  
ARG HH12 H N N 37  
ARG HH21 H N N 38  
ARG HH22 H N N 39  
ARG HXT  H N N 40  
ASN N    N N N 41  
ASN CA   C N S 42  
ASN C    C N N 43  
ASN O    O N N 44  
ASN CB   C N N 45  
ASN CG   C N N 46  
ASN OD1  O N N 47  
ASN ND2  N N N 48  
ASN OXT  O N N 49  
ASN H    H N N 50  
ASN H2   H N N 51  
ASN HA   H N N 52  
ASN HB2  H N N 53  
ASN HB3  H N N 54  
ASN HD21 H N N 55  
ASN HD22 H N N 56  
ASN HXT  H N N 57  
ASP N    N N N 58  
ASP CA   C N S 59  
ASP C    C N N 60  
ASP O    O N N 61  
ASP CB   C N N 62  
ASP CG   C N N 63  
ASP OD1  O N N 64  
ASP OD2  O N N 65  
ASP OXT  O N N 66  
ASP H    H N N 67  
ASP H2   H N N 68  
ASP HA   H N N 69  
ASP HB2  H N N 70  
ASP HB3  H N N 71  
ASP HD2  H N N 72  
ASP HXT  H N N 73  
GLN N    N N N 74  
GLN CA   C N S 75  
GLN C    C N N 76  
GLN O    O N N 77  
GLN CB   C N N 78  
GLN CG   C N N 79  
GLN CD   C N N 80  
GLN OE1  O N N 81  
GLN NE2  N N N 82  
GLN OXT  O N N 83  
GLN H    H N N 84  
GLN H2   H N N 85  
GLN HA   H N N 86  
GLN HB2  H N N 87  
GLN HB3  H N N 88  
GLN HG2  H N N 89  
GLN HG3  H N N 90  
GLN HE21 H N N 91  
GLN HE22 H N N 92  
GLN HXT  H N N 93  
GLU N    N N N 94  
GLU CA   C N S 95  
GLU C    C N N 96  
GLU O    O N N 97  
GLU CB   C N N 98  
GLU CG   C N N 99  
GLU CD   C N N 100 
GLU OE1  O N N 101 
GLU OE2  O N N 102 
GLU OXT  O N N 103 
GLU H    H N N 104 
GLU H2   H N N 105 
GLU HA   H N N 106 
GLU HB2  H N N 107 
GLU HB3  H N N 108 
GLU HG2  H N N 109 
GLU HG3  H N N 110 
GLU HE2  H N N 111 
GLU HXT  H N N 112 
GLY N    N N N 113 
GLY CA   C N N 114 
GLY C    C N N 115 
GLY O    O N N 116 
GLY OXT  O N N 117 
GLY H    H N N 118 
GLY H2   H N N 119 
GLY HA2  H N N 120 
GLY HA3  H N N 121 
GLY HXT  H N N 122 
HIS N    N N N 123 
HIS CA   C N S 124 
HIS C    C N N 125 
HIS O    O N N 126 
HIS CB   C N N 127 
HIS CG   C Y N 128 
HIS ND1  N Y N 129 
HIS CD2  C Y N 130 
HIS CE1  C Y N 131 
HIS NE2  N Y N 132 
HIS OXT  O N N 133 
HIS H    H N N 134 
HIS H2   H N N 135 
HIS HA   H N N 136 
HIS HB2  H N N 137 
HIS HB3  H N N 138 
HIS HD1  H N N 139 
HIS HD2  H N N 140 
HIS HE1  H N N 141 
HIS HE2  H N N 142 
HIS HXT  H N N 143 
HOH O    O N N 144 
HOH H1   H N N 145 
HOH H2   H N N 146 
ILE N    N N N 147 
ILE CA   C N S 148 
ILE C    C N N 149 
ILE O    O N N 150 
ILE CB   C N S 151 
ILE CG1  C N N 152 
ILE CG2  C N N 153 
ILE CD1  C N N 154 
ILE OXT  O N N 155 
ILE H    H N N 156 
ILE H2   H N N 157 
ILE HA   H N N 158 
ILE HB   H N N 159 
ILE HG12 H N N 160 
ILE HG13 H N N 161 
ILE HG21 H N N 162 
ILE HG22 H N N 163 
ILE HG23 H N N 164 
ILE HD11 H N N 165 
ILE HD12 H N N 166 
ILE HD13 H N N 167 
ILE HXT  H N N 168 
LEU N    N N N 169 
LEU CA   C N S 170 
LEU C    C N N 171 
LEU O    O N N 172 
LEU CB   C N N 173 
LEU CG   C N N 174 
LEU CD1  C N N 175 
LEU CD2  C N N 176 
LEU OXT  O N N 177 
LEU H    H N N 178 
LEU H2   H N N 179 
LEU HA   H N N 180 
LEU HB2  H N N 181 
LEU HB3  H N N 182 
LEU HG   H N N 183 
LEU HD11 H N N 184 
LEU HD12 H N N 185 
LEU HD13 H N N 186 
LEU HD21 H N N 187 
LEU HD22 H N N 188 
LEU HD23 H N N 189 
LEU HXT  H N N 190 
LYS N    N N N 191 
LYS CA   C N S 192 
LYS C    C N N 193 
LYS O    O N N 194 
LYS CB   C N N 195 
LYS CG   C N N 196 
LYS CD   C N N 197 
LYS CE   C N N 198 
LYS NZ   N N N 199 
LYS OXT  O N N 200 
LYS H    H N N 201 
LYS H2   H N N 202 
LYS HA   H N N 203 
LYS HB2  H N N 204 
LYS HB3  H N N 205 
LYS HG2  H N N 206 
LYS HG3  H N N 207 
LYS HD2  H N N 208 
LYS HD3  H N N 209 
LYS HE2  H N N 210 
LYS HE3  H N N 211 
LYS HZ1  H N N 212 
LYS HZ2  H N N 213 
LYS HZ3  H N N 214 
LYS HXT  H N N 215 
MET N    N N N 216 
MET CA   C N S 217 
MET C    C N N 218 
MET O    O N N 219 
MET CB   C N N 220 
MET CG   C N N 221 
MET SD   S N N 222 
MET CE   C N N 223 
MET OXT  O N N 224 
MET H    H N N 225 
MET H2   H N N 226 
MET HA   H N N 227 
MET HB2  H N N 228 
MET HB3  H N N 229 
MET HG2  H N N 230 
MET HG3  H N N 231 
MET HE1  H N N 232 
MET HE2  H N N 233 
MET HE3  H N N 234 
MET HXT  H N N 235 
PHE N    N N N 236 
PHE CA   C N S 237 
PHE C    C N N 238 
PHE O    O N N 239 
PHE CB   C N N 240 
PHE CG   C Y N 241 
PHE CD1  C Y N 242 
PHE CD2  C Y N 243 
PHE CE1  C Y N 244 
PHE CE2  C Y N 245 
PHE CZ   C Y N 246 
PHE OXT  O N N 247 
PHE H    H N N 248 
PHE H2   H N N 249 
PHE HA   H N N 250 
PHE HB2  H N N 251 
PHE HB3  H N N 252 
PHE HD1  H N N 253 
PHE HD2  H N N 254 
PHE HE1  H N N 255 
PHE HE2  H N N 256 
PHE HZ   H N N 257 
PHE HXT  H N N 258 
PRO N    N N N 259 
PRO CA   C N S 260 
PRO C    C N N 261 
PRO O    O N N 262 
PRO CB   C N N 263 
PRO CG   C N N 264 
PRO CD   C N N 265 
PRO OXT  O N N 266 
PRO H    H N N 267 
PRO HA   H N N 268 
PRO HB2  H N N 269 
PRO HB3  H N N 270 
PRO HG2  H N N 271 
PRO HG3  H N N 272 
PRO HD2  H N N 273 
PRO HD3  H N N 274 
PRO HXT  H N N 275 
SER N    N N N 276 
SER CA   C N S 277 
SER C    C N N 278 
SER O    O N N 279 
SER CB   C N N 280 
SER OG   O N N 281 
SER OXT  O N N 282 
SER H    H N N 283 
SER H2   H N N 284 
SER HA   H N N 285 
SER HB2  H N N 286 
SER HB3  H N N 287 
SER HG   H N N 288 
SER HXT  H N N 289 
THR N    N N N 290 
THR CA   C N S 291 
THR C    C N N 292 
THR O    O N N 293 
THR CB   C N R 294 
THR OG1  O N N 295 
THR CG2  C N N 296 
THR OXT  O N N 297 
THR H    H N N 298 
THR H2   H N N 299 
THR HA   H N N 300 
THR HB   H N N 301 
THR HG1  H N N 302 
THR HG21 H N N 303 
THR HG22 H N N 304 
THR HG23 H N N 305 
THR HXT  H N N 306 
TYR N    N N N 307 
TYR CA   C N S 308 
TYR C    C N N 309 
TYR O    O N N 310 
TYR CB   C N N 311 
TYR CG   C Y N 312 
TYR CD1  C Y N 313 
TYR CD2  C Y N 314 
TYR CE1  C Y N 315 
TYR CE2  C Y N 316 
TYR CZ   C Y N 317 
TYR OH   O N N 318 
TYR OXT  O N N 319 
TYR H    H N N 320 
TYR H2   H N N 321 
TYR HA   H N N 322 
TYR HB2  H N N 323 
TYR HB3  H N N 324 
TYR HD1  H N N 325 
TYR HD2  H N N 326 
TYR HE1  H N N 327 
TYR HE2  H N N 328 
TYR HH   H N N 329 
TYR HXT  H N N 330 
# 
loop_
_chem_comp_bond.comp_id 
_chem_comp_bond.atom_id_1 
_chem_comp_bond.atom_id_2 
_chem_comp_bond.value_order 
_chem_comp_bond.pdbx_aromatic_flag 
_chem_comp_bond.pdbx_stereo_config 
_chem_comp_bond.pdbx_ordinal 
ALA N   CA   sing N N 1   
ALA N   H    sing N N 2   
ALA N   H2   sing N N 3   
ALA CA  C    sing N N 4   
ALA CA  CB   sing N N 5   
ALA CA  HA   sing N N 6   
ALA C   O    doub N N 7   
ALA C   OXT  sing N N 8   
ALA CB  HB1  sing N N 9   
ALA CB  HB2  sing N N 10  
ALA CB  HB3  sing N N 11  
ALA OXT HXT  sing N N 12  
ARG N   CA   sing N N 13  
ARG N   H    sing N N 14  
ARG N   H2   sing N N 15  
ARG CA  C    sing N N 16  
ARG CA  CB   sing N N 17  
ARG CA  HA   sing N N 18  
ARG C   O    doub N N 19  
ARG C   OXT  sing N N 20  
ARG CB  CG   sing N N 21  
ARG CB  HB2  sing N N 22  
ARG CB  HB3  sing N N 23  
ARG CG  CD   sing N N 24  
ARG CG  HG2  sing N N 25  
ARG CG  HG3  sing N N 26  
ARG CD  NE   sing N N 27  
ARG CD  HD2  sing N N 28  
ARG CD  HD3  sing N N 29  
ARG NE  CZ   sing N N 30  
ARG NE  HE   sing N N 31  
ARG CZ  NH1  sing N N 32  
ARG CZ  NH2  doub N N 33  
ARG NH1 HH11 sing N N 34  
ARG NH1 HH12 sing N N 35  
ARG NH2 HH21 sing N N 36  
ARG NH2 HH22 sing N N 37  
ARG OXT HXT  sing N N 38  
ASN N   CA   sing N N 39  
ASN N   H    sing N N 40  
ASN N   H2   sing N N 41  
ASN CA  C    sing N N 42  
ASN CA  CB   sing N N 43  
ASN CA  HA   sing N N 44  
ASN C   O    doub N N 45  
ASN C   OXT  sing N N 46  
ASN CB  CG   sing N N 47  
ASN CB  HB2  sing N N 48  
ASN CB  HB3  sing N N 49  
ASN CG  OD1  doub N N 50  
ASN CG  ND2  sing N N 51  
ASN ND2 HD21 sing N N 52  
ASN ND2 HD22 sing N N 53  
ASN OXT HXT  sing N N 54  
ASP N   CA   sing N N 55  
ASP N   H    sing N N 56  
ASP N   H2   sing N N 57  
ASP CA  C    sing N N 58  
ASP CA  CB   sing N N 59  
ASP CA  HA   sing N N 60  
ASP C   O    doub N N 61  
ASP C   OXT  sing N N 62  
ASP CB  CG   sing N N 63  
ASP CB  HB2  sing N N 64  
ASP CB  HB3  sing N N 65  
ASP CG  OD1  doub N N 66  
ASP CG  OD2  sing N N 67  
ASP OD2 HD2  sing N N 68  
ASP OXT HXT  sing N N 69  
GLN N   CA   sing N N 70  
GLN N   H    sing N N 71  
GLN N   H2   sing N N 72  
GLN CA  C    sing N N 73  
GLN CA  CB   sing N N 74  
GLN CA  HA   sing N N 75  
GLN C   O    doub N N 76  
GLN C   OXT  sing N N 77  
GLN CB  CG   sing N N 78  
GLN CB  HB2  sing N N 79  
GLN CB  HB3  sing N N 80  
GLN CG  CD   sing N N 81  
GLN CG  HG2  sing N N 82  
GLN CG  HG3  sing N N 83  
GLN CD  OE1  doub N N 84  
GLN CD  NE2  sing N N 85  
GLN NE2 HE21 sing N N 86  
GLN NE2 HE22 sing N N 87  
GLN OXT HXT  sing N N 88  
GLU N   CA   sing N N 89  
GLU N   H    sing N N 90  
GLU N   H2   sing N N 91  
GLU CA  C    sing N N 92  
GLU CA  CB   sing N N 93  
GLU CA  HA   sing N N 94  
GLU C   O    doub N N 95  
GLU C   OXT  sing N N 96  
GLU CB  CG   sing N N 97  
GLU CB  HB2  sing N N 98  
GLU CB  HB3  sing N N 99  
GLU CG  CD   sing N N 100 
GLU CG  HG2  sing N N 101 
GLU CG  HG3  sing N N 102 
GLU CD  OE1  doub N N 103 
GLU CD  OE2  sing N N 104 
GLU OE2 HE2  sing N N 105 
GLU OXT HXT  sing N N 106 
GLY N   CA   sing N N 107 
GLY N   H    sing N N 108 
GLY N   H2   sing N N 109 
GLY CA  C    sing N N 110 
GLY CA  HA2  sing N N 111 
GLY CA  HA3  sing N N 112 
GLY C   O    doub N N 113 
GLY C   OXT  sing N N 114 
GLY OXT HXT  sing N N 115 
HIS N   CA   sing N N 116 
HIS N   H    sing N N 117 
HIS N   H2   sing N N 118 
HIS CA  C    sing N N 119 
HIS CA  CB   sing N N 120 
HIS CA  HA   sing N N 121 
HIS C   O    doub N N 122 
HIS C   OXT  sing N N 123 
HIS CB  CG   sing N N 124 
HIS CB  HB2  sing N N 125 
HIS CB  HB3  sing N N 126 
HIS CG  ND1  sing Y N 127 
HIS CG  CD2  doub Y N 128 
HIS ND1 CE1  doub Y N 129 
HIS ND1 HD1  sing N N 130 
HIS CD2 NE2  sing Y N 131 
HIS CD2 HD2  sing N N 132 
HIS CE1 NE2  sing Y N 133 
HIS CE1 HE1  sing N N 134 
HIS NE2 HE2  sing N N 135 
HIS OXT HXT  sing N N 136 
HOH O   H1   sing N N 137 
HOH O   H2   sing N N 138 
ILE N   CA   sing N N 139 
ILE N   H    sing N N 140 
ILE N   H2   sing N N 141 
ILE CA  C    sing N N 142 
ILE CA  CB   sing N N 143 
ILE CA  HA   sing N N 144 
ILE C   O    doub N N 145 
ILE C   OXT  sing N N 146 
ILE CB  CG1  sing N N 147 
ILE CB  CG2  sing N N 148 
ILE CB  HB   sing N N 149 
ILE CG1 CD1  sing N N 150 
ILE CG1 HG12 sing N N 151 
ILE CG1 HG13 sing N N 152 
ILE CG2 HG21 sing N N 153 
ILE CG2 HG22 sing N N 154 
ILE CG2 HG23 sing N N 155 
ILE CD1 HD11 sing N N 156 
ILE CD1 HD12 sing N N 157 
ILE CD1 HD13 sing N N 158 
ILE OXT HXT  sing N N 159 
LEU N   CA   sing N N 160 
LEU N   H    sing N N 161 
LEU N   H2   sing N N 162 
LEU CA  C    sing N N 163 
LEU CA  CB   sing N N 164 
LEU CA  HA   sing N N 165 
LEU C   O    doub N N 166 
LEU C   OXT  sing N N 167 
LEU CB  CG   sing N N 168 
LEU CB  HB2  sing N N 169 
LEU CB  HB3  sing N N 170 
LEU CG  CD1  sing N N 171 
LEU CG  CD2  sing N N 172 
LEU CG  HG   sing N N 173 
LEU CD1 HD11 sing N N 174 
LEU CD1 HD12 sing N N 175 
LEU CD1 HD13 sing N N 176 
LEU CD2 HD21 sing N N 177 
LEU CD2 HD22 sing N N 178 
LEU CD2 HD23 sing N N 179 
LEU OXT HXT  sing N N 180 
LYS N   CA   sing N N 181 
LYS N   H    sing N N 182 
LYS N   H2   sing N N 183 
LYS CA  C    sing N N 184 
LYS CA  CB   sing N N 185 
LYS CA  HA   sing N N 186 
LYS C   O    doub N N 187 
LYS C   OXT  sing N N 188 
LYS CB  CG   sing N N 189 
LYS CB  HB2  sing N N 190 
LYS CB  HB3  sing N N 191 
LYS CG  CD   sing N N 192 
LYS CG  HG2  sing N N 193 
LYS CG  HG3  sing N N 194 
LYS CD  CE   sing N N 195 
LYS CD  HD2  sing N N 196 
LYS CD  HD3  sing N N 197 
LYS CE  NZ   sing N N 198 
LYS CE  HE2  sing N N 199 
LYS CE  HE3  sing N N 200 
LYS NZ  HZ1  sing N N 201 
LYS NZ  HZ2  sing N N 202 
LYS NZ  HZ3  sing N N 203 
LYS OXT HXT  sing N N 204 
MET N   CA   sing N N 205 
MET N   H    sing N N 206 
MET N   H2   sing N N 207 
MET CA  C    sing N N 208 
MET CA  CB   sing N N 209 
MET CA  HA   sing N N 210 
MET C   O    doub N N 211 
MET C   OXT  sing N N 212 
MET CB  CG   sing N N 213 
MET CB  HB2  sing N N 214 
MET CB  HB3  sing N N 215 
MET CG  SD   sing N N 216 
MET CG  HG2  sing N N 217 
MET CG  HG3  sing N N 218 
MET SD  CE   sing N N 219 
MET CE  HE1  sing N N 220 
MET CE  HE2  sing N N 221 
MET CE  HE3  sing N N 222 
MET OXT HXT  sing N N 223 
PHE N   CA   sing N N 224 
PHE N   H    sing N N 225 
PHE N   H2   sing N N 226 
PHE CA  C    sing N N 227 
PHE CA  CB   sing N N 228 
PHE CA  HA   sing N N 229 
PHE C   O    doub N N 230 
PHE C   OXT  sing N N 231 
PHE CB  CG   sing N N 232 
PHE CB  HB2  sing N N 233 
PHE CB  HB3  sing N N 234 
PHE CG  CD1  doub Y N 235 
PHE CG  CD2  sing Y N 236 
PHE CD1 CE1  sing Y N 237 
PHE CD1 HD1  sing N N 238 
PHE CD2 CE2  doub Y N 239 
PHE CD2 HD2  sing N N 240 
PHE CE1 CZ   doub Y N 241 
PHE CE1 HE1  sing N N 242 
PHE CE2 CZ   sing Y N 243 
PHE CE2 HE2  sing N N 244 
PHE CZ  HZ   sing N N 245 
PHE OXT HXT  sing N N 246 
PRO N   CA   sing N N 247 
PRO N   CD   sing N N 248 
PRO N   H    sing N N 249 
PRO CA  C    sing N N 250 
PRO CA  CB   sing N N 251 
PRO CA  HA   sing N N 252 
PRO C   O    doub N N 253 
PRO C   OXT  sing N N 254 
PRO CB  CG   sing N N 255 
PRO CB  HB2  sing N N 256 
PRO CB  HB3  sing N N 257 
PRO CG  CD   sing N N 258 
PRO CG  HG2  sing N N 259 
PRO CG  HG3  sing N N 260 
PRO CD  HD2  sing N N 261 
PRO CD  HD3  sing N N 262 
PRO OXT HXT  sing N N 263 
SER N   CA   sing N N 264 
SER N   H    sing N N 265 
SER N   H2   sing N N 266 
SER CA  C    sing N N 267 
SER CA  CB   sing N N 268 
SER CA  HA   sing N N 269 
SER C   O    doub N N 270 
SER C   OXT  sing N N 271 
SER CB  OG   sing N N 272 
SER CB  HB2  sing N N 273 
SER CB  HB3  sing N N 274 
SER OG  HG   sing N N 275 
SER OXT HXT  sing N N 276 
THR N   CA   sing N N 277 
THR N   H    sing N N 278 
THR N   H2   sing N N 279 
THR CA  C    sing N N 280 
THR CA  CB   sing N N 281 
THR CA  HA   sing N N 282 
THR C   O    doub N N 283 
THR C   OXT  sing N N 284 
THR CB  OG1  sing N N 285 
THR CB  CG2  sing N N 286 
THR CB  HB   sing N N 287 
THR OG1 HG1  sing N N 288 
THR CG2 HG21 sing N N 289 
THR CG2 HG22 sing N N 290 
THR CG2 HG23 sing N N 291 
THR OXT HXT  sing N N 292 
TYR N   CA   sing N N 293 
TYR N   H    sing N N 294 
TYR N   H2   sing N N 295 
TYR CA  C    sing N N 296 
TYR CA  CB   sing N N 297 
TYR CA  HA   sing N N 298 
TYR C   O    doub N N 299 
TYR C   OXT  sing N N 300 
TYR CB  CG   sing N N 301 
TYR CB  HB2  sing N N 302 
TYR CB  HB3  sing N N 303 
TYR CG  CD1  doub Y N 304 
TYR CG  CD2  sing Y N 305 
TYR CD1 CE1  sing Y N 306 
TYR CD1 HD1  sing N N 307 
TYR CD2 CE2  doub Y N 308 
TYR CD2 HD2  sing N N 309 
TYR CE1 CZ   doub Y N 310 
TYR CE1 HE1  sing N N 311 
TYR CE2 CZ   sing Y N 312 
TYR CE2 HE2  sing N N 313 
TYR CZ  OH   sing N N 314 
TYR OH  HH   sing N N 315 
TYR OXT HXT  sing N N 316 
# 
_pdbx_audit_support.funding_organization   'Juergen Manchot Stiftung' 
_pdbx_audit_support.country                Germany 
_pdbx_audit_support.grant_number           ? 
_pdbx_audit_support.ordinal                1 
# 
_pdbx_initial_refinement_model.id               1 
_pdbx_initial_refinement_model.entity_id_list   ? 
_pdbx_initial_refinement_model.type             'experimental model' 
_pdbx_initial_refinement_model.source_name      PDB 
_pdbx_initial_refinement_model.accession_code   1V38 
_pdbx_initial_refinement_model.details          ? 
# 
_atom_sites.entry_id                    6FXF 
_atom_sites.fract_transf_matrix[1][1]   0.01086879 
_atom_sites.fract_transf_matrix[1][2]   0.01333559 
_atom_sites.fract_transf_matrix[1][3]   -0.01478036 
_atom_sites.fract_transf_matrix[2][1]   0.01656567 
_atom_sites.fract_transf_matrix[2][2]   0.00327993 
_atom_sites.fract_transf_matrix[2][3]   0.01514095 
_atom_sites.fract_transf_matrix[3][1]   0.00514142 
_atom_sites.fract_transf_matrix[3][2]   -0.00840663 
_atom_sites.fract_transf_matrix[3][3]   -0.00380412 
_atom_sites.fract_transf_vector[1]      -0.064391 
_atom_sites.fract_transf_vector[2]      -0.120296 
_atom_sites.fract_transf_vector[3]      -0.163450 
# 
loop_
_atom_type.symbol 
C 
N 
O 
S 
# 
loop_
_atom_site.group_PDB 
_atom_site.id 
_atom_site.type_symbol 
_atom_site.label_atom_id 
_atom_site.label_alt_id 
_atom_site.label_comp_id 
_atom_site.label_asym_id 
_atom_site.label_entity_id 
_atom_site.label_seq_id 
_atom_site.pdbx_PDB_ins_code 
_atom_site.Cartn_x 
_atom_site.Cartn_y 
_atom_site.Cartn_z 
_atom_site.occupancy 
_atom_site.B_iso_or_equiv 
_atom_site.pdbx_formal_charge 
_atom_site.auth_seq_id 
_atom_site.auth_comp_id 
_atom_site.auth_asym_id 
_atom_site.auth_atom_id 
_atom_site.pdbx_PDB_model_num 
ATOM   1   N N   . GLY A 1 1  ? -3.221  2.989   15.496  1.00 105.90 ? 253 GLY A N   1 
ATOM   2   C CA  . GLY A 1 1  ? -3.624  3.210   14.118  1.00 106.07 ? 253 GLY A CA  1 
ATOM   3   C C   . GLY A 1 1  ? -4.201  1.964   13.477  1.00 107.43 ? 253 GLY A C   1 
ATOM   4   O O   . GLY A 1 1  ? -4.398  0.958   14.162  1.00 116.36 ? 253 GLY A O   1 
ATOM   5   N N   . PRO A 1 2  ? -4.487  2.032   12.177  1.00 92.77  ? 254 PRO A N   1 
ATOM   6   C CA  . PRO A 1 2  ? -5.012  0.858   11.472  1.00 79.15  ? 254 PRO A CA  1 
ATOM   7   C C   . PRO A 1 2  ? -4.107  -0.348  11.676  1.00 86.91  ? 254 PRO A C   1 
ATOM   8   O O   . PRO A 1 2  ? -2.880  -0.235  11.621  1.00 95.11  ? 254 PRO A O   1 
ATOM   9   C CB  . PRO A 1 2  ? -5.035  1.311   10.010  1.00 75.23  ? 254 PRO A CB  1 
ATOM   10  C CG  . PRO A 1 2  ? -5.161  2.780   10.084  1.00 72.49  ? 254 PRO A CG  1 
ATOM   11  C CD  . PRO A 1 2  ? -4.388  3.204   11.294  1.00 80.69  ? 254 PRO A CD  1 
ATOM   12  N N   . LYS A 1 3  ? -4.723  -1.512  11.912  1.00 85.40  ? 255 LYS A N   1 
ATOM   13  C CA  . LYS A 1 3  ? -3.998  -2.725  12.282  1.00 76.56  ? 255 LYS A CA  1 
ATOM   14  C C   . LYS A 1 3  ? -3.843  -3.737  11.144  1.00 76.84  ? 255 LYS A C   1 
ATOM   15  O O   . LYS A 1 3  ? -2.984  -4.622  11.230  1.00 73.14  ? 255 LYS A O   1 
ATOM   16  C CB  . LYS A 1 3  ? -4.693  -3.403  13.469  1.00 71.31  ? 255 LYS A CB  1 
ATOM   17  C CG  . LYS A 1 3  ? -4.629  -2.605  14.762  0.00 81.28  ? 255 LYS A CG  1 
ATOM   18  C CD  . LYS A 1 3  ? -5.280  -3.360  15.908  0.00 89.63  ? 255 LYS A CD  1 
ATOM   19  C CE  . LYS A 1 3  ? -5.201  -2.569  17.201  0.00 94.36  ? 255 LYS A CE  1 
ATOM   20  N NZ  . LYS A 1 3  ? -5.846  -3.289  18.333  0.00 99.36  ? 255 LYS A NZ  1 
ATOM   21  N N   . THR A 1 4  ? -4.631  -3.637  10.082  1.00 72.90  ? 256 THR A N   1 
ATOM   22  C CA  . THR A 1 4  ? -4.487  -4.541  8.953   1.00 66.50  ? 256 THR A CA  1 
ATOM   23  C C   . THR A 1 4  ? -4.217  -3.750  7.686   1.00 67.65  ? 256 THR A C   1 
ATOM   24  O O   . THR A 1 4  ? -4.644  -2.599  7.545   1.00 50.46  ? 256 THR A O   1 
ATOM   25  C CB  . THR A 1 4  ? -5.733  -5.405  8.757   1.00 65.34  ? 256 THR A CB  1 
ATOM   26  O OG1 . THR A 1 4  ? -6.804  -4.599  8.257   1.00 66.93  ? 256 THR A OG1 1 
ATOM   27  C CG2 . THR A 1 4  ? -6.150  -6.003  10.070  1.00 69.63  ? 256 THR A CG2 1 
ATOM   28  N N   . LEU A 1 5  ? -3.498  -4.389  6.766   1.00 50.63  ? 257 LEU A N   1 
ATOM   29  C CA  . LEU A 1 5  ? -3.329  -3.815  5.444   1.00 51.33  ? 257 LEU A CA  1 
ATOM   30  C C   . LEU A 1 5  ? -4.652  -3.296  4.927   1.00 55.63  ? 257 LEU A C   1 
ATOM   31  O O   . LEU A 1 5  ? -4.733  -2.167  4.437   1.00 57.92  ? 257 LEU A O   1 
ATOM   32  C CB  . LEU A 1 5  ? -2.768  -4.850  4.473   1.00 55.62  ? 257 LEU A CB  1 
ATOM   33  C CG  . LEU A 1 5  ? -2.656  -4.288  3.055   1.00 49.64  ? 257 LEU A CG  1 
ATOM   34  C CD1 . LEU A 1 5  ? -1.424  -3.443  2.961   1.00 57.94  ? 257 LEU A CD1 1 
ATOM   35  C CD2 . LEU A 1 5  ? -2.629  -5.383  1.983   1.00 62.47  ? 257 LEU A CD2 1 
ATOM   36  N N   . HIS A 1 6  ? -5.711  -4.104  5.043   1.00 52.28  ? 258 HIS A N   1 
ATOM   37  C CA  . HIS A 1 6  ? -7.000  -3.650  4.540   1.00 53.14  ? 258 HIS A CA  1 
ATOM   38  C C   . HIS A 1 6  ? -7.465  -2.397  5.267   1.00 58.58  ? 258 HIS A C   1 
ATOM   39  O O   . HIS A 1 6  ? -8.010  -1.484  4.641   1.00 57.77  ? 258 HIS A O   1 
ATOM   40  C CB  . HIS A 1 6  ? -8.065  -4.729  4.659   1.00 62.35  ? 258 HIS A CB  1 
ATOM   41  C CG  . HIS A 1 6  ? -9.367  -4.335  4.031   1.00 70.19  ? 258 HIS A CG  1 
ATOM   42  N ND1 . HIS A 1 6  ? -9.509  -4.142  2.672   1.00 78.06  ? 258 HIS A ND1 1 
ATOM   43  C CD2 . HIS A 1 6  ? -10.574 -4.057  4.577   1.00 77.36  ? 258 HIS A CD2 1 
ATOM   44  C CE1 . HIS A 1 6  ? -10.752 -3.784  2.406   1.00 77.48  ? 258 HIS A CE1 1 
ATOM   45  N NE2 . HIS A 1 6  ? -11.419 -3.727  3.544   1.00 76.61  ? 258 HIS A NE2 1 
ATOM   46  N N   . GLU A 1 7  ? -7.252  -2.330  6.582   1.00 61.74  ? 259 GLU A N   1 
ATOM   47  C CA  . GLU A 1 7  ? -7.695  -1.159  7.335   1.00 58.47  ? 259 GLU A CA  1 
ATOM   48  C C   . GLU A 1 7  ? -6.927  0.089   6.914   1.00 51.53  ? 259 GLU A C   1 
ATOM   49  O O   . GLU A 1 7  ? -7.512  1.157   6.702   1.00 61.03  ? 259 GLU A O   1 
ATOM   50  C CB  . GLU A 1 7  ? -7.532  -1.416  8.828   1.00 56.58  ? 259 GLU A CB  1 
ATOM   51  C CG  . GLU A 1 7  ? -8.538  -2.368  9.400   1.00 78.64  ? 259 GLU A CG  1 
ATOM   52  C CD  . GLU A 1 7  ? -8.278  -2.667  10.866  1.00 85.47  ? 259 GLU A CD  1 
ATOM   53  O OE1 . GLU A 1 7  ? -7.374  -2.037  11.460  1.00 85.79  ? 259 GLU A OE1 1 
ATOM   54  O OE2 . GLU A 1 7  ? -8.980  -3.536  11.422  1.00 84.94  ? 259 GLU A OE2 1 
ATOM   55  N N   . LEU A 1 8  ? -5.608  -0.036  6.795   1.00 52.36  ? 260 LEU A N   1 
ATOM   56  C CA  . LEU A 1 8  ? -4.783  1.028   6.243   1.00 47.93  ? 260 LEU A CA  1 
ATOM   57  C C   . LEU A 1 8  ? -5.328  1.524   4.910   1.00 60.13  ? 260 LEU A C   1 
ATOM   58  O O   . LEU A 1 8  ? -5.593  2.717   4.735   1.00 54.66  ? 260 LEU A O   1 
ATOM   59  C CB  . LEU A 1 8  ? -3.355  0.518   6.077   1.00 48.04  ? 260 LEU A CB  1 
ATOM   60  C CG  . LEU A 1 8  ? -2.411  1.620   5.627   1.00 54.16  ? 260 LEU A CG  1 
ATOM   61  C CD1 . LEU A 1 8  ? -2.503  2.761   6.606   1.00 47.26  ? 260 LEU A CD1 1 
ATOM   62  C CD2 . LEU A 1 8  ? -0.985  1.127   5.539   1.00 45.06  ? 260 LEU A CD2 1 
ATOM   63  N N   . LEU A 1 9  ? -5.482  0.609   3.949   1.00 49.97  ? 261 LEU A N   1 
ATOM   64  C CA  . LEU A 1 9  ? -5.963  0.981   2.623   1.00 43.34  ? 261 LEU A CA  1 
ATOM   65  C C   . LEU A 1 9  ? -7.305  1.684   2.706   1.00 50.22  ? 261 LEU A C   1 
ATOM   66  O O   . LEU A 1 9  ? -7.522  2.707   2.054   1.00 63.02  ? 261 LEU A O   1 
ATOM   67  C CB  . LEU A 1 9  ? -6.076  -0.265  1.742   1.00 43.34  ? 261 LEU A CB  1 
ATOM   68  C CG  . LEU A 1 9  ? -4.726  -0.890  1.404   1.00 42.10  ? 261 LEU A CG  1 
ATOM   69  C CD1 . LEU A 1 9  ? -4.877  -2.281  0.832   1.00 51.31  ? 261 LEU A CD1 1 
ATOM   70  C CD2 . LEU A 1 9  ? -4.054  -0.009  0.413   1.00 38.93  ? 261 LEU A CD2 1 
ATOM   71  N N   . GLU A 1 10 ? -8.221  1.139   3.504   1.00 48.14  ? 262 GLU A N   1 
ATOM   72  C CA  . GLU A 1 10 ? -9.518  1.771   3.676   1.00 56.41  ? 262 GLU A CA  1 
ATOM   73  C C   . GLU A 1 10 ? -9.342  3.206   4.126   1.00 53.44  ? 262 GLU A C   1 
ATOM   74  O O   . GLU A 1 10 ? -9.962  4.122   3.579   1.00 59.07  ? 262 GLU A O   1 
ATOM   75  C CB  . GLU A 1 10 ? -10.349 0.994   4.693   1.00 58.78  ? 262 GLU A CB  1 
ATOM   76  C CG  . GLU A 1 10 ? -10.990 -0.293  4.185   1.00 91.04  ? 262 GLU A CG  1 
ATOM   77  C CD  . GLU A 1 10 ? -11.844 -0.985  5.261   1.00 103.34 ? 262 GLU A CD  1 
ATOM   78  O OE1 . GLU A 1 10 ? -11.484 -0.913  6.459   1.00 108.29 ? 262 GLU A OE1 1 
ATOM   79  O OE2 . GLU A 1 10 ? -12.881 -1.592  4.911   1.00 103.96 ? 262 GLU A OE2 1 
ATOM   80  N N   . ARG A 1 11 ? -8.444  3.413   5.091   1.00 53.56  ? 263 ARG A N   1 
ATOM   81  C CA  . ARG A 1 11 ? -8.242  4.730   5.687   1.00 61.37  ? 263 ARG A CA  1 
ATOM   82  C C   . ARG A 1 11 ? -7.795  5.767   4.653   1.00 51.27  ? 263 ARG A C   1 
ATOM   83  O O   . ARG A 1 11 ? -8.286  6.901   4.653   1.00 52.05  ? 263 ARG A O   1 
ATOM   84  C CB  . ARG A 1 11 ? -7.238  4.608   6.838   1.00 53.88  ? 263 ARG A CB  1 
ATOM   85  C CG  . ARG A 1 11 ? -6.768  5.901   7.457   1.00 63.95  ? 263 ARG A CG  1 
ATOM   86  C CD  . ARG A 1 11 ? -7.901  6.818   7.867   1.00 72.67  ? 263 ARG A CD  1 
ATOM   87  N NE  . ARG A 1 11 ? -7.399  7.886   8.727   1.00 81.21  ? 263 ARG A NE  1 
ATOM   88  C CZ  . ARG A 1 11 ? -7.803  9.151   8.675   1.00 82.55  ? 263 ARG A CZ  1 
ATOM   89  N NH1 . ARG A 1 11 ? -8.716  9.527   7.788   1.00 84.96  ? 263 ARG A NH1 1 
ATOM   90  N NH2 . ARG A 1 11 ? -7.283  10.045  9.508   1.00 77.53  ? 263 ARG A NH2 1 
ATOM   91  N N   . ILE A 1 12 ? -6.879  5.404   3.755   1.00 51.19  ? 264 ILE A N   1 
ATOM   92  C CA  . ILE A 1 12 ? -6.480  6.352   2.717   1.00 42.17  ? 264 ILE A CA  1 
ATOM   93  C C   . ILE A 1 12 ? -7.333  6.133   1.472   1.00 53.33  ? 264 ILE A C   1 
ATOM   94  O O   . ILE A 1 12 ? -7.030  6.662   0.396   1.00 56.49  ? 264 ILE A O   1 
ATOM   95  C CB  . ILE A 1 12 ? -4.979  6.253   2.388   1.00 44.01  ? 264 ILE A CB  1 
ATOM   96  C CG1 . ILE A 1 12 ? -4.655  4.939   1.693   1.00 38.39  ? 264 ILE A CG1 1 
ATOM   97  C CG2 . ILE A 1 12 ? -4.149  6.364   3.638   1.00 46.32  ? 264 ILE A CG2 1 
ATOM   98  C CD1 . ILE A 1 12 ? -3.208  4.855   1.314   1.00 43.71  ? 264 ILE A CD1 1 
ATOM   99  N N   . GLY A 1 13 ? -8.406  5.356   1.613   1.00 50.09  ? 265 GLY A N   1 
ATOM   100 C CA  . GLY A 1 13 ? -9.413  5.232   0.576   1.00 61.07  ? 265 GLY A CA  1 
ATOM   101 C C   . GLY A 1 13 ? -9.027  4.423   -0.641  1.00 58.46  ? 265 GLY A C   1 
ATOM   102 O O   . GLY A 1 13 ? -9.687  4.530   -1.675  1.00 58.08  ? 265 GLY A O   1 
ATOM   103 N N   . LEU A 1 14 ? -7.989  3.602   -0.558  1.00 56.50  ? 266 LEU A N   1 
ATOM   104 C CA  . LEU A 1 14 ? -7.528  2.841   -1.711  1.00 50.67  ? 266 LEU A CA  1 
ATOM   105 C C   . LEU A 1 14 ? -7.750  1.344   -1.534  1.00 46.14  ? 266 LEU A C   1 
ATOM   106 O O   . LEU A 1 14 ? -6.939  0.530   -1.983  1.00 49.48  ? 266 LEU A O   1 
ATOM   107 C CB  . LEU A 1 14 ? -6.057  3.130   -1.995  1.00 48.18  ? 266 LEU A CB  1 
ATOM   108 C CG  . LEU A 1 14 ? -5.764  4.561   -2.448  1.00 46.28  ? 266 LEU A CG  1 
ATOM   109 C CD1 . LEU A 1 14 ? -4.278  4.866   -2.362  1.00 38.64  ? 266 LEU A CD1 1 
ATOM   110 C CD2 . LEU A 1 14 ? -6.264  4.763   -3.867  1.00 60.70  ? 266 LEU A CD2 1 
ATOM   111 N N   . GLU A 1 15 ? -8.861  0.955   -0.902  1.00 50.10  ? 267 GLU A N   1 
ATOM   112 C CA  . GLU A 1 15 ? -9.103  -0.468  -0.701  1.00 59.49  ? 267 GLU A CA  1 
ATOM   113 C C   . GLU A 1 15 ? -9.232  -1.205  -2.023  1.00 57.19  ? 267 GLU A C   1 
ATOM   114 O O   . GLU A 1 15 ? -9.079  -2.430  -2.055  1.00 74.76  ? 267 GLU A O   1 
ATOM   115 C CB  . GLU A 1 15 ? -10.343 -0.697  0.172   1.00 63.92  ? 267 GLU A CB  1 
ATOM   116 C CG  . GLU A 1 15 ? -11.597 -0.004  -0.315  1.00 83.27  ? 267 GLU A CG  1 
ATOM   117 C CD  . GLU A 1 15 ? -11.701 1.433   0.156   1.00 89.84  ? 267 GLU A CD  1 
ATOM   118 O OE1 . GLU A 1 15 ? -11.601 1.672   1.374   1.00 92.32  ? 267 GLU A OE1 1 
ATOM   119 O OE2 . GLU A 1 15 ? -11.873 2.328   -0.696  1.00 96.40  ? 267 GLU A OE2 1 
ATOM   120 N N   . GLU A 1 16 ? -9.444  -0.480  -3.122  1.00 52.46  ? 268 GLU A N   1 
ATOM   121 C CA  A GLU A 1 16 ? -9.563  -1.123  -4.424  0.30 58.75  ? 268 GLU A CA  1 
ATOM   122 C CA  B GLU A 1 16 ? -9.556  -1.111  -4.433  0.70 60.40  ? 268 GLU A CA  1 
ATOM   123 C C   . GLU A 1 16 ? -8.295  -1.867  -4.821  1.00 56.20  ? 268 GLU A C   1 
ATOM   124 O O   . GLU A 1 16 ? -8.347  -2.734  -5.699  1.00 68.36  ? 268 GLU A O   1 
ATOM   125 C CB  A GLU A 1 16 ? -9.908  -0.086  -5.490  0.30 57.04  ? 268 GLU A CB  1 
ATOM   126 C CB  B GLU A 1 16 ? -9.875  -0.065  -5.505  0.70 57.88  ? 268 GLU A CB  1 
ATOM   127 C CG  A GLU A 1 16 ? -10.926 0.941   -5.029  0.30 60.21  ? 268 GLU A CG  1 
ATOM   128 C CG  B GLU A 1 16 ? -8.960  1.145   -5.527  0.70 46.20  ? 268 GLU A CG  1 
ATOM   129 C CD  A GLU A 1 16 ? -10.273 2.188   -4.483  0.30 42.42  ? 268 GLU A CD  1 
ATOM   130 C CD  B GLU A 1 16 ? -9.333  2.131   -6.618  0.70 48.26  ? 268 GLU A CD  1 
ATOM   131 O OE1 A GLU A 1 16 ? -9.667  2.927   -5.283  0.30 51.88  ? 268 GLU A OE1 1 
ATOM   132 O OE1 B GLU A 1 16 ? -8.679  2.144   -7.682  0.70 46.23  ? 268 GLU A OE1 1 
ATOM   133 O OE2 A GLU A 1 16 ? -10.349 2.416   -3.261  0.30 43.41  ? 268 GLU A OE2 1 
ATOM   134 O OE2 B GLU A 1 16 ? -10.292 2.896   -6.410  0.70 55.47  ? 268 GLU A OE2 1 
ATOM   135 N N   . HIS A 1 17 ? -7.172  -1.562  -4.199  1.00 47.14  ? 269 HIS A N   1 
ATOM   136 C CA  . HIS A 1 17 ? -5.927  -2.217  -4.547  1.00 55.61  ? 269 HIS A CA  1 
ATOM   137 C C   . HIS A 1 17 ? -5.607  -3.382  -3.633  1.00 57.81  ? 269 HIS A C   1 
ATOM   138 O O   . HIS A 1 17 ? -4.629  -4.093  -3.888  1.00 57.21  ? 269 HIS A O   1 
ATOM   139 C CB  . HIS A 1 17 ? -4.780  -1.207  -4.514  1.00 50.70  ? 269 HIS A CB  1 
ATOM   140 C CG  . HIS A 1 17 ? -4.946  -0.080  -5.485  1.00 54.92  ? 269 HIS A CG  1 
ATOM   141 N ND1 . HIS A 1 17 ? -4.998  -0.275  -6.846  1.00 46.22  ? 269 HIS A ND1 1 
ATOM   142 C CD2 . HIS A 1 17 ? -5.070  1.254   -5.289  1.00 48.05  ? 269 HIS A CD2 1 
ATOM   143 C CE1 . HIS A 1 17 ? -5.155  0.890   -7.448  1.00 56.75  ? 269 HIS A CE1 1 
ATOM   144 N NE2 . HIS A 1 17 ? -5.203  1.834   -6.525  1.00 51.63  ? 269 HIS A NE2 1 
ATOM   145 N N   . THR A 1 18 ? -6.410  -3.588  -2.585  1.00 43.47  ? 270 THR A N   1 
ATOM   146 C CA  . THR A 1 18 ? -6.132  -4.645  -1.616  1.00 45.01  ? 270 THR A CA  1 
ATOM   147 C C   . THR A 1 18 ? -5.858  -5.960  -2.315  1.00 47.63  ? 270 THR A C   1 
ATOM   148 O O   . THR A 1 18 ? -4.798  -6.572  -2.134  1.00 47.02  ? 270 THR A O   1 
ATOM   149 C CB  . THR A 1 18 ? -7.316  -4.820  -0.667  1.00 47.69  ? 270 THR A CB  1 
ATOM   150 O OG1 . THR A 1 18 ? -7.641  -3.575  -0.047  1.00 57.26  ? 270 THR A OG1 1 
ATOM   151 C CG2 . THR A 1 18 ? -6.984  -5.837  0.412   1.00 53.64  ? 270 THR A CG2 1 
ATOM   152 N N   . SER A 1 19 ? -6.800  -6.386  -3.155  1.00 47.62  ? 271 SER A N   1 
ATOM   153 C CA  . SER A 1 19 ? -6.686  -7.682  -3.807  1.00 57.02  ? 271 SER A CA  1 
ATOM   154 C C   . SER A 1 19 ? -5.441  -7.749  -4.682  1.00 53.98  ? 271 SER A C   1 
ATOM   155 O O   . SER A 1 19 ? -4.783  -8.793  -4.753  1.00 67.46  ? 271 SER A O   1 
ATOM   156 C CB  . SER A 1 19 ? -7.955  -7.967  -4.610  1.00 55.57  ? 271 SER A CB  1 
ATOM   157 O OG  . SER A 1 19 ? -9.078  -8.073  -3.741  1.00 85.78  ? 271 SER A OG  1 
ATOM   158 N N   . THR A 1 20 ? -5.086  -6.642  -5.336  1.00 55.52  ? 272 THR A N   1 
ATOM   159 C CA  . THR A 1 20 ? -3.834  -6.619  -6.089  1.00 60.92  ? 272 THR A CA  1 
ATOM   160 C C   . THR A 1 20 ? -2.648  -6.889  -5.171  1.00 55.39  ? 272 THR A C   1 
ATOM   161 O O   . THR A 1 20 ? -1.894  -7.850  -5.366  1.00 58.56  ? 272 THR A O   1 
ATOM   162 C CB  . THR A 1 20 ? -3.668  -5.273  -6.790  1.00 62.67  ? 272 THR A CB  1 
ATOM   163 O OG1 . THR A 1 20 ? -4.805  -5.028  -7.631  1.00 73.93  ? 272 THR A OG1 1 
ATOM   164 C CG2 . THR A 1 20 ? -2.384  -5.258  -7.615  1.00 57.11  ? 272 THR A CG2 1 
ATOM   165 N N   . LEU A 1 21 ? -2.522  -6.092  -4.110  1.00 61.28  ? 273 LEU A N   1 
ATOM   166 C CA  . LEU A 1 21 ? -1.317  -6.135  -3.296  1.00 46.44  ? 273 LEU A CA  1 
ATOM   167 C C   . LEU A 1 21 ? -1.097  -7.522  -2.710  1.00 55.21  ? 273 LEU A C   1 
ATOM   168 O O   . LEU A 1 21 ? 0.005   -8.077  -2.799  1.00 56.86  ? 273 LEU A O   1 
ATOM   169 C CB  . LEU A 1 21 ? -1.424  -5.097  -2.196  1.00 39.67  ? 273 LEU A CB  1 
ATOM   170 C CG  . LEU A 1 21 ? -1.414  -3.703  -2.809  1.00 42.56  ? 273 LEU A CG  1 
ATOM   171 C CD1 . LEU A 1 21 ? -1.835  -2.663  -1.809  1.00 37.25  ? 273 LEU A CD1 1 
ATOM   172 C CD2 . LEU A 1 21 ? -0.034  -3.411  -3.288  1.00 41.16  ? 273 LEU A CD2 1 
ATOM   173 N N   . LEU A 1 22 ? -2.147  -8.107  -2.120  1.00 50.34  ? 274 LEU A N   1 
ATOM   174 C CA  . LEU A 1 22 ? -1.992  -9.390  -1.442  1.00 56.90  ? 274 LEU A CA  1 
ATOM   175 C C   . LEU A 1 22 ? -1.634  -10.493 -2.413  1.00 48.39  ? 274 LEU A C   1 
ATOM   176 O O   . LEU A 1 22 ? -0.936  -11.446 -2.038  1.00 65.87  ? 274 LEU A O   1 
ATOM   177 C CB  . LEU A 1 22 ? -3.259  -9.758  -0.672  1.00 49.37  ? 274 LEU A CB  1 
ATOM   178 C CG  . LEU A 1 22 ? -4.540  -10.160 -1.398  1.00 63.12  ? 274 LEU A CG  1 
ATOM   179 C CD1 . LEU A 1 22 ? -4.609  -11.659 -1.758  1.00 61.38  ? 274 LEU A CD1 1 
ATOM   180 C CD2 . LEU A 1 22 ? -5.706  -9.794  -0.512  1.00 73.76  ? 274 LEU A CD2 1 
ATOM   181 N N   . LEU A 1 23 ? -2.074  -10.386 -3.667  1.00 54.25  ? 275 LEU A N   1 
ATOM   182 C CA  . LEU A 1 23 ? -1.705  -11.481 -4.547  1.00 62.74  ? 275 LEU A CA  1 
ATOM   183 C C   . LEU A 1 23 ? -0.244  -11.411 -4.945  1.00 61.59  ? 275 LEU A C   1 
ATOM   184 O O   . LEU A 1 23 ? 0.260   -12.372 -5.525  1.00 57.49  ? 275 LEU A O   1 
ATOM   185 C CB  . LEU A 1 23 ? -2.589  -11.500 -5.791  1.00 51.16  ? 275 LEU A CB  1 
ATOM   186 C CG  . LEU A 1 23 ? -3.982  -12.112 -5.664  1.00 59.05  ? 275 LEU A CG  1 
ATOM   187 C CD1 . LEU A 1 23 ? -4.837  -11.571 -6.790  1.00 55.05  ? 275 LEU A CD1 1 
ATOM   188 C CD2 . LEU A 1 23 ? -3.930  -13.632 -5.739  1.00 57.17  ? 275 LEU A CD2 1 
ATOM   189 N N   . ASN A 1 24 ? 0.449   -10.316 -4.627  1.00 51.26  ? 276 ASN A N   1 
ATOM   190 C CA  . ASN A 1 24 ? 1.850   -10.139 -4.999  1.00 56.50  ? 276 ASN A CA  1 
ATOM   191 C C   . ASN A 1 24 ? 2.696   -9.763  -3.795  1.00 65.01  ? 276 ASN A C   1 
ATOM   192 O O   . ASN A 1 24 ? 3.530   -8.854  -3.868  1.00 62.43  ? 276 ASN A O   1 
ATOM   193 C CB  . ASN A 1 24 ? 2.008   -9.086  -6.088  1.00 51.85  ? 276 ASN A CB  1 
ATOM   194 C CG  . ASN A 1 24 ? 0.902   -9.135  -7.094  1.00 66.81  ? 276 ASN A CG  1 
ATOM   195 O OD1 . ASN A 1 24 ? 0.978   -9.866  -8.078  1.00 76.31  ? 276 ASN A OD1 1 
ATOM   196 N ND2 . ASN A 1 24 ? -0.149  -8.354  -6.857  1.00 87.86  ? 276 ASN A ND2 1 
ATOM   197 N N   . GLY A 1 25 ? 2.471   -10.424 -2.658  1.00 53.05  ? 277 GLY A N   1 
ATOM   198 C CA  . GLY A 1 25 ? 3.400   -10.369 -1.552  1.00 56.44  ? 277 GLY A CA  1 
ATOM   199 C C   . GLY A 1 25 ? 3.132   -9.307  -0.515  1.00 66.78  ? 277 GLY A C   1 
ATOM   200 O O   . GLY A 1 25 ? 3.926   -9.170  0.423   1.00 85.24  ? 277 GLY A O   1 
ATOM   201 N N   . TYR A 1 26 ? 2.058   -8.538  -0.655  1.00 46.74  ? 278 TYR A N   1 
ATOM   202 C CA  . TYR A 1 26 ? 1.705   -7.502  0.304   1.00 50.18  ? 278 TYR A CA  1 
ATOM   203 C C   . TYR A 1 26 ? 0.447   -7.931  1.051   1.00 56.85  ? 278 TYR A C   1 
ATOM   204 O O   . TYR A 1 26 ? -0.665  -7.511  0.732   1.00 55.56  ? 278 TYR A O   1 
ATOM   205 C CB  . TYR A 1 26 ? 1.524   -6.201  -0.406  1.00 44.37  ? 278 TYR A CB  1 
ATOM   206 C CG  . TYR A 1 26 ? 2.791   -5.775  -1.084  1.00 46.05  ? 278 TYR A CG  1 
ATOM   207 C CD1 . TYR A 1 26 ? 3.837   -5.231  -0.350  1.00 41.88  ? 278 TYR A CD1 1 
ATOM   208 C CD2 . TYR A 1 26 ? 2.979   -5.976  -2.445  1.00 60.26  ? 278 TYR A CD2 1 
ATOM   209 C CE1 . TYR A 1 26 ? 5.022   -4.860  -0.953  1.00 49.27  ? 278 TYR A CE1 1 
ATOM   210 C CE2 . TYR A 1 26 ? 4.171   -5.605  -3.060  1.00 58.97  ? 278 TYR A CE2 1 
ATOM   211 C CZ  . TYR A 1 26 ? 5.184   -5.042  -2.305  1.00 57.62  ? 278 TYR A CZ  1 
ATOM   212 O OH  . TYR A 1 26 ? 6.365   -4.666  -2.893  1.00 74.69  ? 278 TYR A OH  1 
ATOM   213 N N   . GLN A 1 27 ? 0.639   -8.735  2.097   1.00 47.09  ? 279 GLN A N   1 
ATOM   214 C CA  . GLN A 1 27 ? -0.475  -9.197  2.919   1.00 47.28  ? 279 GLN A CA  1 
ATOM   215 C C   . GLN A 1 27 ? -0.579  -8.487  4.270   1.00 58.26  ? 279 GLN A C   1 
ATOM   216 O O   . GLN A 1 27 ? -1.685  -8.352  4.801   1.00 61.22  ? 279 GLN A O   1 
ATOM   217 C CB  . GLN A 1 27 ? -0.371  -10.713 3.148   1.00 53.03  ? 279 GLN A CB  1 
ATOM   218 C CG  . GLN A 1 27 ? -0.145  -11.525 1.874   1.00 54.58  ? 279 GLN A CG  1 
ATOM   219 C CD  . GLN A 1 27 ? 0.113   -12.994 2.158   1.00 65.12  ? 279 GLN A CD  1 
ATOM   220 O OE1 . GLN A 1 27 ? -0.261  -13.508 3.217   1.00 63.87  ? 279 GLN A OE1 1 
ATOM   221 N NE2 . GLN A 1 27 ? 0.774   -13.675 1.216   1.00 64.43  ? 279 GLN A NE2 1 
ATOM   222 N N   . THR A 1 28 ? 0.528   -8.029  4.840   1.00 51.48  ? 280 THR A N   1 
ATOM   223 C CA  . THR A 1 28 ? 0.522   -7.402  6.149   1.00 52.05  ? 280 THR A CA  1 
ATOM   224 C C   . THR A 1 28 ? 1.084   -5.993  6.043   1.00 56.35  ? 280 THR A C   1 
ATOM   225 O O   . THR A 1 28 ? 1.709   -5.624  5.053   1.00 48.73  ? 280 THR A O   1 
ATOM   226 C CB  . THR A 1 28 ? 1.364   -8.198  7.136   1.00 56.81  ? 280 THR A CB  1 
ATOM   227 O OG1 . THR A 1 28 ? 2.741   -8.027  6.788   1.00 63.43  ? 280 THR A OG1 1 
ATOM   228 C CG2 . THR A 1 28 ? 1.023   -9.665  7.046   1.00 60.44  ? 280 THR A CG2 1 
ATOM   229 N N   . LEU A 1 29 ? 0.864   -5.197  7.087   1.00 49.76  ? 281 LEU A N   1 
ATOM   230 C CA  . LEU A 1 29 ? 1.529   -3.902  7.152   1.00 47.54  ? 281 LEU A CA  1 
ATOM   231 C C   . LEU A 1 29 ? 3.045   -4.068  7.133   1.00 59.31  ? 281 LEU A C   1 
ATOM   232 O O   . LEU A 1 29 ? 3.759   -3.246  6.542   1.00 56.47  ? 281 LEU A O   1 
ATOM   233 C CB  . LEU A 1 29 ? 1.063   -3.151  8.396   1.00 55.90  ? 281 LEU A CB  1 
ATOM   234 C CG  . LEU A 1 29 ? -0.458  -3.087  8.576   1.00 52.25  ? 281 LEU A CG  1 
ATOM   235 C CD1 . LEU A 1 29 ? -0.801  -2.612  9.967   1.00 66.23  ? 281 LEU A CD1 1 
ATOM   236 C CD2 . LEU A 1 29 ? -1.056  -2.151  7.572   1.00 63.64  ? 281 LEU A CD2 1 
ATOM   237 N N   . GLU A 1 30 ? 3.548   -5.149  7.733   1.00 69.45  ? 282 GLU A N   1 
ATOM   238 C CA  . GLU A 1 30 ? 4.983   -5.418  7.718   1.00 64.46  ? 282 GLU A CA  1 
ATOM   239 C C   . GLU A 1 30 ? 5.497   -5.559  6.293   1.00 60.36  ? 282 GLU A C   1 
ATOM   240 O O   . GLU A 1 30 ? 6.530   -4.988  5.932   1.00 67.31  ? 282 GLU A O   1 
ATOM   241 C CB  . GLU A 1 30 ? 5.280   -6.675  8.532   1.00 84.32  ? 282 GLU A CB  1 
ATOM   242 C CG  . GLU A 1 30 ? 6.453   -6.508  9.463   1.00 102.08 ? 282 GLU A CG  1 
ATOM   243 C CD  . GLU A 1 30 ? 6.294   -5.305  10.370  1.00 105.16 ? 282 GLU A CD  1 
ATOM   244 O OE1 . GLU A 1 30 ? 5.181   -5.100  10.900  1.00 110.90 ? 282 GLU A OE1 1 
ATOM   245 O OE2 . GLU A 1 30 ? 7.279   -4.558  10.547  1.00 103.41 ? 282 GLU A OE2 1 
ATOM   246 N N   . ASP A 1 31 ? 4.773   -6.309  5.461   1.00 60.85  ? 283 ASP A N   1 
ATOM   247 C CA  . ASP A 1 31 ? 5.128   -6.411  4.050   1.00 67.41  ? 283 ASP A CA  1 
ATOM   248 C C   . ASP A 1 31 ? 5.015   -5.058  3.370   1.00 62.08  ? 283 ASP A C   1 
ATOM   249 O O   . ASP A 1 31 ? 5.861   -4.689  2.550   1.00 50.71  ? 283 ASP A O   1 
ATOM   250 C CB  . ASP A 1 31 ? 4.214   -7.419  3.346   1.00 57.17  ? 283 ASP A CB  1 
ATOM   251 C CG  . ASP A 1 31 ? 4.413   -8.839  3.833   1.00 73.38  ? 283 ASP A CG  1 
ATOM   252 O OD1 . ASP A 1 31 ? 5.563   -9.322  3.773   1.00 82.01  ? 283 ASP A OD1 1 
ATOM   253 O OD2 . ASP A 1 31 ? 3.417   -9.467  4.265   1.00 72.62  ? 283 ASP A OD2 1 
ATOM   254 N N   . PHE A 1 32 ? 3.966   -4.308  3.704   1.00 61.72  ? 284 PHE A N   1 
ATOM   255 C CA  . PHE A 1 32 ? 3.673   -3.062  3.012   1.00 52.32  ? 284 PHE A CA  1 
ATOM   256 C C   . PHE A 1 32 ? 4.765   -2.034  3.241   1.00 41.54  ? 284 PHE A C   1 
ATOM   257 O O   . PHE A 1 32 ? 4.992   -1.172  2.387   1.00 57.78  ? 284 PHE A O   1 
ATOM   258 C CB  . PHE A 1 32 ? 2.311   -2.536  3.470   1.00 52.99  ? 284 PHE A CB  1 
ATOM   259 C CG  . PHE A 1 32 ? 1.832   -1.324  2.717   1.00 43.37  ? 284 PHE A CG  1 
ATOM   260 C CD1 . PHE A 1 32 ? 1.212   -1.454  1.499   1.00 50.01  ? 284 PHE A CD1 1 
ATOM   261 C CD2 . PHE A 1 32 ? 1.980   -0.060  3.248   1.00 47.95  ? 284 PHE A CD2 1 
ATOM   262 C CE1 . PHE A 1 32 ? 0.761   -0.345  0.821   1.00 53.36  ? 284 PHE A CE1 1 
ATOM   263 C CE2 . PHE A 1 32 ? 1.528   1.047   2.578   1.00 52.06  ? 284 PHE A CE2 1 
ATOM   264 C CZ  . PHE A 1 32 ? 0.921   0.907   1.363   1.00 51.59  ? 284 PHE A CZ  1 
ATOM   265 N N   . LYS A 1 33 ? 5.462   -2.119  4.372   1.00 60.26  ? 285 LYS A N   1 
ATOM   266 C CA  . LYS A 1 33 ? 6.586   -1.216  4.592   1.00 60.12  ? 285 LYS A CA  1 
ATOM   267 C C   . LYS A 1 33 ? 7.658   -1.346  3.506   1.00 66.61  ? 285 LYS A C   1 
ATOM   268 O O   . LYS A 1 33 ? 8.407   -0.392  3.274   1.00 62.05  ? 285 LYS A O   1 
ATOM   269 C CB  . LYS A 1 33 ? 7.199   -1.457  5.981   1.00 62.13  ? 285 LYS A CB  1 
ATOM   270 C CG  . LYS A 1 33 ? 6.256   -1.190  7.157   1.00 61.19  ? 285 LYS A CG  1 
ATOM   271 C CD  . LYS A 1 33 ? 6.946   -1.379  8.520   1.00 78.57  ? 285 LYS A CD  1 
ATOM   272 C CE  . LYS A 1 33 ? 5.940   -1.389  9.695   1.00 69.16  ? 285 LYS A CE  1 
ATOM   273 N NZ  . LYS A 1 33 ? 6.536   -1.685  11.047  1.00 68.65  ? 285 LYS A NZ  1 
ATOM   274 N N   . GLU A 1 34 ? 7.735   -2.486  2.820   1.00 67.86  ? 286 GLU A N   1 
ATOM   275 C CA  . GLU A 1 34 ? 8.768   -2.739  1.823   1.00 64.94  ? 286 GLU A CA  1 
ATOM   276 C C   . GLU A 1 34 ? 8.391   -2.237  0.430   1.00 67.87  ? 286 GLU A C   1 
ATOM   277 O O   . GLU A 1 34 ? 9.141   -2.477  -0.520  1.00 72.01  ? 286 GLU A O   1 
ATOM   278 C CB  . GLU A 1 34 ? 9.078   -4.239  1.752   1.00 82.94  ? 286 GLU A CB  1 
ATOM   279 C CG  . GLU A 1 34 ? 9.064   -4.969  3.081   0.00 96.39  ? 286 GLU A CG  1 
ATOM   280 C CD  . GLU A 1 34 ? 8.965   -6.472  2.900   0.00 106.58 ? 286 GLU A CD  1 
ATOM   281 O OE1 . GLU A 1 34 ? 8.599   -6.912  1.788   0.00 106.93 ? 286 GLU A OE1 1 
ATOM   282 O OE2 . GLU A 1 34 ? 9.255   -7.211  3.863   0.00 113.81 ? 286 GLU A OE2 1 
ATOM   283 N N   . LEU A 1 35 ? 7.246   -1.570  0.285   1.00 53.37  ? 287 LEU A N   1 
ATOM   284 C CA  . LEU A 1 35 ? 6.775   -1.138  -1.025  1.00 57.15  ? 287 LEU A CA  1 
ATOM   285 C C   . LEU A 1 35 ? 7.661   -0.043  -1.613  1.00 65.04  ? 287 LEU A C   1 
ATOM   286 O O   . LEU A 1 35 ? 8.142   0.842   -0.898  1.00 83.34  ? 287 LEU A O   1 
ATOM   287 C CB  . LEU A 1 35 ? 5.340   -0.627  -0.911  1.00 57.08  ? 287 LEU A CB  1 
ATOM   288 C CG  . LEU A 1 35 ? 4.644   -0.324  -2.229  1.00 48.53  ? 287 LEU A CG  1 
ATOM   289 C CD1 . LEU A 1 35 ? 4.248   -1.616  -2.930  1.00 49.49  ? 287 LEU A CD1 1 
ATOM   290 C CD2 . LEU A 1 35 ? 3.452   0.559   -1.995  1.00 48.91  ? 287 LEU A CD2 1 
ATOM   291 N N   . ARG A 1 36 ? 7.882   -0.101  -2.925  1.00 55.25  ? 288 ARG A N   1 
ATOM   292 C CA  . ARG A 1 36 ? 8.472   1.030   -3.631  1.00 87.72  ? 288 ARG A CA  1 
ATOM   293 C C   . ARG A 1 36 ? 7.901   1.108   -5.048  1.00 87.68  ? 288 ARG A C   1 
ATOM   294 O O   . ARG A 1 36 ? 7.140   0.241   -5.488  1.00 78.54  ? 288 ARG A O   1 
ATOM   295 C CB  . ARG A 1 36 ? 10.001  0.969   -3.637  1.00 104.60 ? 288 ARG A CB  1 
ATOM   296 C CG  . ARG A 1 36 ? 10.638  2.358   -3.694  1.00 114.80 ? 288 ARG A CG  1 
ATOM   297 C CD  . ARG A 1 36 ? 12.097  2.297   -4.093  1.00 132.80 ? 288 ARG A CD  1 
ATOM   298 N NE  . ARG A 1 36 ? 12.352  1.225   -5.048  1.00 132.62 ? 288 ARG A NE  1 
ATOM   299 C CZ  . ARG A 1 36 ? 12.046  1.277   -6.340  1.00 114.74 ? 288 ARG A CZ  1 
ATOM   300 N NH1 . ARG A 1 36 ? 11.458  2.350   -6.853  1.00 105.45 ? 288 ARG A NH1 1 
ATOM   301 N NH2 . ARG A 1 36 ? 12.324  0.245   -7.114  1.00 107.67 ? 288 ARG A NH2 1 
ATOM   302 N N   . GLU A 1 37 ? 8.300   2.162   -5.764  1.00 87.53  ? 289 GLU A N   1 
ATOM   303 C CA  . GLU A 1 37 ? 7.559   2.621   -6.935  1.00 78.00  ? 289 GLU A CA  1 
ATOM   304 C C   . GLU A 1 37 ? 7.483   1.555   -8.027  1.00 67.14  ? 289 GLU A C   1 
ATOM   305 O O   . GLU A 1 37 ? 6.425   1.335   -8.632  1.00 70.94  ? 289 GLU A O   1 
ATOM   306 C CB  . GLU A 1 37 ? 8.212   3.901   -7.465  1.00 82.26  ? 289 GLU A CB  1 
ATOM   307 C CG  . GLU A 1 37 ? 7.246   4.853   -8.139  1.00 84.79  ? 289 GLU A CG  1 
ATOM   308 C CD  . GLU A 1 37 ? 7.900   6.137   -8.587  1.00 89.09  ? 289 GLU A CD  1 
ATOM   309 O OE1 . GLU A 1 37 ? 9.128   6.270   -8.396  1.00 88.61  ? 289 GLU A OE1 1 
ATOM   310 O OE2 . GLU A 1 37 ? 7.183   7.009   -9.130  1.00 93.23  ? 289 GLU A OE2 1 
ATOM   311 N N   . THR A 1 38 ? 8.601   0.897   -8.313  1.00 67.12  ? 290 THR A N   1 
ATOM   312 C CA  . THR A 1 38 ? 8.624   0.000   -9.459  1.00 74.35  ? 290 THR A CA  1 
ATOM   313 C C   . THR A 1 38 ? 7.696   -1.189  -9.258  1.00 74.15  ? 290 THR A C   1 
ATOM   314 O O   . THR A 1 38 ? 7.209   -1.768  -10.238 1.00 64.56  ? 290 THR A O   1 
ATOM   315 C CB  . THR A 1 38 ? 10.051  -0.445  -9.729  1.00 87.50  ? 290 THR A CB  1 
ATOM   316 O OG1 . THR A 1 38 ? 10.546  -1.103  -8.563  1.00 98.63  ? 290 THR A OG1 1 
ATOM   317 C CG2 . THR A 1 38 ? 10.938  0.766   -10.039 1.00 89.78  ? 290 THR A CG2 1 
ATOM   318 N N   . HIS A 1 39 ? 7.425   -1.557  -8.001  1.00 77.22  ? 291 HIS A N   1 
ATOM   319 C CA  . HIS A 1 39 ? 6.389   -2.552  -7.747  1.00 62.69  ? 291 HIS A CA  1 
ATOM   320 C C   . HIS A 1 39 ? 5.027   -2.024  -8.162  1.00 59.64  ? 291 HIS A C   1 
ATOM   321 O O   . HIS A 1 39 ? 4.192   -2.776  -8.671  1.00 62.83  ? 291 HIS A O   1 
ATOM   322 C CB  . HIS A 1 39 ? 6.352   -2.949  -6.276  1.00 74.25  ? 291 HIS A CB  1 
ATOM   323 C CG  . HIS A 1 39 ? 7.697   -3.147  -5.656  1.00 93.69  ? 291 HIS A CG  1 
ATOM   324 N ND1 . HIS A 1 39 ? 8.378   -2.133  -5.015  1.00 94.42  ? 291 HIS A ND1 1 
ATOM   325 C CD2 . HIS A 1 39 ? 8.475   -4.250  -5.548  1.00 98.48  ? 291 HIS A CD2 1 
ATOM   326 C CE1 . HIS A 1 39 ? 9.524   -2.599  -4.552  1.00 98.58  ? 291 HIS A CE1 1 
ATOM   327 N NE2 . HIS A 1 39 ? 9.608   -3.880  -4.862  1.00 102.56 ? 291 HIS A NE2 1 
ATOM   328 N N   . LEU A 1 40 ? 4.770   -0.739  -7.933  1.00 56.91  ? 292 LEU A N   1 
ATOM   329 C CA  . LEU A 1 40 ? 3.509   -0.178  -8.394  1.00 56.35  ? 292 LEU A CA  1 
ATOM   330 C C   . LEU A 1 40 ? 3.431   -0.234  -9.908  1.00 60.24  ? 292 LEU A C   1 
ATOM   331 O O   . LEU A 1 40 ? 2.370   -0.534  -10.467 1.00 60.49  ? 292 LEU A O   1 
ATOM   332 C CB  . LEU A 1 40 ? 3.349   1.256   -7.895  1.00 58.06  ? 292 LEU A CB  1 
ATOM   333 C CG  . LEU A 1 40 ? 3.248   1.420   -6.381  1.00 50.32  ? 292 LEU A CG  1 
ATOM   334 C CD1 . LEU A 1 40 ? 3.080   2.891   -6.040  1.00 53.45  ? 292 LEU A CD1 1 
ATOM   335 C CD2 . LEU A 1 40 ? 2.083   0.601   -5.871  1.00 56.84  ? 292 LEU A CD2 1 
ATOM   336 N N   . ASN A 1 41 ? 4.558   0.037   -10.584 1.00 65.85  ? 293 ASN A N   1 
ATOM   337 C CA  . ASN A 1 41 ? 4.617   -0.120  -12.037 1.00 61.02  ? 293 ASN A CA  1 
ATOM   338 C C   . ASN A 1 41 ? 4.262   -1.538  -12.439 1.00 61.38  ? 293 ASN A C   1 
ATOM   339 O O   . ASN A 1 41 ? 3.477   -1.758  -13.368 1.00 63.12  ? 293 ASN A O   1 
ATOM   340 C CB  . ASN A 1 41 ? 6.010   0.226   -12.565 1.00 60.97  ? 293 ASN A CB  1 
ATOM   341 C CG  . ASN A 1 41 ? 6.297   1.680   -12.489 1.00 60.42  ? 293 ASN A CG  1 
ATOM   342 O OD1 . ASN A 1 41 ? 5.408   2.465   -12.177 1.00 57.39  ? 293 ASN A OD1 1 
ATOM   343 N ND2 . ASN A 1 41 ? 7.530   2.067   -12.791 1.00 67.37  ? 293 ASN A ND2 1 
ATOM   344 N N   . GLU A 1 42 ? 4.843   -2.520  -11.750 1.00 72.93  ? 294 GLU A N   1 
ATOM   345 C CA  . GLU A 1 42 ? 4.583   -3.912  -12.094 1.00 80.09  ? 294 GLU A CA  1 
ATOM   346 C C   . GLU A 1 42 ? 3.130   -4.300  -11.826 1.00 72.63  ? 294 GLU A C   1 
ATOM   347 O O   . GLU A 1 42 ? 2.540   -5.072  -12.589 1.00 72.26  ? 294 GLU A O   1 
ATOM   348 C CB  . GLU A 1 42 ? 5.539   -4.819  -11.327 1.00 82.66  ? 294 GLU A CB  1 
ATOM   349 C CG  . GLU A 1 42 ? 6.985   -4.650  -11.740 1.00 84.48  ? 294 GLU A CG  1 
ATOM   350 C CD  . GLU A 1 42 ? 7.885   -5.678  -11.098 1.00 98.98  ? 294 GLU A CD  1 
ATOM   351 O OE1 . GLU A 1 42 ? 7.595   -6.079  -9.950  1.00 97.52  ? 294 GLU A OE1 1 
ATOM   352 O OE2 . GLU A 1 42 ? 8.871   -6.095  -11.744 1.00 110.45 ? 294 GLU A OE2 1 
ATOM   353 N N   . LEU A 1 43 ? 2.530   -3.759  -10.769 1.00 75.79  ? 295 LEU A N   1 
ATOM   354 C CA  . LEU A 1 43 ? 1.145   -4.052  -10.427 1.00 65.70  ? 295 LEU A CA  1 
ATOM   355 C C   . LEU A 1 43 ? 0.150   -3.230  -11.242 1.00 64.22  ? 295 LEU A C   1 
ATOM   356 O O   . LEU A 1 43 ? -1.052  -3.285  -10.971 1.00 57.90  ? 295 LEU A O   1 
ATOM   357 C CB  . LEU A 1 43 ? 0.918   -3.812  -8.934  1.00 48.73  ? 295 LEU A CB  1 
ATOM   358 C CG  . LEU A 1 43 ? 1.325   -4.859  -7.895  1.00 58.80  ? 295 LEU A CG  1 
ATOM   359 C CD1 . LEU A 1 43 ? 2.692   -5.435  -8.146  1.00 62.28  ? 295 LEU A CD1 1 
ATOM   360 C CD2 . LEU A 1 43 ? 1.307   -4.235  -6.534  1.00 56.69  ? 295 LEU A CD2 1 
ATOM   361 N N   . ASN A 1 44 ? 0.624   -2.472  -12.228 1.00 61.90  ? 296 ASN A N   1 
ATOM   362 C CA  . ASN A 1 44 ? -0.235  -1.614  -13.042 1.00 52.72  ? 296 ASN A CA  1 
ATOM   363 C C   . ASN A 1 44 ? -1.075  -0.687  -12.162 1.00 48.65  ? 296 ASN A C   1 
ATOM   364 O O   . ASN A 1 44 ? -2.238  -0.413  -12.457 1.00 59.70  ? 296 ASN A O   1 
ATOM   365 C CB  . ASN A 1 44 ? -1.127  -2.448  -13.971 1.00 54.77  ? 296 ASN A CB  1 
ATOM   366 C CG  . ASN A 1 44 ? -1.700  -1.638  -15.141 1.00 69.26  ? 296 ASN A CG  1 
ATOM   367 O OD1 . ASN A 1 44 ? -1.001  -0.849  -15.787 1.00 71.42  ? 296 ASN A OD1 1 
ATOM   368 N ND2 . ASN A 1 44 ? -2.985  -1.845  -15.419 1.00 72.57  ? 296 ASN A ND2 1 
ATOM   369 N N   . ILE A 1 45 ? -0.487  -0.215  -11.061 1.00 49.89  ? 297 ILE A N   1 
ATOM   370 C CA  . ILE A 1 45 ? -1.101  0.828   -10.228 1.00 48.75  ? 297 ILE A CA  1 
ATOM   371 C C   . ILE A 1 45 ? -0.491  2.144   -10.689 1.00 56.38  ? 297 ILE A C   1 
ATOM   372 O O   . ILE A 1 45 ? 0.504   2.623   -10.142 1.00 53.88  ? 297 ILE A O   1 
ATOM   373 C CB  . ILE A 1 45 ? -0.881  0.599   -8.736  1.00 45.90  ? 297 ILE A CB  1 
ATOM   374 C CG1 . ILE A 1 45 ? -1.280  -0.806  -8.331  1.00 46.72  ? 297 ILE A CG1 1 
ATOM   375 C CG2 . ILE A 1 45 ? -1.743  1.562   -7.930  1.00 38.74  ? 297 ILE A CG2 1 
ATOM   376 C CD1 . ILE A 1 45 ? -1.554  -0.929  -6.865  1.00 53.47  ? 297 ILE A CD1 1 
ATOM   377 N N   . MET A 1 46 ? -1.105  2.752   -11.697 1.00 57.59  ? 298 MET A N   1 
ATOM   378 C CA  . MET A 1 46 ? -0.463  3.829   -12.423 1.00 48.80  ? 298 MET A CA  1 
ATOM   379 C C   . MET A 1 46 ? -1.014  5.215   -12.103 1.00 53.98  ? 298 MET A C   1 
ATOM   380 O O   . MET A 1 46 ? -0.445  6.207   -12.569 1.00 64.10  ? 298 MET A O   1 
ATOM   381 C CB  . MET A 1 46 ? -0.567  3.566   -13.929 1.00 61.05  ? 298 MET A CB  1 
ATOM   382 C CG  . MET A 1 46 ? -0.171  2.156   -14.322 1.00 62.30  ? 298 MET A CG  1 
ATOM   383 S SD  . MET A 1 46 ? 1.549   1.798   -13.950 1.00 70.06  ? 298 MET A SD  1 
ATOM   384 C CE  . MET A 1 46 ? 2.325   2.327   -15.474 1.00 62.31  ? 298 MET A CE  1 
ATOM   385 N N   . ASP A 1 47 ? -2.095  5.322   -11.344 1.00 46.33  ? 299 ASP A N   1 
ATOM   386 C CA  . ASP A 1 47 ? -2.612  6.647   -10.989 1.00 51.39  ? 299 ASP A CA  1 
ATOM   387 C C   . ASP A 1 47 ? -1.609  7.366   -10.093 1.00 55.47  ? 299 ASP A C   1 
ATOM   388 O O   . ASP A 1 47 ? -1.282  6.857   -9.014  1.00 56.43  ? 299 ASP A O   1 
ATOM   389 C CB  . ASP A 1 47 ? -3.961  6.515   -10.292 1.00 45.13  ? 299 ASP A CB  1 
ATOM   390 C CG  . ASP A 1 47 ? -4.598  7.852   -9.979  1.00 63.51  ? 299 ASP A CG  1 
ATOM   391 O OD1 . ASP A 1 47 ? -3.886  8.870   -9.915  1.00 64.22  ? 299 ASP A OD1 1 
ATOM   392 O OD2 . ASP A 1 47 ? -5.829  7.879   -9.791  1.00 69.88  ? 299 ASP A OD2 1 
ATOM   393 N N   . PRO A 1 48 ? -1.094  8.531   -10.484 1.00 55.21  ? 300 PRO A N   1 
ATOM   394 C CA  . PRO A 1 48 ? -0.077  9.181   -9.643  1.00 65.88  ? 300 PRO A CA  1 
ATOM   395 C C   . PRO A 1 48 ? -0.592  9.521   -8.260  1.00 55.91  ? 300 PRO A C   1 
ATOM   396 O O   . PRO A 1 48 ? 0.179   9.478   -7.294  1.00 54.79  ? 300 PRO A O   1 
ATOM   397 C CB  . PRO A 1 48 ? 0.286   10.437  -10.443 1.00 54.37  ? 300 PRO A CB  1 
ATOM   398 C CG  . PRO A 1 48 ? -0.147  10.149  -11.819 1.00 52.92  ? 300 PRO A CG  1 
ATOM   399 C CD  . PRO A 1 48 ? -1.373  9.318   -11.690 1.00 50.05  ? 300 PRO A CD  1 
ATOM   400 N N   . GLN A 1 49 ? -1.882  9.846   -8.147  1.00 56.17  ? 301 GLN A N   1 
ATOM   401 C CA  . GLN A 1 49 ? -2.506  10.093  -6.851  1.00 54.00  ? 301 GLN A CA  1 
ATOM   402 C C   . GLN A 1 49 ? -2.450  8.851   -5.966  1.00 40.00  ? 301 GLN A C   1 
ATOM   403 O O   . GLN A 1 49 ? -2.016  8.907   -4.806  1.00 47.43  ? 301 GLN A O   1 
ATOM   404 C CB  . GLN A 1 49 ? -3.959  10.522  -7.067  1.00 47.71  ? 301 GLN A CB  1 
ATOM   405 C CG  . GLN A 1 49 ? -4.134  11.976  -7.442  1.00 61.92  ? 301 GLN A CG  1 
ATOM   406 C CD  . GLN A 1 49 ? -4.358  12.836  -6.226  1.00 68.33  ? 301 GLN A CD  1 
ATOM   407 O OE1 . GLN A 1 49 ? -5.045  12.431  -5.286  1.00 78.92  ? 301 GLN A OE1 1 
ATOM   408 N NE2 . GLN A 1 49 ? -3.765  14.022  -6.222  1.00 61.93  ? 301 GLN A NE2 1 
ATOM   409 N N   . HIS A 1 50 ? -2.951  7.729   -6.484  1.00 46.57  ? 302 HIS A N   1 
ATOM   410 C CA  . HIS A 1 50 ? -2.891  6.485   -5.738  1.00 39.63  ? 302 HIS A CA  1 
ATOM   411 C C   . HIS A 1 50 ? -1.469  6.192   -5.320  1.00 37.35  ? 302 HIS A C   1 
ATOM   412 O O   . HIS A 1 50 ? -1.214  5.838   -4.165  1.00 46.66  ? 302 HIS A O   1 
ATOM   413 C CB  . HIS A 1 50 ? -3.432  5.345   -6.587  1.00 38.44  ? 302 HIS A CB  1 
ATOM   414 C CG  . HIS A 1 50 ? -4.871  5.500   -6.932  1.00 49.94  ? 302 HIS A CG  1 
ATOM   415 N ND1 . HIS A 1 50 ? -5.588  4.521   -7.583  1.00 44.67  ? 302 HIS A ND1 1 
ATOM   416 C CD2 . HIS A 1 50 ? -5.729  6.522   -6.714  1.00 51.07  ? 302 HIS A CD2 1 
ATOM   417 C CE1 . HIS A 1 50 ? -6.833  4.931   -7.742  1.00 60.07  ? 302 HIS A CE1 1 
ATOM   418 N NE2 . HIS A 1 50 ? -6.944  6.142   -7.225  1.00 58.96  ? 302 HIS A NE2 1 
ATOM   419 N N   . ARG A 1 51 ? -0.526  6.378   -6.241  1.00 44.85  ? 303 ARG A N   1 
ATOM   420 C CA  . ARG A 1 51 ? 0.861   6.024   -5.972  1.00 39.35  ? 303 ARG A CA  1 
ATOM   421 C C   . ARG A 1 51 ? 1.447   6.904   -4.879  1.00 43.78  ? 303 ARG A C   1 
ATOM   422 O O   . ARG A 1 51 ? 2.173   6.421   -3.996  1.00 41.64  ? 303 ARG A O   1 
ATOM   423 C CB  . ARG A 1 51 ? 1.674   6.147   -7.262  1.00 46.92  ? 303 ARG A CB  1 
ATOM   424 C CG  . ARG A 1 51 ? 1.281   5.119   -8.311  1.00 46.61  ? 303 ARG A CG  1 
ATOM   425 C CD  . ARG A 1 51 ? 1.728   5.501   -9.714  1.00 46.35  ? 303 ARG A CD  1 
ATOM   426 N NE  . ARG A 1 51 ? 3.175   5.514   -9.894  1.00 56.01  ? 303 ARG A NE  1 
ATOM   427 C CZ  . ARG A 1 51 ? 3.879   4.514   -10.420 1.00 58.81  ? 303 ARG A CZ  1 
ATOM   428 N NH1 . ARG A 1 51 ? 3.285   3.396   -10.817 1.00 51.66  ? 303 ARG A NH1 1 
ATOM   429 N NH2 . ARG A 1 51 ? 5.189   4.641   -10.558 1.00 63.13  ? 303 ARG A NH2 1 
ATOM   430 N N   . ALA A 1 52 ? 1.149   8.202   -4.917  1.00 40.07  ? 304 ALA A N   1 
ATOM   431 C CA  . ALA A 1 52 ? 1.680   9.074   -3.878  1.00 41.97  ? 304 ALA A CA  1 
ATOM   432 C C   . ALA A 1 52 ? 1.109   8.696   -2.519  1.00 44.77  ? 304 ALA A C   1 
ATOM   433 O O   . ALA A 1 52 ? 1.848   8.616   -1.532  1.00 60.88  ? 304 ALA A O   1 
ATOM   434 C CB  . ALA A 1 52 ? 1.395   10.534  -4.213  1.00 42.40  ? 304 ALA A CB  1 
ATOM   435 N N   . LYS A 1 53 ? -0.198  8.417   -2.457  1.00 49.31  ? 305 LYS A N   1 
ATOM   436 C CA  . LYS A 1 53 ? -0.796  8.008   -1.189  1.00 49.07  ? 305 LYS A CA  1 
ATOM   437 C C   . LYS A 1 53 ? -0.162  6.718   -0.678  1.00 41.80  ? 305 LYS A C   1 
ATOM   438 O O   . LYS A 1 53 ? 0.257   6.627   0.486   1.00 40.30  ? 305 LYS A O   1 
ATOM   439 C CB  . LYS A 1 53 ? -2.305  7.842   -1.357  1.00 40.26  ? 305 LYS A CB  1 
ATOM   440 C CG  . LYS A 1 53 ? -3.068  9.157   -1.435  1.00 42.57  ? 305 LYS A CG  1 
ATOM   441 C CD  . LYS A 1 53 ? -4.510  8.886   -1.740  1.00 62.01  ? 305 LYS A CD  1 
ATOM   442 C CE  . LYS A 1 53 ? -5.393  10.045  -1.358  1.00 76.68  ? 305 LYS A CE  1 
ATOM   443 N NZ  . LYS A 1 53 ? -6.826  9.659   -1.490  1.00 67.87  ? 305 LYS A NZ  1 
ATOM   444 N N   . LEU A 1 54 ? -0.052  5.722   -1.550  1.00 43.54  ? 306 LEU A N   1 
ATOM   445 C CA  . LEU A 1 54 ? 0.511   4.433   -1.158  1.00 45.50  ? 306 LEU A CA  1 
ATOM   446 C C   . LEU A 1 54 ? 1.941   4.567   -0.635  1.00 38.67  ? 306 LEU A C   1 
ATOM   447 O O   . LEU A 1 54 ? 2.257   4.093   0.459   1.00 44.92  ? 306 LEU A O   1 
ATOM   448 C CB  . LEU A 1 54 ? 0.464   3.478   -2.344  1.00 41.60  ? 306 LEU A CB  1 
ATOM   449 C CG  . LEU A 1 54 ? -0.928  3.050   -2.788  1.00 40.90  ? 306 LEU A CG  1 
ATOM   450 C CD1 . LEU A 1 54 ? -0.853  2.100   -3.986  1.00 35.64  ? 306 LEU A CD1 1 
ATOM   451 C CD2 . LEU A 1 54 ? -1.626  2.392   -1.641  1.00 40.46  ? 306 LEU A CD2 1 
ATOM   452 N N   . LEU A 1 55 ? 2.825   5.213   -1.401  1.00 39.23  ? 307 LEU A N   1 
ATOM   453 C CA  . LEU A 1 55 ? 4.216   5.292   -0.969  1.00 41.67  ? 307 LEU A CA  1 
ATOM   454 C C   . LEU A 1 55 ? 4.381   6.180   0.262   1.00 43.82  ? 307 LEU A C   1 
ATOM   455 O O   . LEU A 1 55 ? 5.196   5.875   1.137   1.00 55.19  ? 307 LEU A O   1 
ATOM   456 C CB  . LEU A 1 55 ? 5.096   5.793   -2.103  1.00 43.76  ? 307 LEU A CB  1 
ATOM   457 C CG  . LEU A 1 55 ? 4.995   5.053   -3.427  1.00 46.75  ? 307 LEU A CG  1 
ATOM   458 C CD1 . LEU A 1 55 ? 5.698   5.850   -4.499  1.00 58.26  ? 307 LEU A CD1 1 
ATOM   459 C CD2 . LEU A 1 55 ? 5.621   3.691   -3.315  1.00 47.04  ? 307 LEU A CD2 1 
ATOM   460 N N   . THR A 1 56 ? 3.651   7.299   0.344   1.00 53.30  ? 308 THR A N   1 
ATOM   461 C CA  . THR A 1 56 ? 3.720   8.111   1.555   1.00 42.39  ? 308 THR A CA  1 
ATOM   462 C C   . THR A 1 56 ? 3.310   7.286   2.764   1.00 45.08  ? 308 THR A C   1 
ATOM   463 O O   . THR A 1 56 ? 3.979   7.313   3.805   1.00 62.15  ? 308 THR A O   1 
ATOM   464 C CB  . THR A 1 56 ? 2.832   9.348   1.417   1.00 44.46  ? 308 THR A CB  1 
ATOM   465 O OG1 . THR A 1 56 ? 3.368   10.209  0.406   1.00 52.19  ? 308 THR A OG1 1 
ATOM   466 C CG2 . THR A 1 56 ? 2.798   10.133  2.726   1.00 47.22  ? 308 THR A CG2 1 
ATOM   467 N N   . ALA A 1 57 ? 2.231   6.510   2.629   1.00 57.51  ? 309 ALA A N   1 
ATOM   468 C CA  . ALA A 1 57 ? 1.778   5.691   3.736   1.00 48.67  ? 309 ALA A CA  1 
ATOM   469 C C   . ALA A 1 57 ? 2.835   4.680   4.120   1.00 55.09  ? 309 ALA A C   1 
ATOM   470 O O   . ALA A 1 57 ? 3.111   4.485   5.301   1.00 53.95  ? 309 ALA A O   1 
ATOM   471 C CB  . ALA A 1 57 ? 0.476   4.980   3.376   1.00 46.24  ? 309 ALA A CB  1 
ATOM   472 N N   . ALA A 1 58 ? 3.448   4.038   3.132   1.00 52.53  ? 310 ALA A N   1 
ATOM   473 C CA  . ALA A 1 58 ? 4.458   3.033   3.435   1.00 47.11  ? 310 ALA A CA  1 
ATOM   474 C C   . ALA A 1 58 ? 5.647   3.655   4.153   1.00 54.54  ? 310 ALA A C   1 
ATOM   475 O O   . ALA A 1 58 ? 6.144   3.115   5.150   1.00 60.53  ? 310 ALA A O   1 
ATOM   476 C CB  . ALA A 1 58 ? 4.901   2.351   2.147   1.00 44.87  ? 310 ALA A CB  1 
ATOM   477 N N   . GLU A 1 59 ? 6.115   4.800   3.664   1.00 64.88  ? 311 GLU A N   1 
ATOM   478 C CA  . GLU A 1 59 ? 7.269   5.438   4.288   1.00 65.98  ? 311 GLU A CA  1 
ATOM   479 C C   . GLU A 1 59 ? 6.966   5.810   5.728   1.00 59.62  ? 311 GLU A C   1 
ATOM   480 O O   . GLU A 1 59 ? 7.765   5.544   6.633   1.00 66.97  ? 311 GLU A O   1 
ATOM   481 C CB  . GLU A 1 59 ? 7.686   6.667   3.483   1.00 69.93  ? 311 GLU A CB  1 
ATOM   482 C CG  . GLU A 1 59 ? 8.215   6.318   2.107   1.00 84.17  ? 311 GLU A CG  1 
ATOM   483 C CD  . GLU A 1 59 ? 8.127   7.479   1.138   1.00 99.04  ? 311 GLU A CD  1 
ATOM   484 O OE1 . GLU A 1 59 ? 8.036   8.639   1.599   1.00 98.46  ? 311 GLU A OE1 1 
ATOM   485 O OE2 . GLU A 1 59 ? 8.144   7.227   -0.088  1.00 104.16 ? 311 GLU A OE2 1 
ATOM   486 N N   . LEU A 1 60 ? 5.799   6.401   5.968   1.00 59.70  ? 312 LEU A N   1 
ATOM   487 C CA  . LEU A 1 60 ? 5.472   6.799   7.333   1.00 64.70  ? 312 LEU A CA  1 
ATOM   488 C C   . LEU A 1 60 ? 5.217   5.592   8.224   1.00 71.84  ? 312 LEU A C   1 
ATOM   489 O O   . LEU A 1 60 ? 5.470   5.644   9.434   1.00 69.56  ? 312 LEU A O   1 
ATOM   490 C CB  . LEU A 1 60 ? 4.262   7.715   7.328   1.00 59.30  ? 312 LEU A CB  1 
ATOM   491 C CG  . LEU A 1 60 ? 4.610   9.046   6.691   1.00 61.11  ? 312 LEU A CG  1 
ATOM   492 C CD1 . LEU A 1 60 ? 3.539   10.040  7.038   1.00 69.20  ? 312 LEU A CD1 1 
ATOM   493 C CD2 . LEU A 1 60 ? 5.954   9.495   7.210   1.00 58.15  ? 312 LEU A CD2 1 
ATOM   494 N N   . LEU A 1 61 ? 4.703   4.510   7.649   1.00 64.63  ? 313 LEU A N   1 
ATOM   495 C CA  . LEU A 1 61 ? 4.510   3.282   8.404   1.00 74.17  ? 313 LEU A CA  1 
ATOM   496 C C   . LEU A 1 61 ? 5.840   2.744   8.888   1.00 73.21  ? 313 LEU A C   1 
ATOM   497 O O   . LEU A 1 61 ? 5.975   2.335   10.044  1.00 70.38  ? 313 LEU A O   1 
ATOM   498 C CB  . LEU A 1 61 ? 3.816   2.249   7.528   1.00 65.47  ? 313 LEU A CB  1 
ATOM   499 C CG  . LEU A 1 61 ? 2.686   1.521   8.223   1.00 77.79  ? 313 LEU A CG  1 
ATOM   500 C CD1 . LEU A 1 61 ? 1.609   2.521   8.602   1.00 83.56  ? 313 LEU A CD1 1 
ATOM   501 C CD2 . LEU A 1 61 ? 2.158   0.455   7.290   1.00 68.21  ? 313 LEU A CD2 1 
ATOM   502 N N   . LEU A 1 62 ? 6.832   2.721   8.000   1.00 77.27  ? 314 LEU A N   1 
ATOM   503 C CA  . LEU A 1 62 ? 8.170   2.311   8.401   1.00 86.72  ? 314 LEU A CA  1 
ATOM   504 C C   . LEU A 1 62 ? 8.727   3.230   9.481   1.00 95.81  ? 314 LEU A C   1 
ATOM   505 O O   . LEU A 1 62 ? 9.379   2.765   10.423  1.00 103.44 ? 314 LEU A O   1 
ATOM   506 C CB  . LEU A 1 62 ? 9.091   2.287   7.186   1.00 83.92  ? 314 LEU A CB  1 
ATOM   507 C CG  . LEU A 1 62 ? 10.409  1.540   7.357   1.00 90.33  ? 314 LEU A CG  1 
ATOM   508 C CD1 . LEU A 1 62 ? 10.839  1.020   6.005   1.00 92.56  ? 314 LEU A CD1 1 
ATOM   509 C CD2 . LEU A 1 62 ? 11.500  2.422   7.966   1.00 94.51  ? 314 LEU A CD2 1 
ATOM   510 N N   . ASP A 1 63 ? 8.482   4.539   9.360   1.00 98.68  ? 315 ASP A N   1 
ATOM   511 C CA  . ASP A 1 63 ? 9.100   5.494   10.282  1.00 97.32  ? 315 ASP A CA  1 
ATOM   512 C C   . ASP A 1 63 ? 8.500   5.417   11.689  1.00 99.19  ? 315 ASP A C   1 
ATOM   513 O O   . ASP A 1 63 ? 9.242   5.362   12.675  1.00 103.19 ? 315 ASP A O   1 
ATOM   514 C CB  . ASP A 1 63 ? 8.990   6.910   9.720   1.00 102.77 ? 315 ASP A CB  1 
ATOM   515 C CG  . ASP A 1 63 ? 9.953   7.156   8.572   1.00 99.99  ? 315 ASP A CG  1 
ATOM   516 O OD1 . ASP A 1 63 ? 10.731  6.236   8.241   1.00 96.71  ? 315 ASP A OD1 1 
ATOM   517 O OD2 . ASP A 1 63 ? 9.936   8.268   8.003   1.00 96.42  ? 315 ASP A OD2 1 
ATOM   518 N N   . TYR A 1 64 ? 7.168   5.434   11.814  1.00 111.99 ? 316 TYR A N   1 
ATOM   519 C CA  . TYR A 1 64 ? 6.510   5.403   13.124  1.00 115.41 ? 316 TYR A CA  1 
ATOM   520 C C   . TYR A 1 64 ? 5.993   4.011   13.511  1.00 125.20 ? 316 TYR A C   1 
ATOM   521 O O   . TYR A 1 64 ? 5.222   3.899   14.470  1.00 132.03 ? 316 TYR A O   1 
ATOM   522 C CB  . TYR A 1 64 ? 5.347   6.410   13.188  1.00 101.97 ? 316 TYR A CB  1 
ATOM   523 C CG  . TYR A 1 64 ? 5.652   7.831   12.735  1.00 83.18  ? 316 TYR A CG  1 
ATOM   524 C CD1 . TYR A 1 64 ? 5.551   8.180   11.400  1.00 74.04  ? 316 TYR A CD1 1 
ATOM   525 C CD2 . TYR A 1 64 ? 6.003   8.821   13.644  1.00 87.09  ? 316 TYR A CD2 1 
ATOM   526 C CE1 . TYR A 1 64 ? 5.808   9.461   10.970  0.00 83.78  ? 316 TYR A CE1 1 
ATOM   527 C CE2 . TYR A 1 64 ? 6.264   10.113  13.223  0.00 92.78  ? 316 TYR A CE2 1 
ATOM   528 C CZ  . TYR A 1 64 ? 6.162   10.425  11.884  0.00 91.27  ? 316 TYR A CZ  1 
ATOM   529 O OH  . TYR A 1 64 ? 6.421   11.705  11.451  0.00 94.14  ? 316 TYR A OH  1 
ATOM   530 N N   . ASP A 1 65 ? 6.385   2.963   12.784  1.00 122.51 ? 317 ASP A N   1 
ATOM   531 C CA  . ASP A 1 65 ? 5.971   1.574   13.048  1.00 117.31 ? 317 ASP A CA  1 
ATOM   532 C C   . ASP A 1 65 ? 4.460   1.376   13.167  1.00 112.04 ? 317 ASP A C   1 
ATOM   533 O O   . ASP A 1 65 ? 3.986   0.240   13.256  1.00 105.79 ? 317 ASP A O   1 
ATOM   534 C CB  . ASP A 1 65 ? 6.653   1.044   14.311  1.00 114.60 ? 317 ASP A CB  1 
ATOM   535 C CG  . ASP A 1 65 ? 7.956   0.332   14.007  1.00 118.39 ? 317 ASP A CG  1 
ATOM   536 O OD1 . ASP A 1 65 ? 8.420   0.424   12.848  1.00 111.82 ? 317 ASP A OD1 1 
ATOM   537 O OD2 . ASP A 1 65 ? 8.507   -0.326  14.918  1.00 124.09 ? 317 ASP A OD2 1 
HETATM 538 O O   . HOH B 2 .  ? -0.990  -0.927  12.972  1.00 63.84  ? 401 HOH A O   1 
HETATM 539 O O   . HOH B 2 .  ? -0.784  0.688   -18.063 1.00 57.68  ? 402 HOH A O   1 
HETATM 540 O O   . HOH B 2 .  ? 4.605   8.094   -8.897  1.00 60.37  ? 403 HOH A O   1 
HETATM 541 O O   . HOH B 2 .  ? -3.929  3.515   -9.734  1.00 50.83  ? 404 HOH A O   1 
HETATM 542 O O   . HOH B 2 .  ? -7.923  0.989   -10.299 1.00 58.88  ? 405 HOH A O   1 
HETATM 543 O O   . HOH B 2 .  ? 3.368   -12.440 4.169   1.00 60.96  ? 406 HOH A O   1 
HETATM 544 O O   . HOH B 2 .  ? 6.943   -8.775  -0.219  1.00 60.00  ? 407 HOH A O   1 
HETATM 545 O O   . HOH B 2 .  ? -2.577  -5.985  -11.521 1.00 63.36  ? 408 HOH A O   1 
HETATM 546 O O   . HOH B 2 .  ? -1.228  -6.959  9.546   1.00 65.98  ? 409 HOH A O   1 
HETATM 547 O O   . HOH B 2 .  ? -4.645  -0.259  -17.924 1.00 61.06  ? 410 HOH A O   1 
# 
loop_
_atom_site_anisotrop.id 
_atom_site_anisotrop.type_symbol 
_atom_site_anisotrop.pdbx_label_atom_id 
_atom_site_anisotrop.pdbx_label_alt_id 
_atom_site_anisotrop.pdbx_label_comp_id 
_atom_site_anisotrop.pdbx_label_asym_id 
_atom_site_anisotrop.pdbx_label_seq_id 
_atom_site_anisotrop.pdbx_PDB_ins_code 
_atom_site_anisotrop.U[1][1] 
_atom_site_anisotrop.U[2][2] 
_atom_site_anisotrop.U[3][3] 
_atom_site_anisotrop.U[1][2] 
_atom_site_anisotrop.U[1][3] 
_atom_site_anisotrop.U[2][3] 
_atom_site_anisotrop.pdbx_auth_seq_id 
_atom_site_anisotrop.pdbx_auth_comp_id 
_atom_site_anisotrop.pdbx_auth_asym_id 
_atom_site_anisotrop.pdbx_auth_atom_id 
1   N N   . GLY A 1  ? 1.8649 1.1388 1.0201 0.0325  0.2982  -0.0602 253 GLY A N   
2   C CA  . GLY A 1  ? 1.8244 1.1553 1.0506 0.0287  0.3007  -0.0678 253 GLY A CA  
3   C C   . GLY A 1  ? 1.8154 1.1822 1.0841 0.0076  0.3260  -0.0595 253 GLY A C   
4   O O   . GLY A 1  ? 1.9427 1.2916 1.1870 -0.0030 0.3439  -0.0474 253 GLY A O   
5   N N   . PRO A 2  ? 1.5888 1.0085 0.9277 -0.0003 0.3232  -0.0643 254 PRO A N   
6   C CA  . PRO A 2  ? 1.3837 0.8436 0.7799 -0.0242 0.3342  -0.0533 254 PRO A CA  
7   C C   . PRO A 2  ? 1.5096 0.9277 0.8649 -0.0380 0.3174  -0.0439 254 PRO A C   
8   O O   . PRO A 2  ? 1.6342 1.0213 0.9581 -0.0324 0.2821  -0.0457 254 PRO A O   
9   C CB  . PRO A 2  ? 1.2865 0.8057 0.7660 -0.0285 0.3097  -0.0598 254 PRO A CB  
10  C CG  . PRO A 2  ? 1.2477 0.7753 0.7314 -0.0068 0.3061  -0.0718 254 PRO A CG  
11  C CD  . PRO A 2  ? 1.4073 0.8626 0.7960 0.0102  0.2990  -0.0759 254 PRO A CD  
12  N N   . LYS A 3  ? 1.4892 0.9075 0.8479 -0.0562 0.3421  -0.0309 255 LYS A N   
13  C CA  . LYS A 3  ? 1.4075 0.7796 0.7219 -0.0685 0.3317  -0.0202 255 LYS A CA  
14  C C   . LYS A 3  ? 1.3881 0.7799 0.7516 -0.0874 0.3133  -0.0167 255 LYS A C   
15  O O   . LYS A 3  ? 1.3655 0.7176 0.6957 -0.0924 0.2954  -0.0107 255 LYS A O   
16  C CB  . LYS A 3  ? 1.3639 0.7104 0.6352 -0.0762 0.3694  -0.0060 255 LYS A CB  
17  C CG  . LYS A 3  ? 1.5153 0.8350 0.7381 -0.0546 0.3734  -0.0095 255 LYS A CG  
18  C CD  . LYS A 3  ? 1.6329 0.9408 0.8320 -0.0607 0.4007  0.0052  255 LYS A CD  
19  C CE  . LYS A 3  ? 1.7208 0.9984 0.8661 -0.0387 0.4045  0.0009  255 LYS A CE  
20  N NZ  . LYS A 3  ? 1.7948 1.0649 0.9154 -0.0435 0.4323  0.0158  255 LYS A NZ  
21  N N   . THR A 4  ? 1.2945 0.7426 0.7326 -0.0972 0.3159  -0.0199 256 THR A N   
22  C CA  . THR A 4  ? 1.1965 0.6568 0.6733 -0.1139 0.2961  -0.0191 256 THR A CA  
23  C C   . THR A 4  ? 1.1786 0.6835 0.7084 -0.1065 0.2706  -0.0321 256 THR A C   
24  O O   . THR A 4  ? 0.9378 0.4804 0.4989 -0.0966 0.2756  -0.0388 256 THR A O   
25  C CB  . THR A 4  ? 1.1613 0.6441 0.6774 -0.1403 0.3185  -0.0069 256 THR A CB  
26  O OG1 . THR A 4  ? 1.1389 0.6841 0.7201 -0.1426 0.3332  -0.0082 256 THR A OG1 
27  C CG2 . THR A 4  ? 1.2421 0.6919 0.7118 -0.1470 0.3481  0.0091  256 THR A CG2 
28  N N   . LEU A 5  ? 0.9624 0.4611 0.5003 -0.1102 0.2436  -0.0348 257 LEU A N   
29  C CA  . LEU A 5  ? 0.9380 0.4830 0.5291 -0.1067 0.2208  -0.0448 257 LEU A CA  
30  C C   . LEU A 5  ? 0.9516 0.5537 0.6085 -0.1192 0.2366  -0.0461 257 LEU A C   
31  O O   . LEU A 5  ? 0.9539 0.5980 0.6487 -0.1093 0.2286  -0.0533 257 LEU A O   
32  C CB  . LEU A 5  ? 0.9964 0.5278 0.5890 -0.1132 0.1994  -0.0462 257 LEU A CB  
33  C CG  . LEU A 5  ? 0.8864 0.4678 0.5320 -0.1101 0.1775  -0.0558 257 LEU A CG  
34  C CD1 . LEU A 5  ? 0.9937 0.5808 0.6268 -0.0853 0.1543  -0.0579 257 LEU A CD1 
35  C CD2 . LEU A 5  ? 1.0494 0.6214 0.7027 -0.1223 0.1645  -0.0589 257 LEU A CD2 
36  N N   . HIS A 6  ? 0.9025 0.5077 0.5762 -0.1421 0.2579  -0.0361 258 HIS A N   
37  C CA  . HIS A 6  ? 0.8706 0.5350 0.6136 -0.1557 0.2724  -0.0322 258 HIS A CA  
38  C C   . HIS A 6  ? 0.9280 0.6178 0.6798 -0.1377 0.2949  -0.0328 258 HIS A C   
39  O O   . HIS A 6  ? 0.8810 0.6237 0.6904 -0.1351 0.2942  -0.0363 258 HIS A O   
40  C CB  . HIS A 6  ? 0.9816 0.6456 0.7417 -0.1851 0.2908  -0.0154 258 HIS A CB  
41  C CG  . HIS A 6  ? 1.0330 0.7622 0.8717 -0.2021 0.3016  -0.0066 258 HIS A CG  
42  N ND1 . HIS A 6  ? 1.1029 0.8690 0.9942 -0.2129 0.2770  -0.0131 258 HIS A ND1 
43  C CD2 . HIS A 6  ? 1.0992 0.8661 0.9742 -0.2088 0.3345  0.0104  258 HIS A CD2 
44  C CE1 . HIS A 6  ? 1.0543 0.8769 1.0128 -0.2281 0.2919  0.0002  258 HIS A CE1 
45  N NE2 . HIS A 6  ? 1.0440 0.8702 0.9965 -0.2250 0.3278  0.0154  258 HIS A NE2 
46  N N   . GLU A 7  ? 1.0014 0.6511 0.6935 -0.1241 0.3145  -0.0298 259 GLU A N   
47  C CA  . GLU A 7  ? 0.9568 0.6200 0.6448 -0.1035 0.3376  -0.0322 259 GLU A CA  
48  C C   . GLU A 7  ? 0.8650 0.5363 0.5566 -0.0818 0.3105  -0.0484 259 GLU A C   
49  O O   . GLU A 7  ? 0.9586 0.6691 0.6911 -0.0713 0.3178  -0.0528 259 GLU A O   
50  C CB  . GLU A 7  ? 0.9766 0.5860 0.5871 -0.0936 0.3613  -0.0264 259 GLU A CB  
51  C CG  . GLU A 7  ? 1.2534 0.8666 0.8677 -0.1123 0.3957  -0.0065 259 GLU A CG  
52  C CD  . GLU A 7  ? 1.3860 0.9437 0.9176 -0.1029 0.4171  -0.0002 259 GLU A CD  
53  O OE1 . GLU A 7  ? 1.4249 0.9398 0.8950 -0.0812 0.4055  -0.0123 259 GLU A OE1 
54  O OE2 . GLU A 7  ? 1.3811 0.9376 0.9085 -0.1190 0.4437  0.0191  259 GLU A OE2 
55  N N   . LEU A 8  ? 0.9011 0.5363 0.5522 -0.0749 0.2784  -0.0545 260 LEU A N   
56  C CA  . LEU A 8  ? 0.8376 0.4848 0.4987 -0.0590 0.2461  -0.0649 260 LEU A CA  
57  C C   . LEU A 8  ? 0.9419 0.6562 0.6866 -0.0664 0.2352  -0.0685 260 LEU A C   
58  O O   . LEU A 8  ? 0.8526 0.5966 0.6278 -0.0545 0.2321  -0.0742 260 LEU A O   
59  C CB  . LEU A 8  ? 0.8641 0.4756 0.4855 -0.0559 0.2135  -0.0639 260 LEU A CB  
60  C CG  . LEU A 8  ? 0.9353 0.5588 0.5638 -0.0399 0.1783  -0.0689 260 LEU A CG  
61  C CD1 . LEU A 8  ? 0.8670 0.4675 0.4614 -0.0231 0.1843  -0.0735 260 LEU A CD1 
62  C CD2 . LEU A 8  ? 0.8424 0.4355 0.4342 -0.0349 0.1484  -0.0623 260 LEU A CD2 
63  N N   . LEU A 9  ? 0.7949 0.5297 0.5741 -0.0865 0.2271  -0.0652 261 LEU A N   
64  C CA  . LEU A 9  ? 0.6658 0.4614 0.5196 -0.0968 0.2136  -0.0676 261 LEU A CA  
65  C C   . LEU A 9  ? 0.7195 0.5609 0.6277 -0.0999 0.2394  -0.0637 261 LEU A C   
66  O O   . LEU A 9  ? 0.8498 0.7362 0.8087 -0.0942 0.2283  -0.0677 261 LEU A O   
67  C CB  . LEU A 9  ? 0.6602 0.4574 0.5292 -0.1201 0.2051  -0.0643 261 LEU A CB  
68  C CG  . LEU A 9  ? 0.6713 0.4319 0.4964 -0.1126 0.1782  -0.0685 261 LEU A CG  
69  C CD1 . LEU A 9  ? 0.7966 0.5371 0.6158 -0.1326 0.1753  -0.0663 261 LEU A CD1 
70  C CD2 . LEU A 9  ? 0.6084 0.4067 0.4641 -0.1010 0.1486  -0.0745 261 LEU A CD2 
71  N N   . GLU A 10 ? 0.6982 0.5314 0.5995 -0.1083 0.2743  -0.0531 262 GLU A N   
72  C CA  . GLU A 10 ? 0.7701 0.6495 0.7237 -0.1078 0.3038  -0.0450 262 GLU A CA  
73  C C   . GLU A 10 ? 0.7349 0.6156 0.6799 -0.0779 0.3057  -0.0554 262 GLU A C   
74  O O   . GLU A 10 ? 0.7689 0.6999 0.7756 -0.0734 0.3062  -0.0557 262 GLU A O   
75  C CB  . GLU A 10 ? 0.8116 0.6763 0.7455 -0.1161 0.3434  -0.0291 262 GLU A CB  
76  C CG  . GLU A 10 ? 1.2053 1.0833 1.1705 -0.1507 0.3451  -0.0129 262 GLU A CG  
77  C CD  . GLU A 10 ? 1.3691 1.2384 1.3190 -0.1591 0.3848  0.0078  262 GLU A CD  
78  O OE1 . GLU A 10 ? 1.4682 1.2945 1.3520 -0.1398 0.4042  0.0058  262 GLU A OE1 
79  O OE2 . GLU A 10 ? 1.3466 1.2527 1.3506 -0.1859 0.3955  0.0285  262 GLU A OE2 
80  N N   . ARG A 11 ? 0.7824 0.6038 0.6489 -0.0580 0.3026  -0.0637 263 ARG A N   
81  C CA  . ARG A 11 ? 0.8950 0.7004 0.7362 -0.0293 0.3028  -0.0742 263 ARG A CA  
82  C C   . ARG A 11 ? 0.7407 0.5795 0.6278 -0.0239 0.2659  -0.0829 263 ARG A C   
83  O O   . ARG A 11 ? 0.7339 0.5944 0.6493 -0.0080 0.2711  -0.0873 263 ARG A O   
84  C CB  . ARG A 11 ? 0.8587 0.5873 0.6012 -0.0151 0.2981  -0.0795 263 ARG A CB  
85  C CG  . ARG A 11 ? 1.0125 0.7063 0.7108 0.0124  0.2871  -0.0915 263 ARG A CG  
86  C CD  . ARG A 11 ? 1.1101 0.8228 0.8284 0.0314  0.3208  -0.0946 263 ARG A CD  
87  N NE  . ARG A 11 ? 1.2605 0.9156 0.9095 0.0590  0.3124  -0.1076 263 ARG A NE  
88  C CZ  . ARG A 11 ? 1.2684 0.9324 0.9358 0.0804  0.3129  -0.1169 263 ARG A CZ  
89  N NH1 . ARG A 11 ? 1.2445 0.9796 1.0040 0.0774  0.3224  -0.1130 263 ARG A NH1 
90  N NH2 . ARG A 11 ? 1.2519 0.8500 0.8437 0.1044  0.3014  -0.1294 263 ARG A NH2 
91  N N   . ILE A 12 ? 0.7349 0.5794 0.6306 -0.0354 0.2292  -0.0840 264 ILE A N   
92  C CA  . ILE A 12 ? 0.5916 0.4752 0.5354 -0.0321 0.1944  -0.0885 264 ILE A CA  
93  C C   . ILE A 12 ? 0.6816 0.6335 0.7110 -0.0532 0.1945  -0.0828 264 ILE A C   
94  O O   . ILE A 12 ? 0.6931 0.6847 0.7685 -0.0568 0.1645  -0.0842 264 ILE A O   
95  C CB  . ILE A 12 ? 0.6342 0.4940 0.5438 -0.0295 0.1537  -0.0897 264 ILE A CB  
96  C CG1 . ILE A 12 ? 0.5602 0.4250 0.4734 -0.0481 0.1472  -0.0848 264 ILE A CG1 
97  C CG2 . ILE A 12 ? 0.7151 0.5052 0.5395 -0.0132 0.1511  -0.0915 264 ILE A CG2 
98  C CD1 . ILE A 12 ? 0.6414 0.4913 0.5279 -0.0418 0.1109  -0.0827 264 ILE A CD1 
99  N N   . GLY A 13 ? 0.6284 0.5950 0.6797 -0.0689 0.2263  -0.0741 265 GLY A N   
100 C CA  . GLY A 13 ? 0.7188 0.7490 0.8527 -0.0905 0.2286  -0.0654 265 GLY A CA  
101 C C   . GLY A 13 ? 0.6742 0.7196 0.8276 -0.1139 0.2002  -0.0647 265 GLY A C   
102 O O   . GLY A 13 ? 0.6292 0.7276 0.8501 -0.1316 0.1915  -0.0592 265 GLY A O   
103 N N   . LEU A 14 ? 0.6844 0.6833 0.7789 -0.1139 0.1856  -0.0695 266 LEU A N   
104 C CA  . LEU A 14 ? 0.6056 0.6116 0.7081 -0.1303 0.1594  -0.0710 266 LEU A CA  
105 C C   . LEU A 14 ? 0.5711 0.5399 0.6420 -0.1495 0.1712  -0.0662 266 LEU A C   
106 O O   . LEU A 14 ? 0.6349 0.5741 0.6709 -0.1518 0.1529  -0.0707 266 LEU A O   
107 C CB  . LEU A 14 ? 0.5916 0.5803 0.6589 -0.1122 0.1283  -0.0783 266 LEU A CB  
108 C CG  . LEU A 14 ? 0.5411 0.5708 0.6464 -0.0985 0.1067  -0.0806 266 LEU A CG  
109 C CD1 . LEU A 14 ? 0.4664 0.4724 0.5292 -0.0792 0.0793  -0.0819 266 LEU A CD1 
110 C CD2 . LEU A 14 ? 0.6802 0.7711 0.8549 -0.1156 0.0902  -0.0788 266 LEU A CD2 
111 N N   . GLU A 15 ? 0.6162 0.5869 0.7004 -0.1627 0.2016  -0.0551 267 GLU A N   
112 C CA  . GLU A 15 ? 0.7571 0.6907 0.8126 -0.1837 0.2101  -0.0478 267 GLU A CA  
113 C C   . GLU A 15 ? 0.7163 0.6603 0.7962 -0.2087 0.1852  -0.0483 267 GLU A C   
114 O O   . GLU A 15 ? 0.9661 0.8656 1.0087 -0.2229 0.1809  -0.0470 267 GLU A O   
115 C CB  . GLU A 15 ? 0.8036 0.7473 0.8779 -0.1953 0.2469  -0.0304 267 GLU A CB  
116 C CG  . GLU A 15 ? 0.9969 1.0108 1.1560 -0.2069 0.2573  -0.0184 267 GLU A CG  
117 C CD  . GLU A 15 ? 1.0644 1.1067 1.2425 -0.1782 0.2714  -0.0229 267 GLU A CD  
118 O OE1 . GLU A 15 ? 1.1204 1.1333 1.2541 -0.1571 0.2970  -0.0236 267 GLU A OE1 
119 O OE2 . GLU A 15 ? 1.1128 1.2033 1.3466 -0.1764 0.2555  -0.0260 267 GLU A OE2 
120 N N   . GLU A 16 ? 0.6203 0.6168 0.7560 -0.2132 0.1664  -0.0511 268 GLU A N   
121 C CA  A GLU A 16 ? 0.6921 0.6957 0.8446 -0.2367 0.1408  -0.0527 268 GLU A CA  
122 C CA  B GLU A 16 ? 0.7127 0.7168 0.8655 -0.2365 0.1406  -0.0529 268 GLU A CA  
123 C C   . GLU A 16 ? 0.6981 0.6509 0.7863 -0.2257 0.1194  -0.0664 268 GLU A C   
124 O O   . GLU A 16 ? 0.8615 0.7962 0.9395 -0.2436 0.1020  -0.0694 268 GLU A O   
125 C CB  A GLU A 16 ? 0.6253 0.6959 0.8460 -0.2406 0.1236  -0.0530 268 GLU A CB  
126 C CB  B GLU A 16 ? 0.6360 0.7069 0.8564 -0.2399 0.1229  -0.0534 268 GLU A CB  
127 C CG  A GLU A 16 ? 0.6266 0.7503 0.9108 -0.2393 0.1454  -0.0410 268 GLU A CG  
128 C CG  B GLU A 16 ? 0.4812 0.5722 0.7019 -0.2095 0.1120  -0.0632 268 GLU A CG  
129 C CD  A GLU A 16 ? 0.4003 0.5331 0.6782 -0.2055 0.1483  -0.0495 268 GLU A CD  
130 C CD  B GLU A 16 ? 0.4618 0.6196 0.7522 -0.2158 0.0931  -0.0614 268 GLU A CD  
131 O OE1 A GLU A 16 ? 0.5060 0.6646 0.8006 -0.1964 0.1225  -0.0572 268 GLU A OE1 
132 O OE1 B GLU A 16 ? 0.4345 0.6015 0.7205 -0.2144 0.0644  -0.0675 268 GLU A OE1 
133 O OE2 A GLU A 16 ? 0.4286 0.5398 0.6808 -0.1888 0.1749  -0.0478 268 GLU A OE2 
134 O OE2 B GLU A 16 ? 0.5257 0.7202 0.8616 -0.2119 0.1022  -0.0479 268 GLU A OE2 
135 N N   . HIS A 17 ? 0.6068 0.5342 0.6501 -0.1963 0.1196  -0.0735 269 HIS A N   
136 C CA  . HIS A 17 ? 0.7466 0.6321 0.7341 -0.1817 0.1014  -0.0827 269 HIS A CA  
137 C C   . HIS A 17 ? 0.8189 0.6350 0.7427 -0.1807 0.1141  -0.0808 269 HIS A C   
138 O O   . HIS A 17 ? 0.8409 0.6162 0.7165 -0.1685 0.1014  -0.0867 269 HIS A O   
139 C CB  . HIS A 17 ? 0.6808 0.5838 0.6615 -0.1513 0.0884  -0.0865 269 HIS A CB  
140 C CG  . HIS A 17 ? 0.6922 0.6615 0.7330 -0.1512 0.0715  -0.0874 269 HIS A CG  
141 N ND1 . HIS A 17 ? 0.5663 0.5609 0.6289 -0.1622 0.0514  -0.0912 269 HIS A ND1 
142 C CD2 . HIS A 17 ? 0.5776 0.5898 0.6582 -0.1416 0.0704  -0.0848 269 HIS A CD2 
143 C CE1 . HIS A 17 ? 0.6611 0.7163 0.7787 -0.1608 0.0388  -0.0891 269 HIS A CE1 
144 N NE2 . HIS A 17 ? 0.5882 0.6546 0.7191 -0.1482 0.0495  -0.0854 269 HIS A NE2 
145 N N   . THR A 18 ? 0.6414 0.4452 0.5651 -0.1922 0.1397  -0.0709 270 THR A N   
146 C CA  . THR A 18 ? 0.7021 0.4417 0.5665 -0.1924 0.1523  -0.0666 270 THR A CA  
147 C C   . THR A 18 ? 0.7621 0.4549 0.5930 -0.2040 0.1356  -0.0709 270 THR A C   
148 O O   . THR A 18 ? 0.7891 0.4328 0.5645 -0.1865 0.1282  -0.0758 270 THR A O   
149 C CB  . THR A 18 ? 0.7294 0.4727 0.6098 -0.2110 0.1815  -0.0517 270 THR A CB  
150 O OG1 . THR A 18 ? 0.8278 0.6116 0.7361 -0.1969 0.1993  -0.0491 270 THR A OG1 
151 C CG2 . THR A 18 ? 0.8471 0.5259 0.6651 -0.2108 0.1943  -0.0454 270 THR A CG2 
152 N N   . SER A 19 ? 0.7464 0.4525 0.6104 -0.2330 0.1276  -0.0687 271 SER A N   
153 C CA  . SER A 19 ? 0.8961 0.5476 0.7226 -0.2470 0.1103  -0.0735 271 SER A CA  
154 C C   . SER A 19 ? 0.8752 0.5096 0.6665 -0.2207 0.0887  -0.0899 271 SER A C   
155 O O   . SER A 19 ? 1.0861 0.6573 0.8199 -0.2126 0.0809  -0.0957 271 SER A O   
156 C CB  . SER A 19 ? 0.8560 0.5283 0.7272 -0.2852 0.1007  -0.0665 271 SER A CB  
157 O OG  . SER A 19 ? 1.2234 0.9100 1.1259 -0.3091 0.1226  -0.0459 271 SER A OG  
158 N N   . THR A 20 ? 0.8645 0.5554 0.6898 -0.2050 0.0796  -0.0955 272 THR A N   
159 C CA  . THR A 20 ? 0.9453 0.6293 0.7402 -0.1762 0.0622  -0.1064 272 THR A CA  
160 C C   . THR A 20 ? 0.9059 0.5495 0.6493 -0.1468 0.0694  -0.1040 272 THR A C   
161 O O   . THR A 20 ? 0.9813 0.5717 0.6722 -0.1330 0.0630  -0.1089 272 THR A O   
162 C CB  . THR A 20 ? 0.9257 0.6839 0.7717 -0.1658 0.0519  -0.1077 272 THR A CB  
163 O OG1 . THR A 20 ? 1.0385 0.8353 0.9352 -0.1949 0.0444  -0.1076 272 THR A OG1 
164 C CG2 . THR A 20 ? 0.8643 0.6231 0.6827 -0.1360 0.0350  -0.1145 272 THR A CG2 
165 N N   . LEU A 21 ? 0.9702 0.6332 0.7249 -0.1375 0.0828  -0.0957 273 LEU A N   
166 C CA  . LEU A 21 ? 0.8068 0.4400 0.5178 -0.1097 0.0845  -0.0909 273 LEU A CA  
167 C C   . LEU A 21 ? 0.9621 0.5202 0.6155 -0.1118 0.0912  -0.0889 273 LEU A C   
168 O O   . LEU A 21 ? 1.0082 0.5319 0.6201 -0.0886 0.0833  -0.0890 273 LEU A O   
169 C CB  . LEU A 21 ? 0.7082 0.3646 0.4345 -0.1054 0.0968  -0.0830 273 LEU A CB  
170 C CG  . LEU A 21 ? 0.7045 0.4295 0.4833 -0.0984 0.0851  -0.0846 273 LEU A CG  
171 C CD1 . LEU A 21 ? 0.6251 0.3690 0.4210 -0.0978 0.0981  -0.0799 273 LEU A CD1 
172 C CD2 . LEU A 21 ? 0.6879 0.4226 0.4534 -0.0709 0.0646  -0.0822 273 LEU A CD2 
173 N N   . LEU A 22 ? 0.9087 0.4425 0.5616 -0.1392 0.1058  -0.0847 274 LEU A N   
174 C CA  . LEU A 22 ? 1.0334 0.4953 0.6333 -0.1439 0.1117  -0.0802 274 LEU A CA  
175 C C   . LEU A 22 ? 0.9522 0.3675 0.5189 -0.1413 0.0949  -0.0899 274 LEU A C   
176 O O   . LEU A 22 ? 1.2116 0.5653 0.7260 -0.1290 0.0938  -0.0883 274 LEU A O   
177 C CB  . LEU A 22 ? 0.9368 0.3899 0.5491 -0.1762 0.1298  -0.0698 274 LEU A CB  
178 C CG  . LEU A 22 ? 1.0954 0.5597 0.7429 -0.2113 0.1259  -0.0690 274 LEU A CG  
179 C CD1 . LEU A 22 ? 1.1113 0.5040 0.7167 -0.2272 0.1125  -0.0706 274 LEU A CD1 
180 C CD2 . LEU A 22 ? 1.2076 0.7034 0.8917 -0.2335 0.1497  -0.0531 274 LEU A CD2 
181 N N   . LEU A 23 ? 1.0101 0.4495 0.6018 -0.1512 0.0811  -0.1002 275 LEU A N   
182 C CA  . LEU A 23 ? 1.1511 0.5345 0.6981 -0.1460 0.0654  -0.1114 275 LEU A CA  
183 C C   . LEU A 23 ? 1.1483 0.5271 0.6647 -0.1031 0.0586  -0.1163 275 LEU A C   
184 O O   . LEU A 23 ? 1.1305 0.4545 0.5991 -0.0893 0.0497  -0.1251 275 LEU A O   
185 C CB  . LEU A 23 ? 0.9906 0.3907 0.5625 -0.1705 0.0501  -0.1210 275 LEU A CB  
186 C CG  . LEU A 23 ? 1.0922 0.4720 0.6793 -0.2157 0.0490  -0.1142 275 LEU A CG  
187 C CD1 . LEU A 23 ? 1.0095 0.4382 0.6442 -0.2386 0.0349  -0.1183 275 LEU A CD1 
188 C CD2 . LEU A 23 ? 1.1209 0.4064 0.6448 -0.2242 0.0377  -0.1185 275 LEU A CD2 
189 N N   . ASN A 24 ? 0.9912 0.4239 0.5328 -0.0812 0.0622  -0.1090 276 ASN A N   
190 C CA  . ASN A 24 ? 1.0608 0.5023 0.5838 -0.0412 0.0551  -0.1070 276 ASN A CA  
191 C C   . ASN A 24 ? 1.1711 0.6137 0.6856 -0.0230 0.0622  -0.0906 276 ASN A C   
192 O O   . ASN A 24 ? 1.1161 0.6057 0.6503 -0.0008 0.0558  -0.0816 276 ASN A O   
193 C CB  . ASN A 24 ? 0.9636 0.4776 0.5289 -0.0318 0.0439  -0.1106 276 ASN A CB  
194 C CG  . ASN A 24 ? 1.1414 0.6681 0.7288 -0.0595 0.0364  -0.1238 276 ASN A CG  
195 O OD1 . ASN A 24 ? 1.2826 0.7779 0.8387 -0.0551 0.0270  -0.1357 276 ASN A OD1 
196 N ND2 . ASN A 24 ? 1.3759 0.9468 1.0155 -0.0878 0.0401  -0.1209 276 ASN A ND2 
197 N N   . GLY A 25 ? 0.6669 0.4479 0.9010 0.0802  0.1777  -0.2668 277 GLY A N   
198 C CA  . GLY A 25 ? 0.7043 0.4531 0.9868 0.1075  0.1397  -0.2470 277 GLY A CA  
199 C C   . GLY A 25 ? 0.8573 0.6087 1.0714 0.0612  0.1118  -0.2071 277 GLY A C   
200 O O   . GLY A 25 ? 1.0899 0.8341 1.3146 0.0704  0.0596  -0.1653 277 GLY A O   
201 N N   . TYR A 26 ? 0.6235 0.3842 0.7685 0.0124  0.1438  -0.2183 278 TYR A N   
202 C CA  . TYR A 26 ? 0.6945 0.4477 0.7646 -0.0310 0.1260  -0.1863 278 TYR A CA  
203 C C   . TYR A 26 ? 0.8539 0.4925 0.8136 -0.0690 0.1357  -0.1755 278 TYR A C   
204 O O   . TYR A 26 ? 0.8368 0.5140 0.7604 -0.0959 0.1644  -0.1761 278 TYR A O   
205 C CB  . TYR A 26 ? 0.5805 0.4388 0.6666 -0.0530 0.1556  -0.2051 278 TYR A CB  
206 C CG  . TYR A 26 ? 0.5285 0.5010 0.7201 -0.0216 0.1460  -0.2117 278 TYR A CG  
207 C CD1 . TYR A 26 ? 0.4563 0.4614 0.6735 -0.0166 0.0972  -0.1753 278 TYR A CD1 
208 C CD2 . TYR A 26 ? 0.6608 0.7072 0.9214 -0.0003 0.1797  -0.2462 278 TYR A CD2 
209 C CE1 . TYR A 26 ? 0.4765 0.5957 0.8000 0.0097  0.0885  -0.1779 278 TYR A CE1 
210 C CE2 . TYR A 26 ? 0.5815 0.7302 0.9290 0.0247  0.1700  -0.2449 278 TYR A CE2 
211 C CZ  . TYR A 26 ? 0.5306 0.7288 0.9300 0.0334  0.1332  -0.2195 278 TYR A CZ  
212 O OH  . TYR A 26 ? 0.6716 0.9888 1.1775 0.0575  0.1296  -0.2213 278 TYR A OH  
213 N N   . GLN A 27 ? 0.7791 0.3152 0.6947 -0.0647 0.0960  -0.1418 279 GLN A N   
214 C CA  . GLN A 27 ? 0.8554 0.2792 0.6618 -0.1039 0.1028  -0.1257 279 GLN A CA  
215 C C   . GLN A 27 ? 1.0397 0.4216 0.7524 -0.1397 0.0753  -0.0844 279 GLN A C   
216 O O   . GLN A 27 ? 1.0927 0.4882 0.7451 -0.1637 0.0931  -0.0706 279 GLN A O   
217 C CB  . GLN A 27 ? 0.9635 0.2847 0.7668 -0.0812 0.0804  -0.1161 279 GLN A CB  
218 C CG  . GLN A 27 ? 0.9425 0.2978 0.8334 -0.0393 0.1011  -0.1558 279 GLN A CG  
219 C CD  . GLN A 27 ? 1.1130 0.3575 1.0036 -0.0112 0.0726  -0.1452 279 GLN A CD  
220 O OE1 . GLN A 27 ? 1.1482 0.3088 0.9699 -0.0344 0.0443  -0.1080 279 GLN A OE1 
221 N NE2 . GLN A 27 ? 1.0711 0.3324 1.0446 0.0403  0.0796  -0.1757 279 GLN A NE2 
222 N N   . THR A 28 ? 0.9428 0.3423 0.6711 -0.1279 0.0259  -0.0563 280 THR A N   
223 C CA  . THR A 28 ? 1.0029 0.3462 0.6285 -0.1651 -0.0054 -0.0176 280 THR A CA  
224 C C   . THR A 28 ? 1.0188 0.4555 0.6666 -0.1727 -0.0128 -0.0183 280 THR A C   
225 O O   . THR A 28 ? 0.8511 0.3962 0.6043 -0.1449 -0.0058 -0.0400 280 THR A O   
226 C CB  . THR A 28 ? 1.0974 0.3581 0.7032 -0.1523 -0.0743 0.0280  280 THR A CB  
227 O OG1 . THR A 28 ? 1.1153 0.4614 0.8336 -0.1112 -0.1166 0.0363  280 THR A OG1 
228 C CG2 . THR A 28 ? 1.1717 0.3456 0.7789 -0.1347 -0.0724 0.0270  280 THR A CG2 
229 N N   . LEU A 29 ? 0.9874 0.3755 0.5277 -0.2135 -0.0264 0.0056  281 LEU A N   
230 C CA  . LEU A 29 ? 0.9340 0.3898 0.4824 -0.2242 -0.0462 0.0115  281 LEU A CA  
231 C C   . LEU A 29 ? 1.0343 0.5436 0.6753 -0.1932 -0.1107 0.0362  281 LEU A C   
232 O O   . LEU A 29 ? 0.9383 0.5521 0.6551 -0.1845 -0.1175 0.0286  281 LEU A O   
233 C CB  . LEU A 29 ? 1.1078 0.4981 0.5182 -0.2650 -0.0525 0.0318  281 LEU A CB  
234 C CG  . LEU A 29 ? 1.0735 0.4795 0.4322 -0.2618 0.0085  0.0053  281 LEU A CG  
235 C CD1 . LEU A 29 ? 1.3052 0.6578 0.5536 -0.2849 -0.0088 0.0050  281 LEU A CD1 
236 C CD2 . LEU A 29 ? 1.1692 0.6729 0.5761 -0.2503 0.0606  -0.0252 281 LEU A CD2 
237 N N   . GLU A 30 ? 1.1838 0.6268 0.8280 -0.1751 -0.1584 0.0674  282 GLU A N   
238 C CA  . GLU A 30 ? 1.0671 0.5657 0.8163 -0.1394 -0.2212 0.0943  282 GLU A CA  
239 C C   . GLU A 30 ? 0.9200 0.5461 0.8272 -0.0900 -0.1912 0.0586  282 GLU A C   
240 O O   . GLU A 30 ? 0.9413 0.6735 0.9425 -0.0749 -0.2155 0.0650  282 GLU A O   
241 C CB  . GLU A 30 ? 1.3599 0.7558 1.0880 -0.1237 -0.2729 0.1325  282 GLU A CB  
242 C CG  . GLU A 30 ? 1.5857 0.9757 1.3171 -0.1281 -0.3603 0.1871  282 GLU A CG  
243 C CD  . GLU A 30 ? 1.6790 1.0356 1.2810 -0.1900 -0.3789 0.2063  282 GLU A CD  
244 O OE1 . GLU A 30 ? 1.8291 1.0939 1.2906 -0.2322 -0.3422 0.1973  282 GLU A OE1 
245 O OE2 . GLU A 30 ? 1.6219 1.0443 1.2628 -0.1975 -0.4283 0.2295  282 GLU A OE2 
246 N N   . ASP A 31 ? 0.9208 0.5374 0.8540 -0.0685 -0.1370 0.0206  283 ASP A N   
247 C CA  . ASP A 31 ? 0.9235 0.6519 0.9860 -0.0277 -0.0987 -0.0199 283 ASP A CA  
248 C C   . ASP A 31 ? 0.8170 0.6490 0.8930 -0.0514 -0.0653 -0.0432 283 ASP A C   
249 O O   . ASP A 31 ? 0.5980 0.5465 0.7821 -0.0277 -0.0623 -0.0553 283 ASP A O   
250 C CB  . ASP A 31 ? 0.8115 0.4906 0.8701 -0.0123 -0.0471 -0.0574 283 ASP A CB  
251 C CG  . ASP A 31 ? 1.0503 0.6276 1.1100 0.0178  -0.0787 -0.0382 283 ASP A CG  
252 O OD1 . ASP A 31 ? 1.1156 0.7261 1.2742 0.0654  -0.1164 -0.0233 283 ASP A OD1 
253 O OD2 . ASP A 31 ? 1.1092 0.5750 1.0748 -0.0060 -0.0655 -0.0367 283 ASP A OD2 
254 N N   . PHE A 32 ? 0.8627 0.6524 0.8301 -0.0983 -0.0385 -0.0489 284 PHE A N   
255 C CA  . PHE A 32 ? 0.7144 0.5869 0.6866 -0.1205 -0.0028 -0.0727 284 PHE A CA  
256 C C   . PHE A 32 ? 0.5432 0.4875 0.5477 -0.1301 -0.0456 -0.0487 284 PHE A C   
257 O O   . PHE A 32 ? 0.6983 0.7415 0.7556 -0.1340 -0.0247 -0.0674 284 PHE A O   
258 C CB  . PHE A 32 ? 0.7874 0.5880 0.6378 -0.1638 0.0319  -0.0794 284 PHE A CB  
259 C CG  . PHE A 32 ? 0.6404 0.5135 0.4940 -0.1834 0.0717  -0.1048 284 PHE A CG  
260 C CD1 . PHE A 32 ? 0.6893 0.6173 0.5934 -0.1734 0.1225  -0.1424 284 PHE A CD1 
261 C CD2 . PHE A 32 ? 0.7157 0.5921 0.5140 -0.2142 0.0555  -0.0896 284 PHE A CD2 
262 C CE1 . PHE A 32 ? 0.6990 0.6968 0.6318 -0.1719 0.1341  -0.1321 284 PHE A CE1 
263 C CE2 . PHE A 32 ? 0.7404 0.6848 0.5526 -0.2104 0.0895  -0.0955 284 PHE A CE2 
264 C CZ  . PHE A 32 ? 0.6882 0.6877 0.5842 -0.1768 0.1121  -0.1081 284 PHE A CZ  
265 N N   . LYS A 33 ? 0.8075 0.7027 0.7795 -0.1378 -0.1088 -0.0051 285 LYS A N   
266 C CA  . LYS A 33 ? 0.7692 0.7358 0.7794 -0.1499 -0.1573 0.0215  285 LYS A CA  
267 C C   . LYS A 33 ? 0.7499 0.8570 0.9239 -0.1092 -0.1564 0.0108  285 LYS A C   
268 O O   . LYS A 33 ? 0.6466 0.8444 0.8666 -0.1242 -0.1747 0.0203  285 LYS A O   
269 C CB  . LYS A 33 ? 0.8399 0.7280 0.7927 -0.1645 -0.2330 0.0737  285 LYS A CB  
270 C CG  . LYS A 33 ? 0.9331 0.6821 0.7097 -0.2121 -0.2352 0.0869  285 LYS A CG  
271 C CD  . LYS A 33 ? 1.2018 0.8719 0.9115 -0.2329 -0.3163 0.1414  285 LYS A CD  
272 C CE  . LYS A 33 ? 1.1951 0.7119 0.7208 -0.2770 -0.3105 0.1521  285 LYS A CE  
273 N NZ  . LYS A 33 ? 1.2476 0.6712 0.6896 -0.3017 -0.3902 0.2063  285 LYS A NZ  
274 N N   . GLU A 34 ? 0.7315 0.8565 0.9906 -0.0600 -0.1323 -0.0101 286 GLU A N   
275 C CA  . GLU A 34 ? 0.6002 0.8524 1.0148 -0.0156 -0.1251 -0.0226 286 GLU A CA  
276 C C   . GLU A 34 ? 0.5946 0.9355 1.0485 -0.0163 -0.0571 -0.0709 286 GLU A C   
277 O O   . GLU A 34 ? 0.5721 1.0173 1.1467 0.0194  -0.0375 -0.0889 286 GLU A O   
278 C CB  . GLU A 34 ? 0.8162 1.0346 1.3004 0.0420  -0.1302 -0.0245 286 GLU A CB  
279 C CG  . GLU A 34 ? 1.0504 1.1445 1.4673 0.0408  -0.1883 0.0184  286 GLU A CG  
280 C CD  . GLU A 34 ? 1.1884 1.2176 1.6434 0.0922  -0.1787 0.0069  286 GLU A CD  
281 O OE1 . GLU A 34 ? 1.1691 1.2256 1.6681 0.1188  -0.1180 -0.0413 286 GLU A OE1 
282 O OE2 . GLU A 34 ? 1.3150 1.2594 1.7500 0.1039  -0.2338 0.0464  286 GLU A OE2 
283 N N   . LEU A 35 ? 0.7272 0.5678 0.7327 0.1110  -0.0145 0.0947  287 LEU A N   
284 C CA  . LEU A 35 ? 0.7724 0.6315 0.7675 0.0681  0.0231  0.0971  287 LEU A CA  
285 C C   . LEU A 35 ? 0.8116 0.7635 0.8960 0.0414  0.0280  0.1040  287 LEU A C   
286 O O   . LEU A 35 ? 1.0146 1.0006 1.1512 0.0308  -0.0099 0.1108  287 LEU A O   
287 C CB  . LEU A 35 ? 0.8155 0.6183 0.7351 0.0356  0.0153  0.1073  287 LEU A CB  
288 C CG  . LEU A 35 ? 0.7158 0.5253 0.6029 -0.0010 0.0494  0.1080  287 LEU A CG  
289 C CD1 . LEU A 35 ? 0.7608 0.5258 0.5939 0.0066  0.0811  0.0922  287 LEU A CD1 
290 C CD2 . LEU A 35 ? 0.7449 0.5307 0.5828 -0.0278 0.0330  0.1233  287 LEU A CD2 
291 N N   . ARG A 36 ? 0.6732 0.6577 0.7685 0.0290  0.0757  0.1023  288 ARG A N   
292 C CA  . ARG A 36 ? 1.0386 1.0944 1.1999 -0.0057 0.0921  0.1135  288 ARG A CA  
293 C C   . ARG A 36 ? 1.0642 1.0999 1.1674 -0.0252 0.1416  0.1143  288 ARG A C   
294 O O   . ARG A 36 ? 0.9956 0.9713 1.0172 -0.0132 0.1581  0.1034  288 ARG A O   
295 C CB  . ARG A 36 ? 1.1778 1.3355 1.4610 0.0119  0.0993  0.1144  288 ARG A CB  
296 C CG  . ARG A 36 ? 1.2550 1.4830 1.6239 -0.0352 0.0903  0.1285  288 ARG A CG  
297 C CD  . ARG A 36 ? 1.3985 1.7478 1.8995 -0.0269 0.1158  0.1333  288 ARG A CD  
298 N NE  . ARG A 36 ? 1.3978 1.7573 1.8837 0.0158  0.1741  0.1295  288 ARG A NE  
299 C CZ  . ARG A 36 ? 1.1962 1.5323 1.6311 0.0059  0.2326  0.1345  288 ARG A CZ  
300 N NH1 . ARG A 36 ? 1.1016 1.4073 1.4978 -0.0439 0.2424  0.1445  288 ARG A NH1 
301 N NH2 . ARG A 36 ? 1.1167 1.4489 1.5255 0.0517  0.2809  0.1292  288 ARG A NH2 
302 N N   . GLU A 37 ? 1.0342 1.1157 1.1759 -0.0567 0.1645  0.1270  289 GLU A N   
303 C CA  . GLU A 37 ? 0.9492 0.9977 1.0167 -0.0786 0.1995  0.1315  289 GLU A CA  
304 C C   . GLU A 37 ? 0.8367 0.8619 0.8523 -0.0521 0.2441  0.1185  289 GLU A C   
305 O O   . GLU A 37 ? 0.9373 0.9027 0.8553 -0.0578 0.2501  0.1109  289 GLU A O   
306 C CB  . GLU A 37 ? 0.9698 1.0655 1.0901 -0.1126 0.2226  0.1494  289 GLU A CB  
307 C CG  . GLU A 37 ? 1.0496 1.0929 1.0793 -0.1391 0.2344  0.1593  289 GLU A CG  
308 C CD  . GLU A 37 ? 1.0817 1.1519 1.1513 -0.1742 0.2601  0.1786  289 GLU A CD  
309 O OE1 . GLU A 37 ? 1.0139 1.1562 1.1966 -0.1848 0.2687  0.1843  289 GLU A OE1 
310 O OE2 . GLU A 37 ? 1.1783 1.1982 1.1658 -0.1912 0.2722  0.1890  289 GLU A OE2 
311 N N   . THR A 38 ? 0.8008 0.8729 0.8766 -0.0210 0.2750  0.1158  290 THR A N   
312 C CA  . THR A 38 ? 0.9248 0.9628 0.9371 0.0077  0.3234  0.1053  290 THR A CA  
313 C C   . THR A 38 ? 0.9862 0.9325 0.8987 0.0246  0.3045  0.0836  290 THR A C   
314 O O   . THR A 38 ? 0.9165 0.8011 0.7355 0.0317  0.3302  0.0707  290 THR A O   
315 C CB  . THR A 38 ? 1.0383 1.1495 1.1370 0.0463  0.3634  0.1110  290 THR A CB  
316 O OG1 . THR A 38 ? 1.1137 1.3037 1.3301 0.0467  0.3273  0.1183  290 THR A OG1 
317 C CG2 . THR A 38 ? 1.0425 1.2002 1.1685 0.0348  0.4221  0.1288  290 THR A CG2 
318 N N   . HIS A 39 ? 1.0273 0.9556 0.9512 0.0291  0.2596  0.0793  291 HIS A N   
319 C CA  . HIS A 39 ? 0.9058 0.7414 0.7346 0.0315  0.2423  0.0624  291 HIS A CA  
320 C C   . HIS A 39 ? 0.9023 0.7030 0.6605 -0.0111 0.2289  0.0621  291 HIS A C   
321 O O   . HIS A 39 ? 0.9939 0.7281 0.6653 -0.0186 0.2319  0.0460  291 HIS A O   
322 C CB  . HIS A 39 ? 1.0501 0.8695 0.9014 0.0463  0.2018  0.0626  291 HIS A CB  
323 C CG  . HIS A 39 ? 1.2474 1.1257 1.1867 0.0880  0.1999  0.0665  291 HIS A CG  
324 N ND1 . HIS A 39 ? 1.1951 1.1576 1.2349 0.0785  0.1745  0.0808  291 HIS A ND1 
325 C CD2 . HIS A 39 ? 1.3121 1.1781 1.2514 0.1415  0.2167  0.0575  291 HIS A CD2 
326 C CE1 . HIS A 39 ? 1.2068 1.2215 1.3175 0.1220  0.1723  0.0800  291 HIS A CE1 
327 N NE2 . HIS A 39 ? 1.2958 1.2548 1.3461 0.1655  0.1998  0.0673  291 HIS A NE2 
328 N N   . LEU A 40 ? 0.8429 0.6858 0.6335 -0.0388 0.2116  0.0796  292 LEU A N   
329 C CA  . LEU A 40 ? 0.8658 0.6865 0.5888 -0.0694 0.2014  0.0820  292 LEU A CA  
330 C C   . LEU A 40 ? 0.9397 0.7459 0.6031 -0.0700 0.2380  0.0731  292 LEU A C   
331 O O   . LEU A 40 ? 0.9825 0.7496 0.5663 -0.0840 0.2298  0.0614  292 LEU A O   
332 C CB  . LEU A 40 ? 0.8651 0.7213 0.6196 -0.0894 0.1811  0.1043  292 LEU A CB  
333 C CG  . LEU A 40 ? 0.7562 0.6103 0.5453 -0.0868 0.1395  0.1134  292 LEU A CG  
334 C CD1 . LEU A 40 ? 0.7885 0.6578 0.5845 -0.1052 0.1223  0.1343  292 LEU A CD1 
335 C CD2 . LEU A 40 ? 0.8733 0.6795 0.6068 -0.0872 0.1193  0.1070  292 LEU A CD2 
336 N N   . ASN A 41 ? 0.9871 0.8267 0.6884 -0.0539 0.2786  0.0790  293 ASN A N   
337 C CA  . ASN A 41 ? 0.9575 0.7706 0.5904 -0.0432 0.3207  0.0711  293 ASN A CA  
338 C C   . ASN A 41 ? 1.0138 0.7532 0.5650 -0.0261 0.3229  0.0443  293 ASN A C   
339 O O   . ASN A 41 ? 1.0853 0.7735 0.5393 -0.0338 0.3239  0.0295  293 ASN A O   
340 C CB  . ASN A 41 ? 0.9182 0.7820 0.6163 -0.0225 0.3720  0.0853  293 ASN A CB  
341 C CG  . ASN A 41 ? 0.8743 0.7915 0.6298 -0.0491 0.3775  0.1102  293 ASN A CG  
342 O OD1 . ASN A 41 ? 0.8504 0.7542 0.5758 -0.0760 0.3458  0.1163  293 ASN A OD1 
343 N ND2 . ASN A 41 ? 0.9161 0.8919 0.7518 -0.0419 0.4203  0.1264  293 ASN A ND2 
344 N N   . GLU A 42 ? 1.1546 0.8805 0.7358 -0.0014 0.3218  0.0367  294 GLU A N   
345 C CA  . GLU A 42 ? 1.3059 0.9408 0.7963 0.0157  0.3272  0.0111  294 GLU A CA  
346 C C   . GLU A 42 ? 1.2526 0.8313 0.6759 -0.0240 0.2842  -0.0042 294 GLU A C   
347 O O   . GLU A 42 ? 1.3070 0.8083 0.6303 -0.0317 0.2845  -0.0274 294 GLU A O   
348 C CB  . GLU A 42 ? 1.3268 0.9552 0.8586 0.0573  0.3366  0.0094  294 GLU A CB  
349 C CG  . GLU A 42 ? 1.3067 0.9984 0.9046 0.1017  0.3839  0.0231  294 GLU A CG  
350 C CD  . GLU A 42 ? 1.4850 1.1680 1.1079 0.1544  0.3935  0.0197  294 GLU A CD  
351 O OE1 . GLU A 42 ? 1.4697 1.1313 1.1044 0.1520  0.3556  0.0158  294 GLU A OE1 
352 O OE2 . GLU A 42 ? 1.6265 1.3202 1.2501 0.2043  0.4415  0.0226  294 GLU A OE2 
353 N N   . LEU A 43 ? 1.2160 0.8708 0.7928 -0.0455 0.3418  -0.1591 295 LEU A N   
354 C CA  . LEU A 43 ? 1.1066 0.7309 0.6589 -0.0647 0.3025  -0.1648 295 LEU A CA  
355 C C   . LEU A 43 ? 1.0827 0.7425 0.6151 -0.0863 0.2824  -0.1585 295 LEU A C   
356 O O   . LEU A 43 ? 1.0068 0.6574 0.5357 -0.1010 0.2528  -0.1618 295 LEU A O   
357 C CB  . LEU A 43 ? 0.9021 0.4868 0.4624 -0.0730 0.2804  -0.1547 295 LEU A CB  
358 C CG  . LEU A 43 ? 1.0485 0.5735 0.6121 -0.0567 0.2799  -0.1606 295 LEU A CG  
359 C CD1 . LEU A 43 ? 1.0881 0.6023 0.6760 -0.0205 0.3141  -0.1714 295 LEU A CD1 
360 C CD2 . LEU A 43 ? 1.0305 0.5280 0.5955 -0.0656 0.2574  -0.1466 295 LEU A CD2 
361 N N   . ASN A 44 ? 1.0421 0.7455 0.5643 -0.0876 0.2999  -0.1470 296 ASN A N   
362 C CA  . ASN A 44 ? 0.9271 0.6554 0.4206 -0.1057 0.2805  -0.1380 296 ASN A CA  
363 C C   . ASN A 44 ? 0.8783 0.5908 0.3794 -0.1246 0.2477  -0.1281 296 ASN A C   
364 O O   . ASN A 44 ? 1.0216 0.7373 0.5095 -0.1357 0.2208  -0.1340 296 ASN A O   
365 C CB  . ASN A 44 ? 0.9617 0.6921 0.4273 -0.1031 0.2700  -0.1615 296 ASN A CB  
366 C CG  . ASN A 44 ? 1.1494 0.9091 0.5729 -0.1147 0.2598  -0.1528 296 ASN A CG  
367 O OD1 . ASN A 44 ? 1.1733 0.9628 0.5777 -0.1184 0.2776  -0.1298 296 ASN A OD1 
368 N ND2 . ASN A 44 ? 1.1984 0.9515 0.6075 -0.1216 0.2319  -0.1683 296 ASN A ND2 
369 N N   . ILE A 45 ? 0.8915 0.5887 0.4155 -0.1264 0.2507  -0.1162 297 ILE A N   
370 C CA  . ILE A 45 ? 0.8799 0.5654 0.4070 -0.1441 0.2224  -0.1093 297 ILE A CA  
371 C C   . ILE A 45 ? 0.9575 0.6783 0.5064 -0.1526 0.2171  -0.0702 297 ILE A C   
372 O O   . ILE A 45 ? 0.8994 0.6378 0.5099 -0.1473 0.2134  -0.0437 297 ILE A O   
373 C CB  . ILE A 45 ? 0.8459 0.4998 0.3982 -0.1399 0.2135  -0.1148 297 ILE A CB  
374 C CG1 . ILE A 45 ? 0.8598 0.4937 0.4215 -0.1296 0.2102  -0.1294 297 ILE A CG1 
375 C CG2 . ILE A 45 ? 0.7497 0.4027 0.3194 -0.1542 0.1742  -0.1153 297 ILE A CG2 
376 C CD1 . ILE A 45 ? 0.9474 0.5592 0.5251 -0.1327 0.1901  -0.1280 297 ILE A CD1 
377 N N   . MET A 46 ? 0.9816 0.7150 0.4914 -0.1659 0.2077  -0.0618 298 MET A N   
378 C CA  . MET A 46 ? 0.8543 0.6202 0.3795 -0.1757 0.2058  -0.0164 298 MET A CA  
379 C C   . MET A 46 ? 0.9112 0.6714 0.4681 -0.1882 0.1549  0.0073  298 MET A C   
380 O O   . MET A 46 ? 1.0269 0.8042 0.6045 -0.1999 0.1476  0.0511  298 MET A O   
381 C CB  . MET A 46 ? 1.0303 0.8115 0.4780 -0.1824 0.2324  -0.0149 298 MET A CB  
382 C CG  . MET A 46 ? 1.0439 0.8357 0.4876 -0.1590 0.2657  -0.0475 298 MET A CG  
383 S SD  . MET A 46 ? 1.1133 0.9337 0.6149 -0.1447 0.3129  -0.0346 298 MET A SD  
384 C CE  . MET A 46 ? 1.0002 0.8827 0.4846 -0.1525 0.3414  -0.0008 298 MET A CE  
385 N N   . ASP A 47 ? 0.8198 0.5566 0.3838 -0.1870 0.1211  -0.0208 299 ASP A N   
386 C CA  . ASP A 47 ? 0.8726 0.6031 0.4769 -0.1932 0.0714  -0.0057 299 ASP A CA  
387 C C   . ASP A 47 ? 0.8981 0.6323 0.5774 -0.1929 0.0604  0.0195  299 ASP A C   
388 O O   . ASP A 47 ? 0.9028 0.6320 0.6095 -0.1841 0.0670  -0.0001 299 ASP A O   
389 C CB  . ASP A 47 ? 0.7981 0.5137 0.4030 -0.1898 0.0449  -0.0506 299 ASP A CB  
390 C CG  . ASP A 47 ? 1.0172 0.7275 0.6682 -0.1904 -0.0073 -0.0448 299 ASP A CG  
391 O OD1 . ASP A 47 ? 1.0130 0.7203 0.7068 -0.1935 -0.0263 -0.0075 299 ASP A OD1 
392 O OD2 . ASP A 47 ? 1.0981 0.8080 0.7491 -0.1876 -0.0300 -0.0805 299 ASP A OD2 
393 N N   . PRO A 48 ? 0.8819 0.6219 0.5941 -0.2044 0.0408  0.0637  300 PRO A N   
394 C CA  . PRO A 48 ? 0.9894 0.7345 0.7791 -0.2072 0.0290  0.0851  300 PRO A CA  
395 C C   . PRO A 48 ? 0.8565 0.5803 0.6875 -0.1984 -0.0082 0.0528  300 PRO A C   
396 O O   . PRO A 48 ? 0.8257 0.5535 0.7026 -0.1947 -0.0101 0.0503  300 PRO A O   
397 C CB  . PRO A 48 ? 0.8370 0.5823 0.6466 -0.2272 0.0094  0.1381  300 PRO A CB  
398 C CG  . PRO A 48 ? 0.8437 0.5939 0.5733 -0.2339 0.0288  0.1513  300 PRO A CG  
399 C CD  . PRO A 48 ? 0.8282 0.5656 0.5078 -0.2182 0.0254  0.0994  300 PRO A CD  
400 N N   . GLN A 49 ? 0.8711 0.5765 0.6867 -0.1946 -0.0380 0.0250  301 GLN A N   
401 C CA  . GLN A 49 ? 0.8378 0.5298 0.6842 -0.1860 -0.0658 -0.0152 301 GLN A CA  
402 C C   . GLN A 49 ? 0.6684 0.3625 0.4890 -0.1792 -0.0356 -0.0483 301 GLN A C   
403 O O   . GLN A 49 ? 0.7550 0.4436 0.6036 -0.1758 -0.0449 -0.0590 301 GLN A O   
404 C CB  . GLN A 49 ? 0.7637 0.4482 0.6009 -0.1814 -0.0953 -0.0436 301 GLN A CB  
405 C CG  . GLN A 49 ? 0.9349 0.6019 0.8160 -0.1827 -0.1443 -0.0188 301 GLN A CG  
406 C CD  . GLN A 49 ? 0.9997 0.6528 0.9439 -0.1742 -0.1816 -0.0481 301 GLN A CD  
407 O OE1 . GLN A 49 ? 1.1265 0.7997 1.0725 -0.1604 -0.1711 -0.0974 301 GLN A OE1 
408 N NE2 . GLN A 49 ? 0.9084 0.5388 0.9061 -0.1793 -0.2169 -0.0167 301 GLN A NE2 
409 N N   . HIS A 50 ? 0.7700 0.4665 0.5327 -0.1783 -0.0035 -0.0656 302 HIS A N   
410 C CA  . HIS A 50 ? 0.6953 0.3822 0.4284 -0.1744 0.0248  -0.0907 302 HIS A CA  
411 C C   . HIS A 50 ? 0.6574 0.3460 0.4156 -0.1681 0.0375  -0.0659 302 HIS A C   
412 O O   . HIS A 50 ? 0.7782 0.4532 0.5416 -0.1637 0.0331  -0.0782 302 HIS A O   
413 C CB  . HIS A 50 ? 0.7013 0.3855 0.3736 -0.1764 0.0573  -0.1066 302 HIS A CB  
414 C CG  . HIS A 50 ? 0.8474 0.5425 0.5076 -0.1795 0.0422  -0.1328 302 HIS A CG  
415 N ND1 . HIS A 50 ? 0.7808 0.4962 0.4204 -0.1730 0.0605  -0.1414 302 HIS A ND1 
416 C CD2 . HIS A 50 ? 0.8412 0.5550 0.5444 -0.1737 0.0056  -0.1411 302 HIS A CD2 
417 C CE1 . HIS A 50 ? 0.9576 0.7012 0.6236 -0.1664 0.0362  -0.1554 302 HIS A CE1 
418 N NE2 . HIS A 50 ? 0.9312 0.6745 0.6343 -0.1648 0.0043  -0.1577 302 HIS A NE2 
419 N N   . ARG A 51 ? 0.7400 0.4485 0.5157 -0.1684 0.0516  -0.0300 303 ARG A N   
420 C CA  . ARG A 51 ? 0.6533 0.3759 0.4659 -0.1604 0.0671  -0.0089 303 ARG A CA  
421 C C   . ARG A 51 ? 0.6880 0.4116 0.5640 -0.1619 0.0299  0.0003  303 ARG A C   
422 O O   . ARG A 51 ? 0.6550 0.3762 0.5509 -0.1520 0.0275  -0.0021 303 ARG A O   
423 C CB  . ARG A 51 ? 0.7347 0.4905 0.5575 -0.1645 0.0950  0.0248  303 ARG A CB  
424 C CG  . ARG A 51 ? 0.7538 0.5091 0.5082 -0.1603 0.1349  0.0099  303 ARG A CG  
425 C CD  . ARG A 51 ? 0.7436 0.5314 0.4861 -0.1707 0.1589  0.0408  303 ARG A CD  
426 N NE  . ARG A 51 ? 0.8336 0.6626 0.6321 -0.1684 0.1854  0.0680  303 ARG A NE  
427 C CZ  . ARG A 51 ? 0.8639 0.7169 0.6537 -0.1545 0.2323  0.0589  303 ARG A CZ  
428 N NH1 . ARG A 51 ? 0.8035 0.6340 0.5252 -0.1424 0.2559  0.0237  303 ARG A NH1 
429 N NH2 . ARG A 51 ? 0.8801 0.7819 0.7367 -0.1527 0.2554  0.0821  303 ARG A NH2 
430 N N   . ALA A 52 ? 0.6302 0.3532 0.5389 -0.1732 -0.0041 0.0101  304 ALA A N   
431 C CA  . ALA A 52 ? 0.6352 0.3550 0.6046 -0.1756 -0.0429 0.0128  304 ALA A CA  
432 C C   . ALA A 52 ? 0.6874 0.3836 0.6301 -0.1675 -0.0586 -0.0280 304 ALA A C   
433 O O   . ALA A 52 ? 0.8841 0.5789 0.8502 -0.1630 -0.0744 -0.0292 304 ALA A O   
434 C CB  . ALA A 52 ? 0.6297 0.3425 0.6389 -0.1888 -0.0789 0.0281  304 ALA A CB  
435 N N   . LYS A 53 ? 0.7672 0.4481 0.6583 -0.1672 -0.0534 -0.0614 305 LYS A N   
436 C CA  . LYS A 53 ? 0.7799 0.4457 0.6386 -0.1635 -0.0592 -0.0991 305 LYS A CA  
437 C C   . LYS A 53 ? 0.7053 0.3563 0.5267 -0.1583 -0.0367 -0.0949 305 LYS A C   
438 O O   . LYS A 53 ? 0.6917 0.3302 0.5094 -0.1556 -0.0547 -0.1013 305 LYS A O   
439 C CB  . LYS A 53 ? 0.6637 0.3595 0.5063 -0.1510 -0.0466 -0.1251 305 LYS A CB  
440 C CG  . LYS A 53 ? 0.6683 0.3865 0.5627 -0.1446 -0.0733 -0.1394 305 LYS A CG  
441 C CD  . LYS A 53 ? 0.9071 0.6536 0.7952 -0.1324 -0.0655 -0.1624 305 LYS A CD  
442 C CE  . LYS A 53 ? 1.0619 0.8434 1.0083 -0.1228 -0.0807 -0.1908 305 LYS A CE  
443 N NZ  . LYS A 53 ? 0.9595 0.7403 0.8790 -0.1005 -0.0964 -0.1960 305 LYS A NZ  
444 N N   . LEU A 54 ? 0.7366 0.3876 0.5301 -0.1544 -0.0007 -0.0840 306 LEU A N   
445 C CA  . LEU A 54 ? 0.7786 0.4090 0.5413 -0.1446 0.0192  -0.0802 306 LEU A CA  
446 C C   . LEU A 54 ? 0.6707 0.3118 0.4867 -0.1326 -0.0002 -0.0547 306 LEU A C   
447 O O   . LEU A 54 ? 0.7639 0.3815 0.5615 -0.1267 -0.0157 -0.0581 306 LEU A O   
448 C CB  . LEU A 54 ? 0.7382 0.3684 0.4742 -0.1399 0.0593  -0.0764 306 LEU A CB  
449 C CG  . LEU A 54 ? 0.7527 0.3691 0.4321 -0.1521 0.0773  -0.1051 306 LEU A CG  
450 C CD1 . LEU A 54 ? 0.6962 0.3101 0.3476 -0.1468 0.1137  -0.1045 306 LEU A CD1 
451 C CD2 . LEU A 54 ? 0.7518 0.3721 0.4133 -0.1474 0.0729  -0.1140 306 LEU A CD2 
452 N N   . LEU A 55 ? 0.6433 0.3217 0.5258 -0.1310 -0.0010 -0.0277 307 LEU A N   
453 C CA  . LEU A 55 ? 0.6453 0.3449 0.5932 -0.1207 -0.0181 -0.0056 307 LEU A CA  
454 C C   . LEU A 55 ? 0.6660 0.3591 0.6399 -0.1268 -0.0681 -0.0121 307 LEU A C   
455 O O   . LEU A 55 ? 0.8047 0.4952 0.7971 -0.1162 -0.0913 -0.0073 307 LEU A O   
456 C CB  . LEU A 55 ? 0.6322 0.3811 0.6492 -0.1238 -0.0010 0.0243  307 LEU A CB  
457 C CG  . LEU A 55 ? 0.6752 0.4375 0.6635 -0.1191 0.0498  0.0282  307 LEU A CG  
458 C CD1 . LEU A 55 ? 0.7849 0.5978 0.8308 -0.1317 0.0652  0.0595  307 LEU A CD1 
459 C CD2 . LEU A 55 ? 0.6827 0.4392 0.6653 -0.0942 0.0730  0.0222  307 LEU A CD2 
460 N N   . THR A 56 ? 0.7856 0.4756 0.7641 -0.1419 -0.0894 -0.0250 308 THR A N   
461 C CA  . THR A 56 ? 0.6454 0.3246 0.6406 -0.1465 -0.1364 -0.0414 308 THR A CA  
462 C C   . THR A 56 ? 0.7159 0.3617 0.6351 -0.1406 -0.1416 -0.0662 308 THR A C   
463 O O   . THR A 56 ? 0.9326 0.5716 0.8572 -0.1364 -0.1752 -0.0669 308 THR A O   
464 C CB  . THR A 56 ? 0.6692 0.3430 0.6771 -0.1590 -0.1557 -0.0595 308 THR A CB  
465 O OG1 . THR A 56 ? 0.7360 0.4325 0.8145 -0.1685 -0.1592 -0.0273 308 THR A OG1 
466 C CG2 . THR A 56 ? 0.7003 0.3778 0.7161 -0.1536 -0.1904 -0.0842 308 THR A CG2 
467 N N   . ALA A 57 ? 0.9055 0.5295 0.7501 -0.1429 -0.1094 -0.0846 309 ALA A N   
468 C CA  . ALA A 57 ? 0.8321 0.4210 0.5961 -0.1442 -0.1084 -0.1034 309 ALA A CA  
469 C C   . ALA A 57 ? 0.9219 0.4935 0.6778 -0.1294 -0.1133 -0.0775 309 ALA A C   
470 O O   . ALA A 57 ? 0.9275 0.4757 0.6468 -0.1281 -0.1414 -0.0800 309 ALA A O   
471 C CB  . ALA A 57 ? 0.8165 0.4104 0.5302 -0.1465 -0.0654 -0.1186 309 ALA A CB  
472 N N   . ALA A 58 ? 0.8744 0.4577 0.6638 -0.1163 -0.0882 -0.0539 310 ALA A N   
473 C CA  . ALA A 58 ? 0.8095 0.3769 0.6037 -0.0958 -0.0941 -0.0324 310 ALA A CA  
474 C C   . ALA A 58 ? 0.8737 0.4649 0.7336 -0.0871 -0.1430 -0.0184 310 ALA A C   
475 O O   . ALA A 58 ? 0.9677 0.5311 0.8011 -0.0762 -0.1734 -0.0113 310 ALA A O   
476 C CB  . ALA A 58 ? 0.7629 0.3483 0.5934 -0.0809 -0.0550 -0.0182 310 ALA A CB  
477 N N   . GLU A 59 ? 0.9601 0.5997 0.9055 -0.0937 -0.1548 -0.0125 311 GLU A N   
478 C CA  . GLU A 59 ? 0.9394 0.6068 0.9607 -0.0895 -0.2028 -0.0012 311 GLU A CA  
479 C C   . GLU A 59 ? 0.8882 0.5232 0.8538 -0.0972 -0.2495 -0.0221 311 GLU A C   
480 O O   . GLU A 59 ? 0.9823 0.6104 0.9521 -0.0860 -0.2905 -0.0146 311 GLU A O   
481 C CB  . GLU A 59 ? 0.9400 0.6584 1.0587 -0.1038 -0.2046 0.0093  311 GLU A CB  
482 C CG  . GLU A 59 ? 1.0878 0.8479 1.2624 -0.0977 -0.1587 0.0333  311 GLU A CG  
483 C CD  . GLU A 59 ? 1.2473 1.0400 1.4757 -0.1205 -0.1472 0.0453  311 GLU A CD  
484 O OE1 . GLU A 59 ? 1.2315 1.0207 1.4887 -0.1380 -0.1857 0.0398  311 GLU A OE1 
485 O OE2 . GLU A 59 ? 1.3013 1.1182 1.5380 -0.1215 -0.1013 0.0603  311 GLU A OE2 
486 N N   . LEU A 60 ? 0.9140 0.5303 0.8242 -0.1149 -0.2446 -0.0512 312 LEU A N   
487 C CA  . LEU A 60 ? 1.0053 0.5959 0.8571 -0.1230 -0.2834 -0.0782 312 LEU A CA  
488 C C   . LEU A 60 ? 1.1476 0.6910 0.8910 -0.1184 -0.2805 -0.0768 312 LEU A C   
489 O O   . LEU A 60 ? 1.1415 0.6644 0.8374 -0.1197 -0.3216 -0.0846 312 LEU A O   
490 C CB  . LEU A 60 ? 0.9440 0.5350 0.7741 -0.1390 -0.2729 -0.1147 312 LEU A CB  
491 C CG  . LEU A 60 ? 0.9175 0.5518 0.8526 -0.1401 -0.2834 -0.1093 312 LEU A CG  
492 C CD1 . LEU A 60 ? 1.0146 0.6748 0.9398 -0.1374 -0.2648 -0.1386 312 LEU A CD1 
493 C CD2 . LEU A 60 ? 0.8534 0.4993 0.8566 -0.1391 -0.3371 -0.0964 312 LEU A CD2 
494 N N   . LEU A 61 ? 1.0790 0.5999 0.7768 -0.1155 -0.2344 -0.0667 313 LEU A N   
495 C CA  . LEU A 61 ? 1.2513 0.7177 0.8492 -0.1137 -0.2307 -0.0573 313 LEU A CA  
496 C C   . LEU A 61 ? 1.2341 0.6896 0.8580 -0.0903 -0.2733 -0.0262 313 LEU A C   
497 O O   . LEU A 61 ? 1.2376 0.6520 0.7847 -0.0908 -0.3067 -0.0202 313 LEU A O   
498 C CB  . LEU A 61 ? 1.1597 0.6034 0.7245 -0.1151 -0.1754 -0.0520 313 LEU A CB  
499 C CG  . LEU A 61 ? 1.3728 0.7658 0.8172 -0.1368 -0.1527 -0.0647 313 LEU A CG  
500 C CD1 . LEU A 61 ? 1.4447 0.8644 0.8660 -0.1601 -0.1451 -0.1047 313 LEU A CD1 
501 C CD2 . LEU A 61 ? 1.2652 0.6342 0.6921 -0.1379 -0.1040 -0.0584 313 LEU A CD2 
502 N N   . LEU A 62 ? 1.2362 0.7312 0.9684 -0.0696 -0.2723 -0.0061 314 LEU A N   
503 C CA  . LEU A 62 ? 1.3367 0.8370 1.1213 -0.0435 -0.3163 0.0194  314 LEU A CA  
504 C C   . LEU A 62 ? 1.4415 0.9573 1.2414 -0.0491 -0.3812 0.0118  314 LEU A C   
505 O O   . LEU A 62 ? 1.5560 1.0460 1.3283 -0.0352 -0.4305 0.0262  314 LEU A O   
506 C CB  . LEU A 62 ? 1.2390 0.7975 1.1519 -0.0238 -0.2958 0.0346  314 LEU A CB  
507 C CG  . LEU A 62 ? 1.2947 0.8630 1.2744 0.0111  -0.3272 0.0587  314 LEU A CG  
508 C CD1 . LEU A 62 ? 1.2829 0.8896 1.3443 0.0306  -0.2770 0.0659  314 LEU A CD1 
509 C CD2 . LEU A 62 ? 1.3003 0.9194 1.3713 0.0139  -0.3891 0.0624  314 LEU A CD2 
510 N N   . ASP A 63 ? 1.4512 1.0044 1.2940 -0.0688 -0.3866 -0.0114 315 ASP A N   
511 C CA  . ASP A 63 ? 1.4176 0.9885 1.2915 -0.0746 -0.4507 -0.0235 315 ASP A CA  
512 C C   . ASP A 63 ? 1.5033 1.0223 1.2432 -0.0857 -0.4810 -0.0442 315 ASP A C   
513 O O   . ASP A 63 ? 1.5630 1.0716 1.2862 -0.0781 -0.5408 -0.0385 315 ASP A O   
514 C CB  . ASP A 63 ? 1.4433 1.0584 1.4030 -0.0932 -0.4488 -0.0428 315 ASP A CB  
515 C CG  . ASP A 63 ? 1.3408 1.0160 1.4423 -0.0867 -0.4361 -0.0168 315 ASP A CG  
516 O OD1 . ASP A 63 ? 1.2813 0.9718 1.4215 -0.0642 -0.4283 0.0097  315 ASP A OD1 
517 O OD2 . ASP A 63 ? 1.2608 0.9672 1.4355 -0.1045 -0.4333 -0.0230 315 ASP A OD2 
518 N N   . TYR A 64 ? 1.7071 1.1976 1.3504 -0.1049 -0.4413 -0.0698 316 TYR A N   
519 C CA  . TYR A 64 ? 1.8088 1.2578 1.3185 -0.1204 -0.4589 -0.0936 316 TYR A CA  
520 C C   . TYR A 64 ? 1.9944 1.3837 1.3788 -0.1226 -0.4321 -0.0716 316 TYR A C   
521 O O   . TYR A 64 ? 2.1222 1.4918 1.4028 -0.1382 -0.4159 -0.0853 316 TYR A O   
522 C CB  . TYR A 64 ? 1.6213 1.1136 1.1396 -0.1319 -0.4069 -0.1315 316 TYR A CB  
523 C CG  . TYR A 64 ? 1.3241 0.8720 0.9644 -0.1284 -0.4157 -0.1480 316 TYR A CG  
524 C CD1 . TYR A 64 ? 1.1723 0.7432 0.8977 -0.1290 -0.3915 -0.1420 316 TYR A CD1 
525 C CD2 . TYR A 64 ? 1.3580 0.9306 1.0206 -0.1268 -0.4451 -0.1681 316 TYR A CD2 
526 C CE1 . TYR A 64 ? 1.2481 0.8603 1.0746 -0.1282 -0.3976 -0.1489 316 TYR A CE1 
527 C CE2 . TYR A 64 ? 1.3827 0.9938 1.1489 -0.1259 -0.4511 -0.1793 316 TYR A CE2 
528 C CZ  . TYR A 64 ? 1.3310 0.9598 1.1769 -0.1265 -0.4274 -0.1668 316 TYR A CZ  
529 O OH  . TYR A 64 ? 1.3269 0.9843 1.2657 -0.1271 -0.4335 -0.1707 316 TYR A OH  
530 N N   . ASP A 65 ? 1.9555 1.3296 1.3698 -0.1044 -0.4116 -0.0344 317 ASP A N   
531 C CA  . ASP A 65 ? 1.9479 1.2544 1.2552 -0.1062 -0.3890 -0.0087 317 ASP A CA  
532 C C   . ASP A 65 ? 1.9241 1.2062 1.1268 -0.1389 -0.3325 -0.0323 317 ASP A C   
533 O O   . ASP A 65 ? 1.8914 1.1171 1.0111 -0.1477 -0.3048 -0.0117 317 ASP A O   
534 C CB  . ASP A 65 ? 1.9571 1.2138 1.1834 -0.0984 -0.4503 0.0173  317 ASP A CB  
535 C CG  . ASP A 65 ? 1.9797 1.2310 1.2876 -0.0601 -0.4877 0.0573  317 ASP A CG  
536 O OD1 . ASP A 65 ? 1.8376 1.1370 1.2741 -0.0411 -0.4653 0.0591  317 ASP A OD1 
537 O OD2 . ASP A 65 ? 2.0907 1.2908 1.3335 -0.0484 -0.5393 0.0863  317 ASP A OD2 
# 
